data_5B3J
#
_entry.id   5B3J
#
_cell.length_a   247.249
_cell.length_b   79.903
_cell.length_c   181.314
_cell.angle_alpha   90.00
_cell.angle_beta   127.09
_cell.angle_gamma   90.00
#
_symmetry.space_group_name_H-M   'C 1 2 1'
#
loop_
_entity.id
_entity.type
_entity.pdbx_description
1 polymer 'NMDA glutamate receptor subunit'
2 polymer 'Glutamate receptor ionotropic, NMDA 2B'
3 polymer 'Fab, heavy chain'
4 polymer 'Fab, light chain'
5 non-polymer 'SODIUM ION'
6 water water
#
loop_
_entity_poly.entity_id
_entity_poly.type
_entity_poly.pdbx_seq_one_letter_code
_entity_poly.pdbx_strand_id
1 'polypeptide(L)'
;DPKIVNIGAVLSTKKHEQIFREAVNQANKRHFTRKIQLQATSVTHRPNAIQMALSVCEDLISSQVYAILVSHPPAPTDHL
TPTPISYTAGFYRIPVIGLTTRMSIYSDKSIHLSFLRTVPPYSHQALVWFEMMRLFNWNHVILIVSDDHEGRAAQKKLET
LLEGKESKSKKRNYENLDQLSYDNKRGPKADKVLQFEPGTKNLTALLLEAKELEARVIILSASEDDATAVYKSAAMLDMT
GAGYVWLVGEREISGSALRYAPDGIIGLQLINGKNESAHISDAVAVVAQAIHELFEMENITDPPRGCVGNTNIWKTGPLF
KRVLMSSKYPDGVTGRIEFNEDGDRKFAQYSIMNLQNRKLVQVGIFNGSYIIQNDRKIIWPGG
;
A,B
2 'polypeptide(L)'
;SPPSIGIAVILVGTSDEVAIKDAHEKDDFHHLSVVPRVELVAMNETDPKSIITRICDLMSDRKIQGVVFADDTDQEAIAQ
ILDFISAQTLTPILGIHGGSSMIMADKDESSMFFQFGPSIEQQASVMLNIMEEYDWYIFSIVTTYFPGYQDFVNKIRSTI
ENSFVGWELEEVLLLDMSLDDGDSKIQNQLKKLQSPIILLYCTKEEATYIFEVANSVGLTGYGYTWIVPSLVAGDTDTVP
SEFPTGLISVSYDEWDYGLPARVRDGIAIITTAASDMLSEHSFIPEPKSSCYNTHEKRIYQSNMLNRYLINVTFEGRDLS
FSEDGYQMHPKLVIILLNKERKWERVGKWKDKSLQMKYYVWPRM
;
C,D
3 'polypeptide(L)'
;EVKLVESGGGLVQPGGSLKLSCAASGITFSSYSMSWVRQTPEKRLEWVAYISNGGSGTYYPDTVKGRFTISRDNAKNSLY
LQMSSLRSEDTAMYYCARPSRGGSSYWYFDVWGAGTTVTVSSAKTTPPSVYPLAPGSAASTNSMVTLGCLVKGYFPEPVT
VTWNSGSLSSGVHTFPAVLQSDLYTLSSSVTVPSSTWPSETVTCNVAHPASSTKVDKKIVPRDC
;
E,H
4 'polypeptide(L)'
;DIQMTQSPSSLSASLGGKVTITCKASQDINKYIAWYQHKPGKGPRLLIQYTSTLQPDIPSRFTGSGSGRDYSFSISNLEP
EDIAIYYCLQYDNLYTFGGGTQLEIKRADAAPTVSIFPPSSEQLTSGGASVVCFLNNFYPKDINVKWKIDGSERQNGVLN
SWTDQDSKDSTYSMSSTLTLTKDEYERHNSYTCEATHKTSTSPIVKSFNRNEC
;
F,L
#
# COMPACT_ATOMS: atom_id res chain seq x y z
N LYS A 3 -55.75 27.38 26.07
CA LYS A 3 -54.43 27.10 25.52
C LYS A 3 -53.50 26.53 26.60
N ILE A 4 -52.68 25.56 26.21
CA ILE A 4 -51.66 25.03 27.09
C ILE A 4 -50.43 25.93 27.00
N VAL A 5 -49.99 26.43 28.15
CA VAL A 5 -48.82 27.30 28.24
C VAL A 5 -47.74 26.52 28.97
N ASN A 6 -46.73 26.07 28.24
CA ASN A 6 -45.62 25.35 28.86
C ASN A 6 -44.44 26.25 29.15
N ILE A 7 -43.81 25.96 30.28
CA ILE A 7 -42.82 26.69 31.05
C ILE A 7 -41.65 25.75 31.23
N GLY A 8 -40.49 26.09 30.70
CA GLY A 8 -39.39 25.15 30.67
C GLY A 8 -38.40 25.35 31.82
N ALA A 9 -37.57 24.33 32.02
CA ALA A 9 -36.64 24.32 33.13
C ALA A 9 -35.41 23.49 32.81
N VAL A 10 -34.25 23.98 33.24
CA VAL A 10 -32.98 23.25 33.20
C VAL A 10 -32.48 23.20 34.63
N LEU A 11 -32.71 22.08 35.30
CA LEU A 11 -32.49 21.96 36.74
C LEU A 11 -31.34 20.99 37.02
N SER A 12 -31.07 20.78 38.32
CA SER A 12 -29.90 19.99 38.72
C SER A 12 -30.07 18.51 38.45
N THR A 13 -31.01 17.85 39.14
CA THR A 13 -31.26 16.43 38.91
C THR A 13 -32.77 16.21 38.84
N LYS A 14 -33.16 14.93 38.74
CA LYS A 14 -34.57 14.58 38.67
C LYS A 14 -35.33 14.93 39.93
N LYS A 15 -34.65 14.94 41.09
CA LYS A 15 -35.32 15.35 42.31
C LYS A 15 -35.87 16.78 42.22
N HIS A 16 -35.16 17.66 41.50
CA HIS A 16 -35.55 19.06 41.42
C HIS A 16 -36.59 19.31 40.33
N GLU A 17 -36.40 18.68 39.17
CA GLU A 17 -37.43 18.70 38.13
C GLU A 17 -38.75 18.16 38.62
N GLN A 18 -38.72 17.21 39.54
CA GLN A 18 -39.94 16.79 40.21
C GLN A 18 -40.64 17.95 40.90
N ILE A 19 -39.89 18.70 41.73
CA ILE A 19 -40.47 19.83 42.45
C ILE A 19 -41.07 20.83 41.47
N PHE A 20 -40.42 21.02 40.33
CA PHE A 20 -40.84 22.01 39.36
C PHE A 20 -42.18 21.65 38.74
N ARG A 21 -42.36 20.38 38.36
CA ARG A 21 -43.64 19.96 37.83
C ARG A 21 -44.70 19.93 38.91
N GLU A 22 -44.30 19.68 40.16
CA GLU A 22 -45.23 19.78 41.27
C GLU A 22 -45.57 21.23 41.56
N ALA A 23 -44.61 22.14 41.38
CA ALA A 23 -44.87 23.56 41.56
C ALA A 23 -45.82 24.09 40.50
N VAL A 24 -45.61 23.69 39.24
CA VAL A 24 -46.58 24.00 38.19
C VAL A 24 -47.95 23.41 38.52
N ASN A 25 -47.97 22.18 39.04
CA ASN A 25 -49.23 21.56 39.42
C ASN A 25 -49.97 22.39 40.45
N GLN A 26 -49.30 22.76 41.54
CA GLN A 26 -49.88 23.61 42.56
C GLN A 26 -49.93 25.08 42.16
N ALA A 27 -49.74 25.38 40.87
CA ALA A 27 -49.86 26.74 40.37
C ALA A 27 -51.04 26.93 39.43
N ASN A 28 -51.64 25.84 38.94
CA ASN A 28 -52.80 25.94 38.06
C ASN A 28 -54.06 26.33 38.81
N LYS A 29 -53.99 26.47 40.14
CA LYS A 29 -55.13 26.92 40.93
C LYS A 29 -55.11 28.43 41.05
N LYS A 35 -58.69 30.13 31.99
CA LYS A 35 -58.68 29.87 30.55
C LYS A 35 -57.43 29.09 30.14
N ILE A 36 -56.38 29.21 30.94
CA ILE A 36 -55.07 28.68 30.57
C ILE A 36 -54.70 27.54 31.49
N GLN A 37 -53.98 26.55 30.94
CA GLN A 37 -53.41 25.45 31.69
C GLN A 37 -51.90 25.51 31.51
N LEU A 38 -51.17 25.38 32.63
CA LEU A 38 -49.71 25.43 32.60
C LEU A 38 -49.16 24.01 32.68
N GLN A 39 -48.24 23.68 31.78
CA GLN A 39 -47.59 22.38 31.82
C GLN A 39 -46.08 22.57 31.84
N ALA A 40 -45.43 21.60 32.45
CA ALA A 40 -44.01 21.65 32.78
C ALA A 40 -43.20 20.82 31.78
N THR A 41 -42.07 21.36 31.34
CA THR A 41 -41.13 20.61 30.51
C THR A 41 -39.72 20.90 31.00
N SER A 42 -39.04 19.87 31.49
CA SER A 42 -37.79 20.08 32.20
C SER A 42 -36.73 19.10 31.74
N VAL A 43 -35.48 19.55 31.85
CA VAL A 43 -34.31 18.74 31.56
C VAL A 43 -33.25 19.06 32.60
N THR A 44 -32.30 18.15 32.70
CA THR A 44 -31.06 18.35 33.44
C THR A 44 -30.05 19.08 32.56
N HIS A 45 -28.97 19.59 33.18
CA HIS A 45 -27.87 20.18 32.43
C HIS A 45 -27.14 19.10 31.63
N ARG A 46 -26.54 19.51 30.50
CA ARG A 46 -25.64 18.67 29.72
C ARG A 46 -24.22 19.13 29.97
N PRO A 47 -23.33 18.29 30.50
CA PRO A 47 -21.98 18.77 30.84
C PRO A 47 -21.22 19.42 29.70
N ASN A 48 -21.51 19.09 28.44
CA ASN A 48 -20.89 19.79 27.33
C ASN A 48 -21.87 20.87 26.86
N ALA A 49 -21.41 22.12 26.89
CA ALA A 49 -22.36 23.24 26.84
C ALA A 49 -22.90 23.45 25.42
N ILE A 50 -22.17 23.05 24.38
CA ILE A 50 -22.69 23.12 23.01
C ILE A 50 -23.94 22.27 22.89
N GLN A 51 -23.89 21.02 23.39
CA GLN A 51 -25.06 20.16 23.39
C GLN A 51 -26.17 20.69 24.28
N MET A 52 -25.81 21.44 25.32
CA MET A 52 -26.82 22.10 26.12
C MET A 52 -27.54 23.17 25.31
N ALA A 53 -26.80 23.93 24.50
CA ALA A 53 -27.43 24.89 23.60
C ALA A 53 -28.35 24.20 22.60
N LEU A 54 -28.00 23.01 22.14
CA LEU A 54 -28.90 22.29 21.24
C LEU A 54 -30.05 21.64 22.00
N SER A 55 -29.83 21.29 23.26
CA SER A 55 -30.92 20.70 24.04
C SER A 55 -32.00 21.72 24.35
N VAL A 56 -31.64 22.99 24.51
CA VAL A 56 -32.65 24.03 24.70
C VAL A 56 -33.50 24.16 23.44
N CYS A 57 -32.88 23.99 22.27
CA CYS A 57 -33.62 24.03 21.02
C CYS A 57 -34.55 22.84 20.86
N GLU A 58 -34.07 21.63 21.18
CA GLU A 58 -34.77 20.42 20.78
C GLU A 58 -35.75 19.90 21.83
N ASP A 59 -35.55 20.27 23.09
CA ASP A 59 -36.41 19.81 24.18
C ASP A 59 -37.23 20.90 24.84
N LEU A 60 -36.83 22.17 24.73
CA LEU A 60 -37.54 23.26 25.38
C LEU A 60 -38.27 24.13 24.35
N ILE A 61 -37.54 24.84 23.49
CA ILE A 61 -38.19 25.70 22.50
C ILE A 61 -39.01 24.88 21.52
N SER A 62 -38.63 23.62 21.31
CA SER A 62 -39.43 22.73 20.47
C SER A 62 -40.83 22.50 21.04
N SER A 63 -41.04 22.84 22.32
CA SER A 63 -42.33 22.69 22.98
C SER A 63 -43.08 24.01 23.10
N GLN A 64 -42.63 25.06 22.41
CA GLN A 64 -43.18 26.40 22.55
C GLN A 64 -43.15 26.83 24.01
N VAL A 65 -42.00 27.22 24.49
CA VAL A 65 -41.83 27.57 25.89
C VAL A 65 -42.15 29.05 26.03
N TYR A 66 -42.71 29.44 27.17
CA TYR A 66 -42.96 30.85 27.43
C TYR A 66 -41.93 31.47 28.35
N ALA A 67 -41.14 30.64 29.04
CA ALA A 67 -40.05 31.08 29.90
C ALA A 67 -39.27 29.85 30.35
N ILE A 68 -37.96 29.98 30.43
CA ILE A 68 -37.08 28.91 30.87
C ILE A 68 -36.44 29.31 32.19
N LEU A 69 -36.51 28.43 33.17
CA LEU A 69 -35.78 28.61 34.41
C LEU A 69 -34.56 27.70 34.42
N VAL A 70 -33.50 28.17 35.07
CA VAL A 70 -32.19 27.54 34.96
C VAL A 70 -31.52 27.58 36.32
N SER A 71 -31.19 26.40 36.86
CA SER A 71 -30.46 26.28 38.12
C SER A 71 -29.02 25.90 37.85
N HIS A 72 -28.11 26.65 38.44
CA HIS A 72 -26.71 26.23 38.47
C HIS A 72 -26.49 25.31 39.67
N PRO A 73 -25.96 24.12 39.46
CA PRO A 73 -25.82 23.15 40.54
C PRO A 73 -24.62 23.46 41.41
N PRO A 74 -24.56 22.90 42.62
CA PRO A 74 -23.37 23.07 43.47
C PRO A 74 -22.22 22.16 43.03
N ASP A 78 -18.74 23.18 39.78
CA ASP A 78 -18.73 24.31 38.85
C ASP A 78 -18.70 23.84 37.40
N HIS A 79 -18.42 24.76 36.49
CA HIS A 79 -18.24 24.56 35.05
C HIS A 79 -19.55 24.61 34.25
N LEU A 80 -20.71 24.59 34.90
CA LEU A 80 -22.00 24.70 34.22
C LEU A 80 -22.57 26.11 34.41
N THR A 81 -22.60 26.90 33.34
CA THR A 81 -23.15 28.25 33.36
C THR A 81 -24.48 28.31 32.63
N PRO A 82 -25.32 29.32 32.91
CA PRO A 82 -26.57 29.46 32.14
C PRO A 82 -26.40 30.10 30.78
N THR A 83 -25.19 30.56 30.43
CA THR A 83 -24.92 31.16 29.11
C THR A 83 -25.46 30.37 27.92
N PRO A 84 -25.26 29.04 27.81
CA PRO A 84 -25.85 28.33 26.66
C PRO A 84 -27.36 28.46 26.58
N ILE A 85 -28.05 28.57 27.72
CA ILE A 85 -29.50 28.75 27.69
C ILE A 85 -29.85 30.22 27.47
N SER A 86 -29.06 31.13 28.05
CA SER A 86 -29.33 32.56 27.87
C SER A 86 -29.16 32.97 26.42
N TYR A 87 -28.08 32.53 25.78
CA TYR A 87 -27.81 32.92 24.39
C TYR A 87 -28.86 32.33 23.45
N THR A 88 -29.14 31.03 23.55
CA THR A 88 -30.09 30.39 22.66
C THR A 88 -31.49 30.97 22.81
N ALA A 89 -32.04 30.93 24.02
CA ALA A 89 -33.32 31.59 24.28
C ALA A 89 -33.24 33.09 24.03
N GLY A 90 -32.07 33.68 24.18
CA GLY A 90 -31.86 35.08 23.93
C GLY A 90 -31.86 35.47 22.47
N PHE A 91 -31.91 34.50 21.55
CA PHE A 91 -32.05 34.84 20.14
C PHE A 91 -33.45 35.40 19.88
N TYR A 92 -34.49 34.61 20.15
CA TYR A 92 -35.80 35.15 20.43
C TYR A 92 -35.64 35.90 21.74
N ARG A 93 -36.69 36.40 22.36
CA ARG A 93 -36.48 36.84 23.74
C ARG A 93 -37.46 36.19 24.67
N ILE A 94 -37.40 34.87 24.69
CA ILE A 94 -38.06 34.00 25.65
C ILE A 94 -37.40 34.28 27.00
N PRO A 95 -38.15 34.73 28.00
CA PRO A 95 -37.52 35.14 29.26
C PRO A 95 -36.88 33.96 29.97
N VAL A 96 -35.62 34.14 30.37
CA VAL A 96 -34.87 33.13 31.10
C VAL A 96 -34.71 33.61 32.53
N ILE A 97 -35.13 32.78 33.49
CA ILE A 97 -35.12 33.12 34.90
C ILE A 97 -34.09 32.27 35.62
N GLY A 98 -32.87 32.79 35.75
CA GLY A 98 -31.87 32.11 36.58
C GLY A 98 -32.30 32.05 38.03
N LEU A 99 -31.73 31.09 38.76
CA LEU A 99 -32.14 30.84 40.13
C LEU A 99 -31.00 30.78 41.12
N THR A 100 -29.76 30.65 40.65
CA THR A 100 -28.65 30.28 41.52
C THR A 100 -27.40 31.11 41.22
N THR A 101 -27.04 31.26 39.95
CA THR A 101 -25.77 31.90 39.60
C THR A 101 -25.85 33.41 39.85
N ARG A 102 -24.78 33.95 40.43
CA ARG A 102 -24.75 35.32 40.93
C ARG A 102 -23.66 36.16 40.28
N MET A 103 -23.00 35.66 39.25
CA MET A 103 -21.91 36.40 38.65
C MET A 103 -22.49 37.52 37.78
N SER A 104 -21.94 38.73 37.92
CA SER A 104 -22.58 39.94 37.42
C SER A 104 -22.55 40.04 35.91
N ILE A 105 -21.85 39.15 35.21
CA ILE A 105 -21.88 39.14 33.75
C ILE A 105 -23.30 39.07 33.24
N TYR A 106 -24.21 38.51 34.06
CA TYR A 106 -25.60 38.29 33.70
C TYR A 106 -26.48 39.50 33.96
N SER A 107 -25.93 40.57 34.55
CA SER A 107 -26.65 41.82 34.69
C SER A 107 -26.53 42.73 33.48
N ASP A 108 -25.52 42.49 32.63
CA ASP A 108 -25.32 43.31 31.43
C ASP A 108 -26.42 42.98 30.42
N LYS A 109 -27.35 43.90 30.23
CA LYS A 109 -28.47 43.67 29.31
C LYS A 109 -28.05 43.70 27.85
N SER A 110 -26.86 44.19 27.53
CA SER A 110 -26.40 44.23 26.15
C SER A 110 -25.81 42.90 25.68
N ILE A 111 -25.84 41.86 26.51
CA ILE A 111 -25.32 40.56 26.15
C ILE A 111 -26.34 39.48 26.50
N HIS A 112 -26.92 39.58 27.69
CA HIS A 112 -27.96 38.66 28.14
C HIS A 112 -29.29 39.40 28.04
N LEU A 113 -30.03 39.10 26.98
CA LEU A 113 -31.08 39.96 26.46
C LEU A 113 -32.45 39.72 27.08
N SER A 114 -32.66 38.62 27.79
CA SER A 114 -33.95 38.34 28.39
C SER A 114 -33.74 37.59 29.71
N PHE A 115 -32.85 38.11 30.55
CA PHE A 115 -32.43 37.41 31.76
C PHE A 115 -32.97 38.11 33.00
N LEU A 116 -33.66 37.33 33.84
CA LEU A 116 -33.98 37.71 35.20
C LEU A 116 -33.45 36.63 36.13
N ARG A 117 -33.19 36.98 37.38
CA ARG A 117 -32.72 35.99 38.33
C ARG A 117 -33.24 36.34 39.71
N THR A 118 -33.78 35.34 40.40
CA THR A 118 -34.29 35.50 41.76
C THR A 118 -33.17 35.54 42.79
N VAL A 119 -31.92 35.79 42.38
CA VAL A 119 -30.81 35.93 43.32
C VAL A 119 -30.05 37.22 43.01
N PRO A 120 -29.50 37.90 44.02
CA PRO A 120 -28.68 39.07 43.73
C PRO A 120 -27.35 38.65 43.17
N PRO A 121 -26.73 39.48 42.32
CA PRO A 121 -25.36 39.19 41.88
C PRO A 121 -24.37 39.48 42.99
N TYR A 122 -23.18 38.87 42.86
CA TYR A 122 -22.13 39.05 43.87
C TYR A 122 -21.75 40.52 44.02
N SER A 123 -21.80 41.28 42.93
CA SER A 123 -21.42 42.68 43.03
C SER A 123 -22.28 43.40 44.05
N HIS A 124 -23.57 43.07 44.12
CA HIS A 124 -24.50 43.71 45.06
C HIS A 124 -24.11 43.55 46.53
N GLN A 125 -23.17 42.66 46.85
CA GLN A 125 -22.72 42.55 48.24
C GLN A 125 -21.96 43.76 48.72
N ALA A 126 -21.43 44.57 47.80
CA ALA A 126 -20.88 45.86 48.20
C ALA A 126 -21.90 46.67 48.99
N LEU A 127 -23.18 46.51 48.68
CA LEU A 127 -24.23 47.25 49.37
C LEU A 127 -24.20 46.99 50.88
N VAL A 128 -23.71 45.83 51.30
CA VAL A 128 -23.60 45.57 52.74
C VAL A 128 -22.38 46.27 53.33
N TRP A 129 -21.23 46.17 52.67
CA TRP A 129 -20.00 46.73 53.24
C TRP A 129 -20.13 48.23 53.46
N PHE A 130 -20.75 48.91 52.48
CA PHE A 130 -21.16 50.30 52.66
C PHE A 130 -21.73 50.52 54.05
N GLU A 131 -22.77 49.75 54.39
CA GLU A 131 -23.42 49.90 55.69
C GLU A 131 -22.47 49.58 56.84
N MET A 132 -21.66 48.52 56.70
CA MET A 132 -20.65 48.24 57.71
C MET A 132 -19.81 49.48 57.99
N MET A 133 -19.36 50.14 56.92
CA MET A 133 -18.62 51.38 57.07
C MET A 133 -19.48 52.43 57.78
N ARG A 134 -20.71 52.64 57.33
CA ARG A 134 -21.58 53.60 57.98
C ARG A 134 -21.96 53.15 59.40
N LEU A 135 -21.78 51.86 59.71
CA LEU A 135 -22.02 51.35 61.05
C LEU A 135 -20.78 51.39 61.94
N PHE A 136 -19.58 51.52 61.36
CA PHE A 136 -18.35 51.55 62.14
C PHE A 136 -17.52 52.79 61.86
N ASN A 137 -18.05 53.75 61.11
CA ASN A 137 -17.33 54.98 60.76
C ASN A 137 -16.01 54.67 60.06
N TRP A 138 -16.03 53.67 59.18
CA TRP A 138 -14.88 53.36 58.35
C TRP A 138 -14.93 54.26 57.12
N ASN A 139 -14.21 55.37 57.17
CA ASN A 139 -14.19 56.34 56.08
C ASN A 139 -12.94 56.23 55.22
N HIS A 140 -12.17 55.15 55.36
CA HIS A 140 -10.96 54.96 54.58
C HIS A 140 -10.70 53.47 54.43
N VAL A 141 -10.85 52.95 53.21
CA VAL A 141 -10.73 51.53 52.93
C VAL A 141 -9.68 51.34 51.84
N ILE A 142 -9.08 50.14 51.82
CA ILE A 142 -8.27 49.68 50.69
C ILE A 142 -9.02 48.52 50.06
N LEU A 143 -9.33 48.64 48.76
CA LEU A 143 -10.17 47.69 48.05
C LEU A 143 -9.30 46.83 47.15
N ILE A 144 -9.12 45.56 47.52
CA ILE A 144 -8.31 44.61 46.76
C ILE A 144 -9.24 43.74 45.94
N VAL A 145 -9.11 43.78 44.61
CA VAL A 145 -9.99 43.02 43.73
C VAL A 145 -9.21 42.42 42.57
N SER A 146 -9.73 41.32 42.04
CA SER A 146 -9.15 40.65 40.88
C SER A 146 -9.55 41.38 39.60
N ASP A 147 -8.58 41.56 38.69
CA ASP A 147 -8.87 42.20 37.42
C ASP A 147 -9.78 41.27 36.62
N ASP A 148 -11.04 41.21 37.02
CA ASP A 148 -12.04 40.31 36.49
C ASP A 148 -13.35 41.09 36.44
N HIS A 149 -14.27 40.62 35.58
CA HIS A 149 -15.54 41.32 35.46
C HIS A 149 -16.28 41.38 36.79
N GLU A 150 -16.22 40.28 37.55
CA GLU A 150 -16.92 40.21 38.83
C GLU A 150 -16.30 41.14 39.86
N GLY A 151 -14.97 41.09 39.99
CA GLY A 151 -14.31 41.94 40.98
C GLY A 151 -14.56 43.41 40.71
N ARG A 152 -14.37 43.83 39.45
CA ARG A 152 -14.62 45.21 39.07
C ARG A 152 -16.09 45.57 39.13
N ALA A 153 -16.95 44.56 39.06
CA ALA A 153 -18.36 44.81 39.33
C ALA A 153 -18.56 45.23 40.77
N ALA A 154 -17.88 44.54 41.70
CA ALA A 154 -17.89 44.97 43.09
C ALA A 154 -17.29 46.37 43.23
N GLN A 155 -16.15 46.62 42.58
CA GLN A 155 -15.53 47.94 42.65
C GLN A 155 -16.48 49.00 42.14
N LYS A 156 -17.14 48.75 41.00
CA LYS A 156 -17.97 49.78 40.39
C LYS A 156 -19.13 50.16 41.29
N LYS A 157 -19.80 49.17 41.91
CA LYS A 157 -20.97 49.52 42.70
C LYS A 157 -20.56 50.09 44.06
N LEU A 158 -19.48 49.55 44.64
CA LEU A 158 -18.97 50.14 45.88
C LEU A 158 -18.55 51.57 45.64
N GLU A 159 -17.94 51.84 44.49
CA GLU A 159 -17.56 53.19 44.14
C GLU A 159 -18.76 54.12 44.02
N THR A 160 -19.79 53.72 43.25
CA THR A 160 -20.93 54.60 43.05
C THR A 160 -21.68 54.86 44.35
N LEU A 161 -21.84 53.86 45.20
CA LEU A 161 -22.54 54.18 46.45
C LEU A 161 -21.64 54.93 47.42
N LEU A 162 -20.33 54.90 47.22
CA LEU A 162 -19.45 55.78 47.99
C LEU A 162 -19.55 57.22 47.50
N GLU A 163 -19.74 57.41 46.19
CA GLU A 163 -19.83 58.72 45.56
C GLU A 163 -21.11 59.43 45.98
N GLY A 164 -21.02 60.29 46.98
CA GLY A 164 -22.16 61.06 47.44
C GLY A 164 -21.82 62.53 47.60
N PRO A 188 -14.02 58.85 44.70
CA PRO A 188 -13.76 57.69 45.54
C PRO A 188 -12.45 57.80 46.30
N LYS A 189 -12.34 58.84 47.15
CA LYS A 189 -11.13 59.03 47.95
C LYS A 189 -10.96 57.92 48.98
N ALA A 190 -12.04 57.54 49.66
CA ALA A 190 -11.96 56.46 50.64
C ALA A 190 -11.56 55.16 49.96
N ASP A 191 -11.97 54.98 48.72
CA ASP A 191 -11.73 53.77 47.94
C ASP A 191 -10.34 53.82 47.31
N LYS A 192 -9.40 53.03 47.84
CA LYS A 192 -8.05 52.91 47.29
C LYS A 192 -7.92 51.50 46.71
N VAL A 193 -8.01 51.39 45.37
CA VAL A 193 -8.11 50.07 44.75
C VAL A 193 -6.74 49.57 44.29
N LEU A 194 -6.55 48.27 44.44
CA LEU A 194 -5.32 47.59 44.03
C LEU A 194 -5.76 46.35 43.29
N GLN A 195 -5.29 46.18 42.06
CA GLN A 195 -5.73 45.10 41.19
C GLN A 195 -4.65 44.02 41.08
N PHE A 196 -5.11 42.78 40.96
CA PHE A 196 -4.22 41.65 40.67
C PHE A 196 -4.87 40.77 39.61
N GLU A 197 -4.03 40.18 38.77
CA GLU A 197 -4.49 39.34 37.68
C GLU A 197 -4.91 37.97 38.22
N PRO A 198 -6.11 37.49 37.90
CA PRO A 198 -6.55 36.18 38.41
C PRO A 198 -5.56 35.09 38.04
N GLY A 199 -5.35 34.16 38.97
CA GLY A 199 -4.37 33.11 38.78
C GLY A 199 -3.01 33.49 39.31
N THR A 200 -2.88 34.67 39.91
CA THR A 200 -1.63 35.08 40.53
C THR A 200 -1.46 34.37 41.86
N LYS A 201 -0.45 33.52 41.95
CA LYS A 201 -0.19 32.82 43.20
C LYS A 201 0.52 33.71 44.22
N ASN A 202 1.64 34.32 43.83
CA ASN A 202 2.41 35.18 44.72
C ASN A 202 1.91 36.60 44.62
N LEU A 203 1.38 37.12 45.73
CA LEU A 203 0.81 38.46 45.83
C LEU A 203 1.52 39.29 46.89
N THR A 204 2.81 39.04 47.10
CA THR A 204 3.56 39.80 48.09
C THR A 204 3.66 41.27 47.69
N ALA A 205 3.80 41.55 46.39
CA ALA A 205 3.97 42.91 45.93
C ALA A 205 2.77 43.78 46.30
N LEU A 206 1.57 43.34 45.91
CA LEU A 206 0.34 44.08 46.21
C LEU A 206 0.20 44.38 47.69
N LEU A 207 0.21 43.33 48.51
CA LEU A 207 -0.01 43.51 49.94
C LEU A 207 1.10 44.35 50.57
N LEU A 208 2.32 44.24 50.05
CA LEU A 208 3.39 45.13 50.50
C LEU A 208 2.99 46.57 50.26
N GLU A 209 2.26 46.82 49.18
CA GLU A 209 1.84 48.18 48.90
C GLU A 209 0.69 48.62 49.80
N ALA A 210 -0.19 47.68 50.15
CA ALA A 210 -1.17 47.96 51.19
C ALA A 210 -0.49 48.38 52.49
N LYS A 211 0.64 47.73 52.83
CA LYS A 211 1.39 48.14 53.99
C LYS A 211 1.95 49.56 53.82
N GLU A 212 2.46 49.87 52.63
CA GLU A 212 2.98 51.21 52.37
C GLU A 212 1.88 52.26 52.37
N LEU A 213 0.63 51.86 52.14
CA LEU A 213 -0.49 52.80 52.13
C LEU A 213 -1.16 52.93 53.49
N GLU A 214 -0.54 52.42 54.55
CA GLU A 214 -1.09 52.44 55.90
C GLU A 214 -2.48 51.81 55.92
N ALA A 215 -2.51 50.51 55.62
CA ALA A 215 -3.77 49.79 55.51
C ALA A 215 -4.32 49.44 56.88
N ARG A 216 -5.64 49.65 57.03
CA ARG A 216 -6.35 49.23 58.24
C ARG A 216 -7.53 48.33 57.86
N VAL A 217 -8.57 48.88 57.24
CA VAL A 217 -9.71 48.09 56.79
C VAL A 217 -9.51 47.70 55.34
N ILE A 218 -9.64 46.41 55.05
CA ILE A 218 -9.35 45.83 53.75
C ILE A 218 -10.58 45.08 53.28
N ILE A 219 -11.09 45.44 52.10
CA ILE A 219 -12.19 44.71 51.46
C ILE A 219 -11.62 43.95 50.27
N LEU A 220 -12.01 42.68 50.14
CA LEU A 220 -11.48 41.85 49.07
C LEU A 220 -12.60 41.19 48.30
N SER A 221 -12.46 41.16 46.98
CA SER A 221 -13.40 40.54 46.05
C SER A 221 -12.56 39.71 45.08
N ALA A 222 -12.57 38.39 45.28
CA ALA A 222 -11.82 37.46 44.46
C ALA A 222 -12.62 36.16 44.31
N SER A 223 -12.10 35.25 43.49
CA SER A 223 -12.66 33.92 43.45
C SER A 223 -12.22 33.12 44.67
N GLU A 224 -12.66 31.87 44.75
CA GLU A 224 -12.27 31.02 45.86
C GLU A 224 -10.77 30.82 45.89
N ASP A 225 -10.19 30.32 44.79
CA ASP A 225 -8.76 30.05 44.74
C ASP A 225 -7.92 31.31 44.58
N ASP A 226 -8.53 32.42 44.17
CA ASP A 226 -7.82 33.70 44.22
C ASP A 226 -7.74 34.21 45.66
N ALA A 227 -8.88 34.27 46.35
CA ALA A 227 -8.88 34.69 47.74
C ALA A 227 -7.91 33.87 48.58
N THR A 228 -7.80 32.57 48.27
CA THR A 228 -6.80 31.74 48.95
C THR A 228 -5.40 32.31 48.79
N ALA A 229 -5.06 32.75 47.57
CA ALA A 229 -3.74 33.30 47.31
C ALA A 229 -3.46 34.52 48.18
N VAL A 230 -4.41 35.47 48.21
CA VAL A 230 -4.28 36.62 49.09
C VAL A 230 -4.14 36.17 50.54
N TYR A 231 -4.96 35.22 50.97
CA TYR A 231 -4.98 34.80 52.37
C TYR A 231 -3.60 34.33 52.83
N LYS A 232 -2.95 33.50 52.02
CA LYS A 232 -1.62 33.00 52.38
C LYS A 232 -0.57 34.11 52.33
N SER A 233 -0.66 34.99 51.33
CA SER A 233 0.29 36.09 51.22
C SER A 233 0.15 37.06 52.39
N ALA A 234 -1.06 37.20 52.95
CA ALA A 234 -1.27 38.13 54.05
C ALA A 234 -0.82 37.56 55.39
N ALA A 235 -0.88 36.24 55.56
CA ALA A 235 -0.46 35.58 56.78
C ALA A 235 1.05 35.32 56.79
N MET A 236 1.80 36.02 55.94
CA MET A 236 3.24 35.83 55.82
C MET A 236 3.98 37.16 55.82
N LEU A 237 3.27 38.27 55.83
CA LEU A 237 3.85 39.56 56.19
C LEU A 237 3.17 40.16 57.41
N ASP A 238 2.42 39.35 58.17
CA ASP A 238 1.69 39.80 59.36
C ASP A 238 0.71 40.92 59.01
N MET A 239 -0.28 40.57 58.20
CA MET A 239 -1.32 41.50 57.78
C MET A 239 -2.71 41.05 58.20
N THR A 240 -2.79 40.04 59.07
CA THR A 240 -4.07 39.53 59.54
C THR A 240 -4.27 39.74 61.04
N GLY A 241 -3.32 40.39 61.73
CA GLY A 241 -3.37 40.51 63.17
C GLY A 241 -4.25 41.66 63.60
N ALA A 242 -4.04 42.09 64.85
CA ALA A 242 -4.78 43.22 65.37
C ALA A 242 -4.51 44.47 64.54
N GLY A 243 -5.49 45.37 64.52
CA GLY A 243 -5.39 46.57 63.72
C GLY A 243 -5.89 46.42 62.30
N TYR A 244 -6.00 45.20 61.79
CA TYR A 244 -6.51 44.95 60.45
C TYR A 244 -7.96 44.47 60.52
N VAL A 245 -8.75 44.92 59.56
CA VAL A 245 -10.14 44.49 59.42
C VAL A 245 -10.29 43.92 58.01
N TRP A 246 -10.66 42.65 57.93
CA TRP A 246 -10.86 41.97 56.66
C TRP A 246 -12.35 41.82 56.41
N LEU A 247 -12.85 42.59 55.45
CA LEU A 247 -14.26 42.59 55.07
C LEU A 247 -14.39 41.95 53.71
N VAL A 248 -15.33 41.03 53.58
CA VAL A 248 -15.30 40.03 52.52
C VAL A 248 -16.70 39.54 52.20
N GLY A 249 -16.91 39.16 50.95
CA GLY A 249 -18.18 38.59 50.50
C GLY A 249 -18.29 37.09 50.70
N GLU A 250 -19.12 36.45 49.86
CA GLU A 250 -19.48 35.04 50.03
C GLU A 250 -18.45 34.08 49.46
N ARG A 251 -17.92 34.35 48.25
CA ARG A 251 -17.02 33.40 47.59
C ARG A 251 -15.70 33.26 48.35
N GLU A 252 -15.29 34.31 49.04
CA GLU A 252 -14.02 34.42 49.72
C GLU A 252 -14.06 33.75 51.07
N ILE A 253 -15.27 33.61 51.62
CA ILE A 253 -15.47 32.75 52.77
C ILE A 253 -16.13 31.42 52.37
N SER A 254 -15.81 30.92 51.19
CA SER A 254 -16.38 29.64 50.78
C SER A 254 -15.29 28.66 50.36
N GLY A 255 -15.61 27.37 50.49
CA GLY A 255 -14.77 26.32 49.93
C GLY A 255 -13.34 26.32 50.44
N SER A 256 -12.41 26.34 49.48
CA SER A 256 -10.99 26.33 49.78
C SER A 256 -10.55 27.55 50.57
N ALA A 257 -11.15 28.72 50.31
CA ALA A 257 -10.69 29.96 50.92
C ALA A 257 -10.91 29.98 52.44
N LEU A 258 -11.95 29.30 52.96
CA LEU A 258 -12.22 29.32 54.40
C LEU A 258 -11.16 28.65 55.20
N ARG A 259 -10.54 27.62 54.64
CA ARG A 259 -9.55 26.90 55.40
C ARG A 259 -8.38 27.81 55.74
N TYR A 260 -7.96 28.62 54.79
CA TYR A 260 -6.84 29.52 55.01
C TYR A 260 -7.27 30.95 55.24
N ALA A 261 -8.56 31.22 55.23
CA ALA A 261 -9.03 32.56 55.57
C ALA A 261 -8.54 32.92 56.96
N PRO A 262 -8.17 34.17 57.21
CA PRO A 262 -7.57 34.53 58.49
C PRO A 262 -8.59 34.50 59.62
N ASP A 263 -8.07 34.32 60.83
CA ASP A 263 -8.88 34.33 62.04
C ASP A 263 -9.41 35.74 62.31
N GLY A 264 -10.73 35.91 62.33
CA GLY A 264 -11.37 37.19 62.57
C GLY A 264 -12.00 37.82 61.36
N ILE A 265 -11.90 37.17 60.19
CA ILE A 265 -12.43 37.75 58.97
C ILE A 265 -13.95 37.76 59.02
N ILE A 266 -14.54 38.76 58.38
CA ILE A 266 -15.98 38.92 58.27
C ILE A 266 -16.38 38.65 56.83
N GLY A 267 -17.28 37.68 56.63
CA GLY A 267 -17.75 37.31 55.33
C GLY A 267 -19.23 37.59 55.15
N LEU A 268 -19.82 37.07 54.07
CA LEU A 268 -21.24 37.22 53.84
C LEU A 268 -21.81 35.88 53.36
N GLN A 269 -23.13 35.76 53.41
CA GLN A 269 -23.79 34.50 53.06
C GLN A 269 -25.25 34.78 52.72
N LEU A 270 -25.63 34.48 51.47
CA LEU A 270 -26.97 34.78 51.00
C LEU A 270 -27.98 33.80 51.60
N ILE A 271 -28.97 34.33 52.31
CA ILE A 271 -29.99 33.49 52.92
C ILE A 271 -30.90 32.92 51.84
N ASN A 272 -31.24 31.63 51.98
CA ASN A 272 -31.95 30.87 50.97
C ASN A 272 -31.23 30.89 49.63
N GLY A 273 -29.92 31.14 49.64
CA GLY A 273 -29.20 31.36 48.40
C GLY A 273 -29.07 30.14 47.50
N LYS A 274 -28.46 29.09 48.04
CA LYS A 274 -28.17 27.85 47.31
C LYS A 274 -29.28 26.83 47.46
N ASN A 275 -30.42 27.22 48.04
CA ASN A 275 -31.58 26.36 48.19
C ASN A 275 -32.32 26.37 46.86
N GLU A 276 -32.10 25.33 46.05
CA GLU A 276 -32.65 25.35 44.69
C GLU A 276 -34.17 25.18 44.71
N SER A 277 -34.67 24.40 45.68
CA SER A 277 -36.10 24.13 45.78
C SER A 277 -36.90 25.42 45.94
N ALA A 278 -36.60 26.17 47.00
CA ALA A 278 -37.35 27.37 47.32
C ALA A 278 -37.36 28.34 46.15
N HIS A 279 -36.27 28.42 45.39
CA HIS A 279 -36.21 29.30 44.23
C HIS A 279 -37.06 28.77 43.08
N ILE A 280 -37.12 27.46 42.90
CA ILE A 280 -38.02 26.87 41.92
C ILE A 280 -39.46 27.23 42.27
N SER A 281 -39.81 27.02 43.53
CA SER A 281 -41.18 27.30 43.97
C SER A 281 -41.54 28.77 43.82
N ASP A 282 -40.65 29.66 44.27
CA ASP A 282 -40.90 31.09 44.18
C ASP A 282 -41.00 31.54 42.73
N ALA A 283 -40.03 31.17 41.91
CA ALA A 283 -40.02 31.64 40.53
C ALA A 283 -41.17 31.04 39.73
N VAL A 284 -41.65 29.86 40.11
CA VAL A 284 -42.86 29.32 39.50
C VAL A 284 -44.07 30.16 39.87
N ALA A 285 -44.16 30.58 41.14
CA ALA A 285 -45.21 31.51 41.53
C ALA A 285 -45.11 32.81 40.74
N VAL A 286 -43.89 33.30 40.52
CA VAL A 286 -43.70 34.57 39.81
C VAL A 286 -44.20 34.45 38.38
N VAL A 287 -43.71 33.46 37.65
CA VAL A 287 -44.09 33.30 36.25
C VAL A 287 -45.57 32.98 36.11
N ALA A 288 -46.18 32.38 37.15
CA ALA A 288 -47.61 32.12 37.13
C ALA A 288 -48.40 33.43 37.16
N GLN A 289 -48.18 34.23 38.21
CA GLN A 289 -48.80 35.55 38.31
C GLN A 289 -48.55 36.37 37.04
N ALA A 290 -47.34 36.29 36.51
CA ALA A 290 -46.99 37.08 35.34
C ALA A 290 -47.66 36.55 34.07
N ILE A 291 -47.89 35.24 33.99
CA ILE A 291 -48.66 34.69 32.88
C ILE A 291 -50.09 35.20 32.91
N HIS A 292 -50.70 35.22 34.11
CA HIS A 292 -52.03 35.78 34.26
C HIS A 292 -52.06 37.24 33.81
N GLU A 293 -51.13 38.05 34.32
CA GLU A 293 -51.10 39.48 33.97
C GLU A 293 -50.88 39.67 32.47
N LEU A 294 -50.11 38.79 31.84
CA LEU A 294 -49.82 38.96 30.42
C LEU A 294 -51.03 38.63 29.56
N PHE A 295 -51.78 37.59 29.92
CA PHE A 295 -52.99 37.27 29.18
C PHE A 295 -54.11 38.26 29.47
N GLU A 296 -54.01 39.02 30.57
CA GLU A 296 -54.92 40.14 30.77
C GLU A 296 -54.72 41.22 29.72
N MET A 297 -53.52 41.31 29.15
CA MET A 297 -53.26 42.23 28.06
C MET A 297 -53.83 41.66 26.76
N GLU A 298 -53.55 42.35 25.65
CA GLU A 298 -54.10 41.95 24.36
C GLU A 298 -52.96 41.77 23.35
N ASN A 299 -53.27 40.99 22.32
CA ASN A 299 -52.37 40.74 21.18
C ASN A 299 -51.09 40.03 21.62
N ILE A 300 -51.26 38.92 22.35
CA ILE A 300 -50.15 38.09 22.80
C ILE A 300 -50.00 36.94 21.82
N THR A 301 -48.87 36.90 21.11
CA THR A 301 -48.54 35.89 20.11
C THR A 301 -48.03 34.61 20.78
N ASP A 302 -48.01 33.52 20.00
CA ASP A 302 -47.44 32.26 20.44
C ASP A 302 -45.93 32.23 20.24
N PRO A 303 -45.19 31.75 21.24
CA PRO A 303 -43.73 31.66 21.13
C PRO A 303 -43.32 30.73 19.99
N PRO A 304 -42.05 30.78 19.56
CA PRO A 304 -41.62 29.91 18.48
C PRO A 304 -41.70 28.43 18.85
N ARG A 305 -41.94 27.60 17.84
CA ARG A 305 -42.01 26.15 18.01
C ARG A 305 -40.78 25.54 17.34
N GLY A 306 -39.69 25.48 18.09
CA GLY A 306 -38.45 24.94 17.59
C GLY A 306 -37.53 26.00 16.99
N CYS A 307 -36.25 25.63 16.89
CA CYS A 307 -35.24 26.56 16.40
C CYS A 307 -35.14 26.54 14.88
N VAL A 308 -35.00 25.36 14.28
CA VAL A 308 -34.82 25.26 12.83
C VAL A 308 -36.09 25.73 12.13
N GLY A 309 -35.98 26.84 11.39
CA GLY A 309 -37.06 27.41 10.62
C GLY A 309 -37.53 28.75 11.15
N ASN A 310 -37.44 28.95 12.47
CA ASN A 310 -37.88 30.19 13.13
C ASN A 310 -36.67 31.11 13.27
N THR A 311 -36.43 31.93 12.24
CA THR A 311 -35.34 32.89 12.29
C THR A 311 -35.76 34.24 12.85
N ASN A 312 -37.03 34.42 13.19
CA ASN A 312 -37.55 35.68 13.66
C ASN A 312 -37.78 35.65 15.16
N ILE A 313 -38.01 36.82 15.71
CA ILE A 313 -38.01 37.04 17.14
C ILE A 313 -39.43 36.90 17.69
N TRP A 314 -39.53 36.40 18.92
CA TRP A 314 -40.83 36.31 19.58
C TRP A 314 -41.34 37.72 19.82
N LYS A 315 -42.41 38.09 19.09
CA LYS A 315 -42.84 39.49 19.07
C LYS A 315 -43.28 39.98 20.44
N THR A 316 -43.98 39.13 21.20
CA THR A 316 -44.47 39.51 22.52
C THR A 316 -43.53 39.07 23.63
N GLY A 317 -42.28 38.80 23.30
CA GLY A 317 -41.27 38.44 24.27
C GLY A 317 -40.84 39.59 25.18
N PRO A 318 -40.30 40.67 24.59
CA PRO A 318 -39.90 41.83 25.41
C PRO A 318 -41.00 42.33 26.33
N LEU A 319 -42.25 42.36 25.85
CA LEU A 319 -43.36 42.76 26.70
C LEU A 319 -43.54 41.79 27.86
N PHE A 320 -43.43 40.49 27.60
CA PHE A 320 -43.62 39.51 28.67
C PHE A 320 -42.56 39.68 29.76
N LYS A 321 -41.30 39.92 29.39
CA LYS A 321 -40.31 40.11 30.43
C LYS A 321 -40.51 41.43 31.15
N ARG A 322 -40.94 42.46 30.43
CA ARG A 322 -41.31 43.70 31.09
C ARG A 322 -42.39 43.44 32.14
N VAL A 323 -43.28 42.50 31.86
CA VAL A 323 -44.29 42.09 32.85
C VAL A 323 -43.63 41.39 34.02
N LEU A 324 -42.67 40.51 33.73
CA LEU A 324 -41.97 39.75 34.76
C LEU A 324 -41.20 40.67 35.70
N MET A 325 -40.48 41.65 35.15
CA MET A 325 -39.78 42.62 35.99
C MET A 325 -40.76 43.51 36.75
N SER A 326 -41.92 43.81 36.15
CA SER A 326 -42.92 44.66 36.78
C SER A 326 -44.11 43.83 37.25
N PRO A 330 -44.61 40.94 45.40
CA PRO A 330 -45.27 39.79 46.02
C PRO A 330 -44.45 39.21 47.16
N ASP A 331 -44.94 38.15 47.80
CA ASP A 331 -44.25 37.56 48.94
C ASP A 331 -44.04 36.08 48.64
N GLY A 332 -42.88 35.57 49.08
CA GLY A 332 -42.46 34.24 48.69
C GLY A 332 -41.58 33.56 49.71
N VAL A 333 -41.27 32.29 49.40
CA VAL A 333 -40.48 31.46 50.29
C VAL A 333 -39.14 32.10 50.63
N THR A 334 -38.45 32.68 49.66
CA THR A 334 -37.14 33.25 49.93
C THR A 334 -37.17 34.66 50.51
N GLY A 335 -38.27 35.39 50.36
CA GLY A 335 -38.38 36.73 50.89
C GLY A 335 -39.15 37.61 49.94
N ARG A 336 -39.10 38.92 50.21
CA ARG A 336 -39.75 39.91 49.36
C ARG A 336 -39.21 39.78 47.94
N ILE A 337 -40.00 39.19 47.05
CA ILE A 337 -39.57 38.90 45.69
C ILE A 337 -39.77 40.17 44.86
N GLU A 338 -38.67 40.76 44.39
CA GLU A 338 -38.75 41.89 43.47
C GLU A 338 -37.41 42.06 42.77
N PHE A 339 -37.45 42.58 41.55
CA PHE A 339 -36.28 42.73 40.70
C PHE A 339 -35.94 44.20 40.49
N ASN A 340 -34.68 44.47 40.17
CA ASN A 340 -34.23 45.81 39.86
C ASN A 340 -34.36 46.07 38.35
N GLU A 341 -33.71 47.13 37.84
CA GLU A 341 -33.74 47.48 36.42
C GLU A 341 -33.09 46.46 35.49
N ASP A 342 -32.21 45.58 35.99
CA ASP A 342 -31.58 44.59 35.13
C ASP A 342 -32.26 43.23 35.17
N GLY A 343 -33.27 43.07 36.03
CA GLY A 343 -33.85 41.77 36.29
C GLY A 343 -33.21 41.03 37.44
N ASP A 344 -32.24 41.64 38.11
CA ASP A 344 -31.59 41.06 39.27
C ASP A 344 -32.46 41.25 40.50
N ARG A 345 -32.27 40.37 41.47
CA ARG A 345 -33.17 40.35 42.62
C ARG A 345 -32.88 41.51 43.56
N LYS A 346 -33.94 42.18 43.97
CA LYS A 346 -33.87 43.23 44.96
C LYS A 346 -34.43 42.71 46.28
N PHE A 347 -33.97 43.32 47.37
CA PHE A 347 -34.42 42.99 48.73
C PHE A 347 -34.05 41.54 49.09
N ALA A 348 -32.74 41.34 49.26
CA ALA A 348 -32.20 40.07 49.73
C ALA A 348 -31.36 40.30 50.97
N GLN A 349 -31.50 39.41 51.95
CA GLN A 349 -30.75 39.49 53.20
C GLN A 349 -29.53 38.59 53.14
N TYR A 350 -28.48 39.02 53.83
CA TYR A 350 -27.26 38.24 53.98
C TYR A 350 -27.00 37.89 55.43
N SER A 351 -26.71 36.61 55.68
CA SER A 351 -26.08 36.18 56.92
C SER A 351 -24.70 36.81 57.03
N ILE A 352 -24.51 37.71 57.99
CA ILE A 352 -23.22 38.35 58.21
C ILE A 352 -22.39 37.43 59.11
N MET A 353 -21.25 36.98 58.60
CA MET A 353 -20.48 35.92 59.23
C MET A 353 -19.10 36.40 59.66
N ASN A 354 -18.64 35.85 60.78
CA ASN A 354 -17.33 36.11 61.36
C ASN A 354 -16.70 34.75 61.61
N LEU A 355 -15.39 34.63 61.41
CA LEU A 355 -14.74 33.32 61.54
C LEU A 355 -14.10 33.25 62.93
N GLN A 356 -14.85 32.69 63.87
CA GLN A 356 -14.40 32.56 65.24
C GLN A 356 -13.76 31.18 65.45
N ASN A 357 -12.52 31.19 65.96
CA ASN A 357 -11.78 29.97 66.26
C ASN A 357 -11.86 28.97 65.11
N ARG A 358 -11.64 29.48 63.89
CA ARG A 358 -11.71 28.68 62.66
C ARG A 358 -13.09 28.10 62.45
N LYS A 359 -14.13 28.88 62.72
CA LYS A 359 -15.51 28.45 62.53
C LYS A 359 -16.38 29.68 62.23
N LEU A 360 -17.31 29.52 61.29
CA LEU A 360 -18.13 30.64 60.85
C LEU A 360 -19.31 30.85 61.78
N VAL A 361 -19.45 32.06 62.30
CA VAL A 361 -20.52 32.43 63.23
C VAL A 361 -21.36 33.50 62.58
N GLN A 362 -22.63 33.56 62.92
CA GLN A 362 -23.46 34.64 62.40
C GLN A 362 -23.59 35.71 63.47
N VAL A 363 -22.89 36.83 63.24
CA VAL A 363 -22.92 37.98 64.14
C VAL A 363 -24.06 38.92 63.80
N GLY A 364 -24.71 38.74 62.66
CA GLY A 364 -25.80 39.61 62.30
C GLY A 364 -26.46 39.18 61.01
N ILE A 365 -27.32 40.06 60.51
CA ILE A 365 -28.15 39.82 59.34
C ILE A 365 -28.48 41.17 58.72
N PHE A 366 -28.45 41.22 57.38
CA PHE A 366 -28.65 42.46 56.62
C PHE A 366 -30.09 42.51 56.15
N ASN A 367 -30.95 43.18 56.93
CA ASN A 367 -32.37 43.40 56.64
C ASN A 367 -32.64 43.50 55.14
N GLY A 368 -31.88 44.35 54.46
CA GLY A 368 -32.13 44.69 53.07
C GLY A 368 -31.93 46.18 52.92
N SER A 369 -31.93 46.88 54.06
CA SER A 369 -31.63 48.30 54.13
C SER A 369 -30.79 48.57 55.37
N TYR A 370 -31.38 48.37 56.56
CA TYR A 370 -30.63 48.43 57.80
C TYR A 370 -29.93 47.09 58.01
N ILE A 371 -28.94 47.06 58.90
CA ILE A 371 -28.21 45.83 59.21
C ILE A 371 -28.23 45.62 60.72
N ILE A 372 -28.63 44.42 61.13
CA ILE A 372 -29.03 44.11 62.49
C ILE A 372 -28.07 43.09 63.05
N GLN A 373 -27.65 43.29 64.28
CA GLN A 373 -26.74 42.37 64.94
C GLN A 373 -27.52 41.49 65.89
N ASN A 374 -27.12 40.22 65.99
CA ASN A 374 -27.80 39.29 66.89
C ASN A 374 -27.08 39.28 68.24
N ASP A 375 -27.37 38.27 69.06
CA ASP A 375 -26.84 38.24 70.42
C ASP A 375 -25.33 38.07 70.44
N ARG A 376 -24.80 37.25 69.53
CA ARG A 376 -23.39 36.90 69.58
C ARG A 376 -22.52 38.15 69.42
N LYS A 377 -21.37 38.14 70.09
CA LYS A 377 -20.42 39.23 70.02
C LYS A 377 -19.44 39.01 68.87
N ILE A 378 -18.98 40.12 68.33
CA ILE A 378 -18.07 40.10 67.19
C ILE A 378 -16.63 39.99 67.66
N ILE A 379 -15.81 39.26 66.94
CA ILE A 379 -14.38 39.21 67.21
C ILE A 379 -13.63 39.62 65.97
N TRP A 380 -12.77 40.57 66.14
CA TRP A 380 -11.91 41.06 65.10
C TRP A 380 -10.64 40.22 65.02
N PRO A 381 -9.89 40.34 63.92
CA PRO A 381 -8.62 39.60 63.84
C PRO A 381 -7.65 40.02 64.96
N GLY A 382 -7.20 39.04 65.72
CA GLY A 382 -6.35 39.30 66.87
C GLY A 382 -7.14 39.33 68.16
N GLY A 383 -8.31 39.95 68.13
CA GLY A 383 -9.18 39.99 69.28
C GLY A 383 -9.56 41.40 69.70
N VAL B 5 -0.80 -49.78 -40.63
CA VAL B 5 0.56 -49.49 -40.19
C VAL B 5 0.95 -48.08 -40.62
N ASN B 6 1.00 -47.15 -39.66
CA ASN B 6 1.39 -45.79 -39.96
C ASN B 6 2.86 -45.54 -39.65
N ILE B 7 3.47 -44.75 -40.52
CA ILE B 7 4.91 -44.50 -40.55
C ILE B 7 5.06 -42.98 -40.62
N GLY B 8 5.71 -42.40 -39.61
CA GLY B 8 5.67 -40.97 -39.42
C GLY B 8 6.85 -40.23 -40.01
N ALA B 9 6.71 -38.90 -40.09
CA ALA B 9 7.70 -38.06 -40.72
C ALA B 9 7.74 -36.68 -40.07
N VAL B 10 8.94 -36.13 -39.96
CA VAL B 10 9.17 -34.75 -39.53
C VAL B 10 9.96 -34.11 -40.66
N LEU B 11 9.27 -33.41 -41.54
CA LEU B 11 9.85 -32.92 -42.78
C LEU B 11 9.95 -31.39 -42.77
N SER B 12 10.49 -30.86 -43.87
CA SER B 12 10.84 -29.45 -43.96
C SER B 12 9.60 -28.56 -44.11
N THR B 13 8.83 -28.76 -45.18
CA THR B 13 7.67 -27.92 -45.43
C THR B 13 6.48 -28.82 -45.74
N LYS B 14 5.34 -28.19 -46.08
CA LYS B 14 4.19 -28.97 -46.54
C LYS B 14 4.45 -29.58 -47.90
N LYS B 15 5.28 -28.93 -48.73
CA LYS B 15 5.63 -29.47 -50.03
C LYS B 15 6.28 -30.84 -49.90
N HIS B 16 7.06 -31.06 -48.85
CA HIS B 16 7.77 -32.32 -48.65
C HIS B 16 6.88 -33.37 -47.98
N GLU B 17 6.07 -32.99 -47.00
CA GLU B 17 5.09 -33.91 -46.44
C GLU B 17 4.11 -34.40 -47.50
N GLN B 18 3.80 -33.57 -48.49
CA GLN B 18 3.02 -34.02 -49.64
C GLN B 18 3.71 -35.17 -50.35
N ILE B 19 5.01 -35.02 -50.65
CA ILE B 19 5.74 -36.12 -51.29
C ILE B 19 5.71 -37.36 -50.41
N PHE B 20 5.77 -37.18 -49.09
CA PHE B 20 5.86 -38.34 -48.21
C PHE B 20 4.56 -39.15 -48.24
N ARG B 21 3.41 -38.48 -48.21
CA ARG B 21 2.15 -39.20 -48.29
C ARG B 21 1.94 -39.78 -49.69
N GLU B 22 2.44 -39.10 -50.72
CA GLU B 22 2.37 -39.65 -52.07
C GLU B 22 3.30 -40.83 -52.23
N ALA B 23 4.45 -40.81 -51.55
CA ALA B 23 5.36 -41.96 -51.57
C ALA B 23 4.74 -43.16 -50.87
N VAL B 24 4.12 -42.93 -49.71
CA VAL B 24 3.37 -43.99 -49.05
C VAL B 24 2.25 -44.49 -49.95
N ASN B 25 1.57 -43.58 -50.66
CA ASN B 25 0.52 -44.00 -51.58
C ASN B 25 1.05 -44.95 -52.64
N GLN B 26 2.13 -44.55 -53.32
CA GLN B 26 2.77 -45.39 -54.33
C GLN B 26 3.62 -46.50 -53.73
N ALA B 27 3.45 -46.81 -52.44
CA ALA B 27 4.14 -47.92 -51.81
C ALA B 27 3.22 -49.04 -51.36
N ASN B 28 1.92 -48.80 -51.26
CA ASN B 28 0.98 -49.83 -50.85
C ASN B 28 0.75 -50.85 -51.96
N GLN B 39 -0.11 -46.07 -43.81
CA GLN B 39 -0.66 -44.71 -43.82
C GLN B 39 0.36 -43.71 -43.28
N ALA B 40 0.31 -42.49 -43.78
CA ALA B 40 1.31 -41.48 -43.47
C ALA B 40 0.80 -40.48 -42.44
N THR B 41 1.67 -40.12 -41.51
CA THR B 41 1.43 -39.08 -40.52
C THR B 41 2.67 -38.21 -40.42
N SER B 42 2.54 -36.94 -40.78
CA SER B 42 3.69 -36.07 -40.96
C SER B 42 3.47 -34.72 -40.31
N VAL B 43 4.59 -34.11 -39.89
CA VAL B 43 4.61 -32.77 -39.32
C VAL B 43 5.85 -32.05 -39.83
N THR B 44 5.81 -30.73 -39.73
CA THR B 44 6.99 -29.89 -39.90
C THR B 44 7.79 -29.85 -38.59
N HIS B 45 9.01 -29.34 -38.68
CA HIS B 45 9.80 -29.11 -37.48
C HIS B 45 9.18 -27.99 -36.65
N ARG B 46 9.38 -28.07 -35.34
CA ARG B 46 9.01 -27.00 -34.42
C ARG B 46 10.26 -26.28 -33.98
N PRO B 47 10.40 -25.00 -34.27
CA PRO B 47 11.66 -24.29 -34.01
C PRO B 47 12.18 -24.38 -32.58
N ASN B 48 11.34 -24.57 -31.57
CA ASN B 48 11.87 -24.81 -30.23
C ASN B 48 11.84 -26.31 -29.96
N ALA B 49 12.99 -26.87 -29.60
CA ALA B 49 13.22 -28.31 -29.70
C ALA B 49 12.46 -29.09 -28.64
N ILE B 50 12.22 -28.47 -27.49
CA ILE B 50 11.46 -29.16 -26.44
C ILE B 50 10.03 -29.40 -26.90
N GLN B 51 9.41 -28.40 -27.54
CA GLN B 51 8.08 -28.58 -28.12
C GLN B 51 8.10 -29.58 -29.27
N MET B 52 9.25 -29.69 -29.96
CA MET B 52 9.40 -30.75 -30.96
C MET B 52 9.42 -32.13 -30.31
N ALA B 53 10.09 -32.26 -29.17
CA ALA B 53 10.09 -33.52 -28.45
C ALA B 53 8.68 -33.93 -28.03
N LEU B 54 7.85 -32.95 -27.66
CA LEU B 54 6.48 -33.25 -27.28
C LEU B 54 5.58 -33.44 -28.49
N SER B 55 5.91 -32.81 -29.62
CA SER B 55 5.12 -33.02 -30.82
C SER B 55 5.31 -34.44 -31.36
N VAL B 56 6.51 -35.01 -31.18
CA VAL B 56 6.73 -36.40 -31.52
C VAL B 56 5.83 -37.29 -30.67
N CYS B 57 5.62 -36.90 -29.41
CA CYS B 57 4.72 -37.66 -28.54
C CYS B 57 3.26 -37.47 -28.96
N GLU B 58 2.86 -36.25 -29.27
CA GLU B 58 1.44 -35.94 -29.41
C GLU B 58 0.93 -36.10 -30.85
N ASP B 59 1.82 -36.07 -31.85
CA ASP B 59 1.40 -36.20 -33.23
C ASP B 59 1.87 -37.47 -33.92
N LEU B 60 2.93 -38.11 -33.44
CA LEU B 60 3.49 -39.28 -34.10
C LEU B 60 3.28 -40.55 -33.27
N ILE B 61 3.90 -40.66 -32.10
CA ILE B 61 3.76 -41.85 -31.26
C ILE B 61 2.30 -42.03 -30.84
N SER B 62 1.54 -40.93 -30.74
CA SER B 62 0.12 -41.03 -30.46
C SER B 62 -0.66 -41.74 -31.57
N SER B 63 -0.06 -41.90 -32.75
CA SER B 63 -0.70 -42.60 -33.86
C SER B 63 -0.17 -44.02 -34.03
N GLN B 64 0.56 -44.53 -33.04
CA GLN B 64 1.21 -45.83 -33.12
C GLN B 64 2.09 -45.90 -34.37
N VAL B 65 3.23 -45.28 -34.31
CA VAL B 65 4.12 -45.17 -35.45
C VAL B 65 5.03 -46.39 -35.45
N TYR B 66 5.41 -46.86 -36.65
CA TYR B 66 6.35 -47.96 -36.75
C TYR B 66 7.76 -47.50 -37.10
N ALA B 67 7.90 -46.27 -37.58
CA ALA B 67 9.19 -45.66 -37.87
C ALA B 67 8.97 -44.19 -38.20
N ILE B 68 9.89 -43.35 -37.74
CA ILE B 68 9.83 -41.91 -37.97
C ILE B 68 10.99 -41.53 -38.88
N LEU B 69 10.68 -40.81 -39.95
CA LEU B 69 11.72 -40.21 -40.78
C LEU B 69 11.81 -38.74 -40.46
N VAL B 70 13.02 -38.20 -40.59
CA VAL B 70 13.33 -36.87 -40.10
C VAL B 70 14.29 -36.20 -41.08
N SER B 71 13.90 -35.06 -41.62
CA SER B 71 14.77 -34.33 -42.53
C SER B 71 15.22 -33.04 -41.87
N HIS B 72 16.49 -32.82 -41.91
CA HIS B 72 17.07 -31.55 -41.49
C HIS B 72 16.97 -30.55 -42.64
N PRO B 73 16.41 -29.37 -42.43
CA PRO B 73 16.21 -28.43 -43.54
C PRO B 73 17.48 -27.66 -43.83
N PRO B 74 17.59 -27.03 -45.01
CA PRO B 74 18.75 -26.19 -45.32
C PRO B 74 18.68 -24.83 -44.64
N HIS B 79 19.69 -25.14 -37.43
CA HIS B 79 19.68 -25.09 -35.98
C HIS B 79 18.87 -26.24 -35.39
N LEU B 80 18.02 -26.82 -36.23
CA LEU B 80 17.12 -27.87 -35.79
C LEU B 80 17.76 -29.22 -36.12
N THR B 81 18.10 -29.94 -35.08
CA THR B 81 18.74 -31.24 -35.16
C THR B 81 17.72 -32.34 -34.90
N PRO B 82 18.01 -33.56 -35.34
CA PRO B 82 17.06 -34.66 -35.10
C PRO B 82 17.07 -35.25 -33.70
N THR B 83 17.99 -34.85 -32.81
CA THR B 83 18.03 -35.39 -31.44
C THR B 83 16.69 -35.35 -30.70
N PRO B 84 15.91 -34.25 -30.72
CA PRO B 84 14.61 -34.32 -30.02
C PRO B 84 13.72 -35.45 -30.52
N ILE B 85 13.82 -35.79 -31.81
CA ILE B 85 13.06 -36.94 -32.30
C ILE B 85 13.80 -38.23 -31.98
N SER B 86 15.13 -38.20 -32.03
CA SER B 86 15.92 -39.39 -31.73
C SER B 86 15.77 -39.81 -30.28
N TYR B 87 15.84 -38.86 -29.35
CA TYR B 87 15.81 -39.19 -27.93
C TYR B 87 14.45 -39.75 -27.50
N THR B 88 13.36 -39.04 -27.80
CA THR B 88 12.04 -39.52 -27.37
C THR B 88 11.66 -40.82 -28.05
N ALA B 89 11.72 -40.87 -29.38
CA ALA B 89 11.50 -42.15 -30.06
C ALA B 89 12.52 -43.19 -29.60
N GLY B 90 13.71 -42.75 -29.19
CA GLY B 90 14.74 -43.63 -28.67
C GLY B 90 14.50 -44.14 -27.27
N PHE B 91 13.47 -43.65 -26.56
CA PHE B 91 13.09 -44.24 -25.29
C PHE B 91 12.46 -45.60 -25.55
N TYR B 92 11.41 -45.62 -26.36
CA TYR B 92 11.04 -46.82 -27.11
C TYR B 92 12.23 -47.13 -28.00
N ARG B 93 12.10 -48.09 -28.89
CA ARG B 93 13.12 -48.19 -29.93
C ARG B 93 12.43 -48.18 -31.27
N ILE B 94 11.54 -47.21 -31.43
CA ILE B 94 10.90 -46.93 -32.71
C ILE B 94 12.00 -46.43 -33.64
N PRO B 95 12.25 -47.11 -34.74
CA PRO B 95 13.38 -46.74 -35.59
C PRO B 95 13.18 -45.37 -36.21
N VAL B 96 14.21 -44.52 -36.07
CA VAL B 96 14.20 -43.19 -36.64
C VAL B 96 15.17 -43.16 -37.82
N ILE B 97 14.68 -42.75 -38.98
CA ILE B 97 15.45 -42.77 -40.21
C ILE B 97 15.77 -41.34 -40.63
N GLY B 98 16.93 -40.83 -40.20
CA GLY B 98 17.38 -39.54 -40.70
C GLY B 98 17.64 -39.57 -42.19
N LEU B 99 17.57 -38.39 -42.79
CA LEU B 99 17.65 -38.25 -44.24
C LEU B 99 18.62 -37.17 -44.68
N THR B 100 19.09 -36.34 -43.76
CA THR B 100 19.78 -35.10 -44.11
C THR B 100 21.05 -34.87 -43.30
N THR B 101 20.96 -35.02 -41.99
CA THR B 101 22.04 -34.66 -41.09
C THR B 101 23.22 -35.61 -41.22
N ARG B 102 24.42 -35.04 -41.21
CA ARG B 102 25.64 -35.78 -41.49
C ARG B 102 26.62 -35.78 -40.33
N MET B 103 26.24 -35.23 -39.18
CA MET B 103 27.18 -35.09 -38.09
C MET B 103 27.30 -36.41 -37.35
N SER B 104 28.54 -36.81 -37.04
CA SER B 104 28.85 -38.19 -36.64
C SER B 104 28.35 -38.54 -35.25
N ILE B 105 27.91 -37.57 -34.44
CA ILE B 105 27.37 -37.88 -33.12
C ILE B 105 26.22 -38.89 -33.21
N TYR B 106 25.51 -38.97 -34.34
CA TYR B 106 24.37 -39.88 -34.50
C TYR B 106 24.81 -41.28 -34.92
N SER B 107 26.11 -41.50 -35.14
CA SER B 107 26.62 -42.84 -35.37
C SER B 107 26.90 -43.59 -34.09
N ASP B 108 27.01 -42.87 -32.97
CA ASP B 108 27.23 -43.47 -31.66
C ASP B 108 25.95 -44.17 -31.20
N LYS B 109 25.97 -45.51 -31.23
CA LYS B 109 24.79 -46.29 -30.84
C LYS B 109 24.52 -46.26 -29.34
N SER B 110 25.48 -45.79 -28.54
CA SER B 110 25.27 -45.70 -27.09
C SER B 110 24.53 -44.44 -26.68
N ILE B 111 24.07 -43.63 -27.63
CA ILE B 111 23.32 -42.42 -27.31
C ILE B 111 22.07 -42.35 -28.19
N HIS B 112 22.25 -42.63 -29.48
CA HIS B 112 21.12 -42.67 -30.41
C HIS B 112 20.81 -44.12 -30.69
N LEU B 113 19.75 -44.60 -30.05
CA LEU B 113 19.53 -46.02 -29.81
C LEU B 113 18.79 -46.73 -30.94
N SER B 114 18.17 -45.99 -31.85
CA SER B 114 17.42 -46.60 -32.95
C SER B 114 17.52 -45.72 -34.20
N PHE B 115 18.73 -45.32 -34.56
CA PHE B 115 18.95 -44.35 -35.61
C PHE B 115 19.58 -44.99 -36.84
N LEU B 116 18.93 -44.81 -37.99
CA LEU B 116 19.51 -45.07 -39.30
C LEU B 116 19.45 -43.80 -40.13
N ARG B 117 20.29 -43.73 -41.16
CA ARG B 117 20.41 -42.56 -42.00
C ARG B 117 20.66 -42.97 -43.42
N THR B 118 19.90 -42.39 -44.34
CA THR B 118 20.14 -42.62 -45.75
C THR B 118 21.29 -41.77 -46.27
N VAL B 119 22.09 -41.17 -45.38
CA VAL B 119 23.20 -40.29 -45.77
C VAL B 119 24.47 -40.71 -45.03
N PRO B 120 25.65 -40.61 -45.64
CA PRO B 120 26.87 -40.90 -44.88
C PRO B 120 27.18 -39.76 -43.93
N PRO B 121 27.84 -40.04 -42.80
CA PRO B 121 28.30 -38.96 -41.93
C PRO B 121 29.51 -38.27 -42.53
N TYR B 122 29.77 -37.05 -42.04
CA TYR B 122 30.90 -36.26 -42.52
C TYR B 122 32.23 -36.98 -42.31
N SER B 123 32.35 -37.73 -41.21
CA SER B 123 33.61 -38.43 -40.93
C SER B 123 33.96 -39.39 -42.05
N HIS B 124 32.96 -40.04 -42.64
CA HIS B 124 33.20 -40.96 -43.73
C HIS B 124 33.85 -40.31 -44.94
N GLN B 125 33.90 -38.98 -45.01
CA GLN B 125 34.63 -38.35 -46.12
C GLN B 125 36.13 -38.60 -46.03
N ALA B 126 36.63 -39.00 -44.87
CA ALA B 126 38.02 -39.43 -44.76
C ALA B 126 38.33 -40.53 -45.79
N LEU B 127 37.35 -41.40 -46.06
CA LEU B 127 37.56 -42.50 -47.00
C LEU B 127 37.92 -41.98 -48.39
N VAL B 128 37.50 -40.77 -48.73
CA VAL B 128 37.90 -40.21 -50.02
C VAL B 128 39.36 -39.76 -49.97
N TRP B 129 39.74 -39.04 -48.92
CA TRP B 129 41.10 -38.49 -48.85
C TRP B 129 42.14 -39.59 -48.90
N PHE B 130 41.89 -40.69 -48.17
CA PHE B 130 42.70 -41.90 -48.29
C PHE B 130 43.02 -42.23 -49.75
N GLU B 131 41.98 -42.38 -50.57
CA GLU B 131 42.19 -42.73 -51.98
C GLU B 131 42.96 -41.65 -52.72
N MET B 132 42.65 -40.37 -52.46
CA MET B 132 43.43 -39.29 -53.05
C MET B 132 44.92 -39.51 -52.79
N MET B 133 45.26 -39.81 -51.54
CA MET B 133 46.64 -40.14 -51.20
C MET B 133 47.13 -41.35 -52.00
N ARG B 134 46.37 -42.44 -51.99
CA ARG B 134 46.75 -43.61 -52.76
C ARG B 134 46.74 -43.35 -54.26
N LEU B 135 46.06 -42.29 -54.71
CA LEU B 135 46.09 -41.92 -56.12
C LEU B 135 47.20 -40.93 -56.46
N PHE B 136 47.75 -40.24 -55.46
CA PHE B 136 48.80 -39.27 -55.69
C PHE B 136 50.07 -39.55 -54.90
N ASN B 137 50.14 -40.72 -54.24
CA ASN B 137 51.32 -41.11 -53.46
C ASN B 137 51.65 -40.07 -52.39
N TRP B 138 50.62 -39.52 -51.76
CA TRP B 138 50.77 -38.61 -50.63
C TRP B 138 50.91 -39.46 -49.37
N ASN B 139 52.15 -39.73 -48.98
CA ASN B 139 52.43 -40.56 -47.81
C ASN B 139 52.80 -39.74 -46.59
N HIS B 140 52.57 -38.43 -46.61
CA HIS B 140 52.89 -37.56 -45.47
C HIS B 140 51.92 -36.38 -45.49
N VAL B 141 51.04 -36.34 -44.49
CA VAL B 141 49.98 -35.35 -44.41
C VAL B 141 50.08 -34.60 -43.08
N ILE B 142 49.54 -33.38 -43.05
CA ILE B 142 49.26 -32.69 -41.80
C ILE B 142 47.75 -32.52 -41.69
N LEU B 143 47.16 -33.04 -40.60
CA LEU B 143 45.72 -33.09 -40.42
C LEU B 143 45.31 -32.02 -39.41
N ILE B 144 44.65 -30.97 -39.89
CA ILE B 144 44.21 -29.85 -39.07
C ILE B 144 42.73 -30.06 -38.75
N VAL B 145 42.42 -30.13 -37.46
CA VAL B 145 41.09 -30.51 -37.01
C VAL B 145 40.63 -29.58 -35.89
N SER B 146 39.31 -29.38 -35.82
CA SER B 146 38.69 -28.66 -34.71
C SER B 146 38.48 -29.62 -33.55
N ASP B 147 38.83 -29.17 -32.35
CA ASP B 147 38.62 -30.03 -31.18
C ASP B 147 37.13 -30.21 -30.90
N ASP B 148 36.45 -30.97 -31.76
CA ASP B 148 35.01 -31.20 -31.65
C ASP B 148 34.74 -32.61 -32.12
N HIS B 149 33.59 -33.17 -31.71
CA HIS B 149 33.30 -34.57 -31.98
C HIS B 149 33.37 -34.88 -33.47
N GLU B 150 32.89 -33.97 -34.32
CA GLU B 150 32.90 -34.19 -35.76
C GLU B 150 34.32 -34.21 -36.30
N GLY B 151 35.14 -33.25 -35.88
CA GLY B 151 36.48 -33.16 -36.41
C GLY B 151 37.30 -34.40 -36.13
N ARG B 152 37.39 -34.79 -34.86
CA ARG B 152 38.14 -36.00 -34.55
C ARG B 152 37.42 -37.28 -34.97
N ALA B 153 36.13 -37.20 -35.28
CA ALA B 153 35.52 -38.31 -36.00
C ALA B 153 36.21 -38.49 -37.35
N ALA B 154 36.46 -37.39 -38.05
CA ALA B 154 37.29 -37.44 -39.25
C ALA B 154 38.68 -37.98 -38.94
N GLN B 155 39.30 -37.46 -37.87
CA GLN B 155 40.63 -37.93 -37.50
C GLN B 155 40.63 -39.43 -37.21
N LYS B 156 39.63 -39.89 -36.45
CA LYS B 156 39.61 -41.29 -36.05
C LYS B 156 39.45 -42.22 -37.24
N LYS B 157 38.63 -41.85 -38.22
CA LYS B 157 38.46 -42.75 -39.36
C LYS B 157 39.65 -42.67 -40.30
N LEU B 158 40.19 -41.47 -40.51
CA LEU B 158 41.39 -41.37 -41.33
C LEU B 158 42.55 -42.13 -40.69
N GLU B 159 42.67 -42.04 -39.36
CA GLU B 159 43.71 -42.80 -38.69
C GLU B 159 43.49 -44.31 -38.88
N THR B 160 42.25 -44.77 -38.71
CA THR B 160 42.00 -46.21 -38.82
C THR B 160 42.32 -46.73 -40.21
N LEU B 161 41.94 -46.00 -41.25
CA LEU B 161 42.23 -46.45 -42.60
C LEU B 161 43.68 -46.22 -43.00
N LEU B 162 44.40 -45.35 -42.28
CA LEU B 162 45.83 -45.24 -42.50
C LEU B 162 46.58 -46.40 -41.84
N GLU B 163 46.10 -46.87 -40.69
CA GLU B 163 46.78 -47.97 -40.02
C GLU B 163 46.60 -49.26 -40.82
N GLY B 164 47.49 -49.48 -41.78
CA GLY B 164 47.51 -50.66 -42.61
C GLY B 164 48.94 -51.15 -42.82
N PRO B 188 49.69 -43.66 -38.21
CA PRO B 188 50.00 -42.38 -37.55
C PRO B 188 51.27 -41.63 -37.96
N LYS B 189 52.17 -42.26 -38.72
CA LYS B 189 53.35 -41.56 -39.19
C LYS B 189 52.98 -40.46 -40.17
N ALA B 190 52.12 -40.79 -41.15
CA ALA B 190 51.69 -39.77 -42.11
C ALA B 190 50.78 -38.71 -41.48
N ASP B 191 49.89 -39.06 -40.54
CA ASP B 191 48.99 -38.03 -39.97
C ASP B 191 49.70 -37.32 -38.83
N LYS B 192 49.98 -36.06 -39.04
CA LYS B 192 50.57 -35.18 -38.06
C LYS B 192 49.45 -34.22 -37.67
N VAL B 193 48.85 -34.46 -36.52
CA VAL B 193 47.60 -33.81 -36.14
C VAL B 193 47.87 -32.52 -35.37
N LEU B 194 47.03 -31.52 -35.64
CA LEU B 194 47.07 -30.22 -35.00
C LEU B 194 45.64 -29.84 -34.65
N GLN B 195 45.38 -29.56 -33.37
CA GLN B 195 44.04 -29.30 -32.88
C GLN B 195 43.85 -27.81 -32.63
N PHE B 196 42.63 -27.34 -32.88
CA PHE B 196 42.24 -25.99 -32.47
C PHE B 196 40.84 -26.02 -31.89
N GLU B 197 40.62 -25.16 -30.90
CA GLU B 197 39.34 -25.07 -30.21
C GLU B 197 38.33 -24.33 -31.10
N PRO B 198 37.15 -24.89 -31.32
CA PRO B 198 36.16 -24.21 -32.19
C PRO B 198 35.87 -22.80 -31.69
N GLY B 199 35.74 -21.88 -32.63
CA GLY B 199 35.49 -20.49 -32.31
C GLY B 199 36.73 -19.63 -32.15
N THR B 200 37.92 -20.22 -32.32
CA THR B 200 39.16 -19.47 -32.30
C THR B 200 39.34 -18.75 -33.62
N LYS B 201 39.30 -17.41 -33.58
CA LYS B 201 39.41 -16.61 -34.81
C LYS B 201 40.85 -16.55 -35.32
N ASN B 202 41.80 -16.23 -34.45
CA ASN B 202 43.21 -16.12 -34.83
C ASN B 202 43.87 -17.48 -34.67
N LEU B 203 44.33 -18.06 -35.79
CA LEU B 203 44.96 -19.37 -35.81
C LEU B 203 46.37 -19.30 -36.38
N THR B 204 47.05 -18.17 -36.16
CA THR B 204 48.41 -18.02 -36.67
C THR B 204 49.35 -19.02 -36.01
N ALA B 205 49.14 -19.31 -34.73
CA ALA B 205 50.03 -20.21 -34.00
C ALA B 205 50.05 -21.60 -34.63
N LEU B 206 48.87 -22.20 -34.81
CA LEU B 206 48.76 -23.54 -35.38
C LEU B 206 49.47 -23.61 -36.73
N LEU B 207 49.07 -22.75 -37.66
CA LEU B 207 49.64 -22.77 -39.00
C LEU B 207 51.14 -22.47 -39.00
N LEU B 208 51.61 -21.67 -38.04
CA LEU B 208 53.05 -21.45 -37.94
C LEU B 208 53.83 -22.73 -37.70
N GLU B 209 53.30 -23.63 -36.86
CA GLU B 209 54.03 -24.87 -36.62
C GLU B 209 53.85 -25.80 -37.80
N ALA B 210 52.71 -25.70 -38.49
CA ALA B 210 52.56 -26.36 -39.79
C ALA B 210 53.69 -25.98 -40.72
N LYS B 211 54.06 -24.69 -40.74
CA LYS B 211 55.25 -24.27 -41.45
C LYS B 211 56.51 -24.89 -40.84
N GLU B 212 56.57 -24.95 -39.50
CA GLU B 212 57.74 -25.55 -38.85
C GLU B 212 57.83 -27.05 -39.10
N LEU B 213 56.72 -27.71 -39.40
CA LEU B 213 56.69 -29.14 -39.66
C LEU B 213 56.87 -29.47 -41.13
N GLU B 214 57.24 -28.48 -41.96
CA GLU B 214 57.41 -28.65 -43.40
C GLU B 214 56.13 -29.21 -44.04
N ALA B 215 55.09 -28.39 -43.98
CA ALA B 215 53.79 -28.81 -44.47
C ALA B 215 53.75 -28.75 -45.99
N ARG B 216 53.17 -29.78 -46.60
CA ARG B 216 52.93 -29.81 -48.03
C ARG B 216 51.46 -30.08 -48.31
N VAL B 217 50.96 -31.28 -48.05
CA VAL B 217 49.55 -31.61 -48.21
C VAL B 217 48.85 -31.42 -46.88
N ILE B 218 47.75 -30.67 -46.87
CA ILE B 218 47.06 -30.28 -45.65
C ILE B 218 45.60 -30.69 -45.78
N ILE B 219 45.12 -31.47 -44.82
CA ILE B 219 43.72 -31.88 -44.75
C ILE B 219 43.07 -31.13 -43.58
N LEU B 220 41.87 -30.61 -43.82
CA LEU B 220 41.18 -29.79 -42.85
C LEU B 220 39.78 -30.32 -42.63
N SER B 221 39.36 -30.35 -41.37
CA SER B 221 38.02 -30.76 -40.96
C SER B 221 37.56 -29.75 -39.92
N ALA B 222 36.71 -28.83 -40.36
CA ALA B 222 36.16 -27.80 -39.49
C ALA B 222 34.74 -27.51 -39.93
N SER B 223 34.05 -26.71 -39.14
CA SER B 223 32.74 -26.21 -39.53
C SER B 223 32.91 -25.07 -40.53
N GLU B 224 31.80 -24.50 -40.98
CA GLU B 224 31.86 -23.43 -41.98
C GLU B 224 32.64 -22.24 -41.48
N ASP B 225 32.24 -21.68 -40.33
CA ASP B 225 32.90 -20.49 -39.81
C ASP B 225 34.25 -20.80 -39.17
N ASP B 226 34.53 -22.06 -38.81
CA ASP B 226 35.87 -22.42 -38.38
C ASP B 226 36.82 -22.48 -39.57
N ALA B 227 36.42 -23.20 -40.62
CA ALA B 227 37.24 -23.27 -41.83
C ALA B 227 37.56 -21.89 -42.37
N THR B 228 36.61 -20.95 -42.28
CA THR B 228 36.88 -19.58 -42.69
C THR B 228 38.06 -18.99 -41.92
N ALA B 229 38.11 -19.23 -40.61
CA ALA B 229 39.20 -18.70 -39.80
C ALA B 229 40.55 -19.22 -40.27
N VAL B 230 40.66 -20.53 -40.48
CA VAL B 230 41.89 -21.10 -41.04
C VAL B 230 42.19 -20.47 -42.39
N TYR B 231 41.17 -20.34 -43.25
CA TYR B 231 41.39 -19.83 -44.60
C TYR B 231 42.03 -18.44 -44.57
N LYS B 232 41.52 -17.56 -43.71
CA LYS B 232 42.09 -16.22 -43.62
C LYS B 232 43.48 -16.26 -43.01
N SER B 233 43.69 -17.10 -41.99
CA SER B 233 45.00 -17.17 -41.35
C SER B 233 46.06 -17.73 -42.29
N ALA B 234 45.67 -18.60 -43.22
CA ALA B 234 46.64 -19.23 -44.12
C ALA B 234 47.01 -18.30 -45.27
N ALA B 235 46.11 -17.43 -45.68
CA ALA B 235 46.37 -16.49 -46.77
C ALA B 235 47.09 -15.24 -46.29
N MET B 236 47.72 -15.29 -45.13
CA MET B 236 48.39 -14.14 -44.54
C MET B 236 49.77 -14.51 -44.02
N LEU B 237 50.14 -15.80 -44.08
CA LEU B 237 51.52 -16.24 -43.95
C LEU B 237 51.98 -16.95 -45.20
N ASP B 238 51.24 -16.83 -46.29
CA ASP B 238 51.56 -17.43 -47.58
C ASP B 238 51.66 -18.96 -47.46
N MET B 239 50.51 -19.57 -47.14
CA MET B 239 50.42 -21.02 -47.05
C MET B 239 49.38 -21.55 -48.04
N THR B 240 49.00 -20.71 -49.00
CA THR B 240 47.99 -21.04 -50.01
C THR B 240 48.57 -21.19 -51.41
N GLY B 241 49.87 -20.94 -51.58
CA GLY B 241 50.47 -20.86 -52.88
C GLY B 241 50.90 -22.21 -53.43
N ALA B 242 51.80 -22.16 -54.40
CA ALA B 242 52.36 -23.38 -54.97
C ALA B 242 53.10 -24.17 -53.89
N GLY B 243 53.15 -25.49 -54.07
CA GLY B 243 53.73 -26.36 -53.10
C GLY B 243 52.79 -26.86 -52.02
N TYR B 244 51.66 -26.19 -51.82
CA TYR B 244 50.66 -26.59 -50.84
C TYR B 244 49.49 -27.29 -51.53
N VAL B 245 48.96 -28.31 -50.86
CA VAL B 245 47.76 -29.02 -51.32
C VAL B 245 46.75 -28.96 -50.19
N TRP B 246 45.59 -28.36 -50.46
CA TRP B 246 44.52 -28.24 -49.49
C TRP B 246 43.42 -29.22 -49.86
N LEU B 247 43.28 -30.27 -49.04
CA LEU B 247 42.28 -31.31 -49.22
C LEU B 247 41.23 -31.16 -48.13
N VAL B 248 39.96 -31.20 -48.54
CA VAL B 248 38.88 -30.66 -47.74
C VAL B 248 37.59 -31.39 -48.04
N GLY B 249 36.71 -31.47 -47.04
CA GLY B 249 35.39 -32.06 -47.18
C GLY B 249 34.33 -31.08 -47.65
N GLU B 250 33.08 -31.37 -47.30
CA GLU B 250 31.96 -30.62 -47.84
C GLU B 250 31.69 -29.33 -47.07
N ARG B 251 31.74 -29.37 -45.73
CA ARG B 251 31.38 -28.18 -44.96
C ARG B 251 32.33 -27.01 -45.20
N GLU B 252 33.59 -27.31 -45.52
CA GLU B 252 34.64 -26.32 -45.63
C GLU B 252 34.66 -25.60 -46.98
N ILE B 253 34.10 -26.19 -48.02
CA ILE B 253 33.93 -25.49 -49.30
C ILE B 253 32.49 -24.99 -49.45
N SER B 254 31.75 -24.88 -48.34
CA SER B 254 30.35 -24.53 -48.34
C SER B 254 30.14 -23.19 -47.64
N GLY B 255 29.04 -22.53 -48.00
CA GLY B 255 28.60 -21.32 -47.32
C GLY B 255 29.63 -20.20 -47.36
N SER B 256 29.88 -19.61 -46.19
CA SER B 256 30.85 -18.52 -46.05
C SER B 256 32.27 -18.97 -46.39
N ALA B 257 32.60 -20.22 -46.09
CA ALA B 257 33.99 -20.67 -46.22
C ALA B 257 34.45 -20.68 -47.67
N LEU B 258 33.56 -20.93 -48.62
CA LEU B 258 33.97 -20.98 -50.02
C LEU B 258 34.40 -19.61 -50.53
N ARG B 259 33.85 -18.53 -49.98
CA ARG B 259 34.23 -17.20 -50.41
C ARG B 259 35.69 -16.90 -50.09
N TYR B 260 36.14 -17.31 -48.91
CA TYR B 260 37.52 -17.10 -48.49
C TYR B 260 38.37 -18.34 -48.66
N ALA B 261 37.80 -19.43 -49.15
CA ALA B 261 38.56 -20.63 -49.44
C ALA B 261 39.66 -20.31 -50.45
N PRO B 262 40.84 -20.90 -50.32
CA PRO B 262 41.96 -20.54 -51.19
C PRO B 262 41.80 -21.03 -52.62
N ASP B 263 42.54 -20.38 -53.49
CA ASP B 263 42.62 -20.71 -54.90
C ASP B 263 43.24 -22.08 -55.08
N GLY B 264 42.47 -23.02 -55.62
CA GLY B 264 43.03 -24.33 -55.90
C GLY B 264 42.64 -25.40 -54.91
N ILE B 265 41.83 -25.06 -53.91
CA ILE B 265 41.45 -26.02 -52.88
C ILE B 265 40.59 -27.12 -53.48
N ILE B 266 40.70 -28.32 -52.94
CA ILE B 266 39.89 -29.46 -53.36
C ILE B 266 38.91 -29.79 -52.24
N GLY B 267 37.63 -29.82 -52.57
CA GLY B 267 36.61 -30.14 -51.60
C GLY B 267 35.81 -31.39 -51.96
N LEU B 268 34.71 -31.64 -51.24
CA LEU B 268 33.83 -32.75 -51.58
C LEU B 268 32.38 -32.29 -51.53
N GLN B 269 31.51 -33.11 -52.11
CA GLN B 269 30.10 -32.77 -52.24
C GLN B 269 29.31 -34.05 -52.44
N LEU B 270 28.42 -34.35 -51.50
CA LEU B 270 27.65 -35.59 -51.54
C LEU B 270 26.58 -35.50 -52.63
N ILE B 271 26.63 -36.40 -53.62
CA ILE B 271 25.64 -36.36 -54.68
C ILE B 271 24.30 -36.86 -54.14
N ASN B 272 23.23 -36.18 -54.54
CA ASN B 272 21.88 -36.36 -53.99
C ASN B 272 21.85 -36.14 -52.48
N GLY B 273 22.81 -35.40 -51.95
CA GLY B 273 22.95 -35.19 -50.52
C GLY B 273 21.84 -34.36 -49.92
N LYS B 274 21.69 -33.12 -50.37
CA LYS B 274 20.70 -32.20 -49.84
C LYS B 274 19.37 -32.27 -50.59
N ASN B 275 19.21 -33.24 -51.48
CA ASN B 275 17.94 -33.44 -52.17
C ASN B 275 17.01 -34.24 -51.26
N GLU B 276 16.13 -33.54 -50.55
CA GLU B 276 15.31 -34.22 -49.55
C GLU B 276 14.24 -35.09 -50.21
N SER B 277 13.77 -34.69 -51.39
CA SER B 277 12.73 -35.44 -52.09
C SER B 277 13.17 -36.89 -52.32
N ALA B 278 14.29 -37.07 -53.03
CA ALA B 278 14.75 -38.41 -53.37
C ALA B 278 14.98 -39.26 -52.12
N HIS B 279 15.44 -38.64 -51.04
CA HIS B 279 15.66 -39.40 -49.81
C HIS B 279 14.33 -39.81 -49.17
N ILE B 280 13.28 -38.99 -49.31
CA ILE B 280 11.98 -39.35 -48.75
C ILE B 280 11.44 -40.61 -49.41
N SER B 281 11.33 -40.60 -50.74
CA SER B 281 10.81 -41.77 -51.44
C SER B 281 11.74 -42.97 -51.31
N ASP B 282 13.05 -42.77 -51.42
CA ASP B 282 13.97 -43.89 -51.23
C ASP B 282 13.76 -44.54 -49.88
N ALA B 283 13.77 -43.74 -48.81
CA ALA B 283 13.61 -44.30 -47.48
C ALA B 283 12.20 -44.82 -47.27
N VAL B 284 11.20 -44.28 -47.98
CA VAL B 284 9.86 -44.86 -47.93
C VAL B 284 9.87 -46.24 -48.59
N ALA B 285 10.57 -46.37 -49.71
CA ALA B 285 10.75 -47.69 -50.33
C ALA B 285 11.43 -48.64 -49.37
N VAL B 286 12.44 -48.16 -48.63
CA VAL B 286 13.19 -49.01 -47.72
C VAL B 286 12.28 -49.52 -46.60
N VAL B 287 11.59 -48.60 -45.92
CA VAL B 287 10.74 -49.00 -44.80
C VAL B 287 9.57 -49.85 -45.27
N ALA B 288 9.16 -49.69 -46.54
CA ALA B 288 8.11 -50.54 -47.08
C ALA B 288 8.58 -51.98 -47.21
N GLN B 289 9.68 -52.20 -47.95
CA GLN B 289 10.26 -53.52 -48.06
C GLN B 289 10.54 -54.13 -46.69
N ALA B 290 10.99 -53.32 -45.74
CA ALA B 290 11.30 -53.83 -44.40
C ALA B 290 10.04 -54.16 -43.60
N ILE B 291 8.95 -53.42 -43.82
CA ILE B 291 7.68 -53.77 -43.17
C ILE B 291 7.18 -55.11 -43.68
N HIS B 292 7.27 -55.34 -45.00
CA HIS B 292 6.94 -56.65 -45.54
C HIS B 292 7.79 -57.74 -44.89
N GLU B 293 9.10 -57.54 -44.86
CA GLU B 293 10.00 -58.53 -44.29
C GLU B 293 9.70 -58.77 -42.81
N LEU B 294 9.30 -57.72 -42.08
CA LEU B 294 9.06 -57.87 -40.65
C LEU B 294 7.77 -58.63 -40.38
N PHE B 295 6.72 -58.39 -41.17
CA PHE B 295 5.49 -59.14 -41.01
C PHE B 295 5.62 -60.57 -41.51
N GLU B 296 6.61 -60.85 -42.36
CA GLU B 296 6.90 -62.24 -42.70
C GLU B 296 7.39 -63.01 -41.49
N MET B 297 7.98 -62.33 -40.51
CA MET B 297 8.38 -62.95 -39.27
C MET B 297 7.16 -63.17 -38.39
N GLU B 298 7.39 -63.64 -37.16
CA GLU B 298 6.31 -63.98 -36.25
C GLU B 298 6.47 -63.22 -34.94
N ASN B 299 5.35 -63.07 -34.23
CA ASN B 299 5.31 -62.44 -32.90
C ASN B 299 5.73 -60.98 -32.96
N ILE B 300 5.10 -60.22 -33.85
CA ILE B 300 5.37 -58.79 -34.01
C ILE B 300 4.33 -58.01 -33.20
N THR B 301 4.79 -57.25 -32.20
CA THR B 301 3.90 -56.49 -31.33
C THR B 301 3.43 -55.19 -32.01
N ASP B 302 2.39 -54.58 -31.40
CA ASP B 302 1.99 -53.24 -31.85
C ASP B 302 2.80 -52.19 -31.09
N PRO B 303 3.33 -51.18 -31.79
CA PRO B 303 4.11 -50.13 -31.13
C PRO B 303 3.28 -49.35 -30.14
N PRO B 304 3.90 -48.56 -29.26
CA PRO B 304 3.15 -47.82 -28.25
C PRO B 304 2.21 -46.80 -28.87
N ARG B 305 1.11 -46.53 -28.17
CA ARG B 305 0.09 -45.56 -28.57
C ARG B 305 0.15 -44.36 -27.61
N GLY B 306 1.01 -43.39 -27.92
CA GLY B 306 1.16 -42.21 -27.10
C GLY B 306 2.29 -42.32 -26.08
N CYS B 307 2.69 -41.17 -25.54
CA CYS B 307 3.77 -41.24 -24.56
C CYS B 307 3.27 -41.48 -23.14
N VAL B 308 2.29 -40.70 -22.69
CA VAL B 308 1.77 -40.76 -21.32
C VAL B 308 1.06 -42.09 -21.09
N GLY B 309 1.61 -42.89 -20.16
CA GLY B 309 1.10 -44.20 -19.80
C GLY B 309 2.01 -45.30 -20.28
N ASN B 310 2.74 -45.06 -21.36
CA ASN B 310 3.61 -46.05 -21.98
C ASN B 310 5.01 -45.89 -21.40
N THR B 311 5.27 -46.57 -20.29
CA THR B 311 6.62 -46.52 -19.76
C THR B 311 7.51 -47.67 -20.21
N ASN B 312 6.99 -48.61 -20.97
CA ASN B 312 7.78 -49.77 -21.38
C ASN B 312 8.19 -49.63 -22.83
N ILE B 313 9.15 -50.44 -23.23
CA ILE B 313 9.83 -50.30 -24.51
C ILE B 313 9.15 -51.20 -25.53
N TRP B 314 9.14 -50.76 -26.79
CA TRP B 314 8.55 -51.53 -27.87
C TRP B 314 9.32 -52.83 -28.04
N LYS B 315 8.66 -53.96 -27.73
CA LYS B 315 9.37 -55.23 -27.64
C LYS B 315 9.97 -55.65 -28.98
N THR B 316 9.27 -55.44 -30.10
CA THR B 316 9.81 -55.83 -31.40
C THR B 316 10.43 -54.67 -32.13
N GLY B 317 10.83 -53.61 -31.42
CA GLY B 317 11.53 -52.50 -32.02
C GLY B 317 12.92 -52.87 -32.48
N PRO B 318 13.77 -53.32 -31.56
CA PRO B 318 15.14 -53.70 -31.95
C PRO B 318 15.18 -54.67 -33.12
N LEU B 319 14.27 -55.66 -33.14
CA LEU B 319 14.20 -56.58 -34.27
C LEU B 319 13.86 -55.84 -35.56
N PHE B 320 12.91 -54.89 -35.50
CA PHE B 320 12.54 -54.15 -36.70
C PHE B 320 13.73 -53.34 -37.23
N LYS B 321 14.49 -52.72 -36.34
CA LYS B 321 15.65 -51.96 -36.79
C LYS B 321 16.72 -52.89 -37.35
N ARG B 322 16.89 -54.07 -36.74
CA ARG B 322 17.75 -55.10 -37.31
C ARG B 322 17.30 -55.49 -38.71
N VAL B 323 15.98 -55.52 -38.93
CA VAL B 323 15.47 -55.73 -40.27
C VAL B 323 15.82 -54.55 -41.18
N LEU B 324 15.74 -53.34 -40.63
CA LEU B 324 16.05 -52.15 -41.42
C LEU B 324 17.50 -52.13 -41.90
N MET B 325 18.44 -52.44 -41.00
CA MET B 325 19.84 -52.47 -41.41
C MET B 325 20.13 -53.64 -42.34
N SER B 326 19.40 -54.75 -42.18
CA SER B 326 19.63 -55.93 -42.98
C SER B 326 18.56 -56.09 -44.06
N TYR B 329 17.79 -54.15 -49.12
CA TYR B 329 18.44 -52.89 -49.47
C TYR B 329 19.09 -52.94 -50.88
N PRO B 330 18.28 -53.25 -51.91
CA PRO B 330 18.82 -53.40 -53.28
C PRO B 330 19.19 -52.12 -54.01
N ASP B 331 18.27 -51.17 -54.18
CA ASP B 331 18.56 -49.98 -54.97
C ASP B 331 17.71 -48.79 -54.53
N GLY B 332 18.14 -47.59 -54.94
CA GLY B 332 17.42 -46.37 -54.63
C GLY B 332 17.63 -45.28 -55.67
N VAL B 333 16.81 -44.23 -55.56
CA VAL B 333 16.96 -43.05 -56.42
C VAL B 333 18.33 -42.41 -56.23
N THR B 334 18.81 -42.40 -54.97
CA THR B 334 20.09 -41.78 -54.65
C THR B 334 21.27 -42.67 -55.01
N GLY B 335 21.06 -43.98 -55.11
CA GLY B 335 22.11 -44.91 -55.44
C GLY B 335 21.93 -46.18 -54.65
N ARG B 336 22.94 -47.04 -54.70
CA ARG B 336 22.90 -48.30 -53.97
C ARG B 336 22.64 -48.05 -52.49
N ILE B 337 21.39 -48.25 -52.08
CA ILE B 337 20.97 -47.97 -50.70
C ILE B 337 21.29 -49.17 -49.84
N GLU B 338 22.28 -49.04 -48.94
CA GLU B 338 22.63 -50.02 -47.90
C GLU B 338 23.41 -49.34 -46.78
N PHE B 339 23.27 -49.88 -45.57
CA PHE B 339 23.76 -49.28 -44.34
C PHE B 339 24.94 -50.05 -43.77
N ASN B 340 25.67 -49.38 -42.89
CA ASN B 340 26.82 -49.89 -42.15
C ASN B 340 26.33 -50.61 -40.89
N GLU B 341 27.26 -50.97 -39.99
CA GLU B 341 26.97 -51.53 -38.69
C GLU B 341 26.29 -50.55 -37.73
N ASP B 342 26.36 -49.24 -37.97
CA ASP B 342 25.72 -48.27 -37.10
C ASP B 342 24.41 -47.73 -37.65
N GLY B 343 24.02 -48.14 -38.85
CA GLY B 343 22.87 -47.57 -39.51
C GLY B 343 23.21 -46.42 -40.43
N ASP B 344 24.48 -46.07 -40.57
CA ASP B 344 24.87 -45.03 -41.51
C ASP B 344 24.94 -45.64 -42.89
N ARG B 345 24.67 -44.83 -43.90
CA ARG B 345 24.52 -45.39 -45.23
C ARG B 345 25.87 -45.65 -45.88
N LYS B 346 26.01 -46.80 -46.51
CA LYS B 346 27.19 -47.22 -47.25
C LYS B 346 26.97 -47.05 -48.75
N PHE B 347 28.08 -46.97 -49.47
CA PHE B 347 28.08 -46.85 -50.93
C PHE B 347 27.43 -45.54 -51.37
N ALA B 348 28.14 -44.46 -51.08
CA ALA B 348 27.76 -43.11 -51.51
C ALA B 348 28.88 -42.47 -52.30
N GLN B 349 28.50 -41.77 -53.37
CA GLN B 349 29.40 -41.06 -54.26
C GLN B 349 29.53 -39.62 -53.83
N TYR B 350 30.69 -39.04 -54.05
CA TYR B 350 30.86 -37.61 -53.86
C TYR B 350 31.40 -36.95 -55.11
N SER B 351 30.78 -35.85 -55.50
CA SER B 351 31.37 -34.92 -56.46
C SER B 351 32.69 -34.37 -55.91
N ILE B 352 33.80 -34.73 -56.55
CA ILE B 352 35.10 -34.20 -56.17
C ILE B 352 35.30 -32.84 -56.83
N MET B 353 35.47 -31.81 -56.02
CA MET B 353 35.42 -30.44 -56.48
C MET B 353 36.76 -29.73 -56.30
N ASN B 354 37.06 -28.86 -57.25
CA ASN B 354 38.25 -28.03 -57.24
C ASN B 354 37.79 -26.61 -57.51
N LEU B 355 38.37 -25.63 -56.81
CA LEU B 355 37.88 -24.25 -56.92
C LEU B 355 38.76 -23.52 -57.93
N GLN B 356 38.31 -23.51 -59.18
CA GLN B 356 39.02 -22.86 -60.27
C GLN B 356 38.50 -21.43 -60.44
N ASN B 357 39.42 -20.47 -60.43
CA ASN B 357 39.10 -19.06 -60.61
C ASN B 357 37.91 -18.63 -59.77
N ARG B 358 37.95 -19.01 -58.48
CA ARG B 358 36.91 -18.72 -57.51
C ARG B 358 35.56 -19.32 -57.91
N LYS B 359 35.60 -20.55 -58.44
CA LYS B 359 34.40 -21.25 -58.83
C LYS B 359 34.63 -22.74 -58.69
N LEU B 360 33.62 -23.44 -58.17
CA LEU B 360 33.75 -24.87 -57.91
C LEU B 360 33.47 -25.67 -59.18
N VAL B 361 34.45 -26.48 -59.57
CA VAL B 361 34.38 -27.32 -60.77
C VAL B 361 34.53 -28.75 -60.29
N GLN B 362 33.90 -29.69 -60.99
CA GLN B 362 34.01 -31.09 -60.57
C GLN B 362 35.06 -31.78 -61.42
N VAL B 363 36.18 -32.12 -60.80
CA VAL B 363 37.28 -32.80 -61.47
C VAL B 363 37.12 -34.30 -61.45
N GLY B 364 36.17 -34.81 -60.68
CA GLY B 364 35.96 -36.24 -60.62
C GLY B 364 34.79 -36.60 -59.74
N ILE B 365 34.68 -37.90 -59.48
CA ILE B 365 33.58 -38.47 -58.72
C ILE B 365 34.07 -39.77 -58.10
N PHE B 366 33.67 -40.01 -56.86
CA PHE B 366 34.15 -41.15 -56.08
C PHE B 366 33.12 -42.27 -56.16
N ASN B 367 33.34 -43.20 -57.10
CA ASN B 367 32.53 -44.40 -57.32
C ASN B 367 31.87 -44.91 -56.04
N GLY B 368 32.68 -45.09 -55.00
CA GLY B 368 32.25 -45.75 -53.78
C GLY B 368 33.36 -46.66 -53.30
N SER B 369 34.28 -46.95 -54.21
CA SER B 369 35.49 -47.70 -53.92
C SER B 369 36.64 -47.08 -54.70
N TYR B 370 36.55 -47.12 -56.03
CA TYR B 370 37.51 -46.44 -56.87
C TYR B 370 37.16 -44.96 -56.99
N ILE B 371 38.12 -44.18 -57.45
CA ILE B 371 37.94 -42.74 -57.63
C ILE B 371 38.23 -42.42 -59.09
N ILE B 372 37.26 -41.78 -59.75
CA ILE B 372 37.28 -41.60 -61.20
C ILE B 372 37.34 -40.11 -61.52
N GLN B 373 38.18 -39.75 -62.47
CA GLN B 373 38.35 -38.36 -62.90
C GLN B 373 37.61 -38.15 -64.22
N ASN B 374 37.02 -36.96 -64.37
CA ASN B 374 36.30 -36.64 -65.59
C ASN B 374 37.22 -35.89 -66.56
N ASP B 375 36.64 -35.30 -67.59
CA ASP B 375 37.43 -34.68 -68.65
C ASP B 375 38.24 -33.49 -68.13
N ARG B 376 37.64 -32.69 -67.23
CA ARG B 376 38.27 -31.46 -66.80
C ARG B 376 39.61 -31.74 -66.12
N LYS B 377 40.56 -30.82 -66.33
CA LYS B 377 41.86 -30.92 -65.72
C LYS B 377 41.83 -30.23 -64.37
N ILE B 378 42.66 -30.70 -63.46
CA ILE B 378 42.68 -30.20 -62.09
C ILE B 378 43.84 -29.22 -61.93
N ILE B 379 43.58 -28.12 -61.23
CA ILE B 379 44.58 -27.09 -60.98
C ILE B 379 44.82 -27.03 -59.48
N TRP B 380 46.08 -27.09 -59.09
CA TRP B 380 46.52 -27.01 -57.71
C TRP B 380 46.66 -25.55 -57.32
N PRO B 381 46.71 -25.25 -56.01
CA PRO B 381 46.89 -23.85 -55.58
C PRO B 381 48.16 -23.21 -56.15
N SER C 1 4.84 23.37 -1.03
CA SER C 1 5.59 23.52 0.21
C SER C 1 4.77 24.08 1.39
N PRO C 2 4.11 25.22 1.23
CA PRO C 2 3.35 25.79 2.35
C PRO C 2 2.14 24.93 2.68
N PRO C 3 1.97 24.56 3.95
CA PRO C 3 0.81 23.75 4.33
C PRO C 3 -0.49 24.51 4.13
N SER C 4 -1.55 23.76 3.87
CA SER C 4 -2.88 24.31 3.66
C SER C 4 -3.68 24.25 4.95
N ILE C 5 -4.48 25.29 5.21
CA ILE C 5 -5.38 25.33 6.35
C ILE C 5 -6.79 25.52 5.85
N GLY C 6 -7.74 24.94 6.59
CA GLY C 6 -9.13 25.02 6.19
C GLY C 6 -9.87 26.16 6.85
N ILE C 7 -10.30 27.13 6.05
CA ILE C 7 -11.11 28.26 6.53
C ILE C 7 -12.51 28.08 5.96
N ALA C 8 -13.51 28.03 6.83
CA ALA C 8 -14.90 28.01 6.42
C ALA C 8 -15.39 29.45 6.29
N VAL C 9 -15.89 29.81 5.12
CA VAL C 9 -16.49 31.12 4.89
C VAL C 9 -17.99 30.89 4.78
N ILE C 10 -18.71 31.16 5.88
CA ILE C 10 -20.12 30.85 6.00
C ILE C 10 -20.94 32.11 5.74
N LEU C 11 -21.84 32.04 4.76
CA LEU C 11 -22.67 33.16 4.33
C LEU C 11 -24.13 32.84 4.58
N VAL C 12 -24.77 33.62 5.46
CA VAL C 12 -26.15 33.40 5.84
C VAL C 12 -27.01 34.38 5.05
N GLY C 13 -27.68 33.90 4.00
CA GLY C 13 -28.45 34.80 3.15
C GLY C 13 -27.62 35.92 2.57
N THR C 14 -26.34 35.66 2.31
CA THR C 14 -25.35 36.67 1.94
C THR C 14 -24.94 36.45 0.50
N SER C 15 -25.80 36.87 -0.43
CA SER C 15 -25.49 36.91 -1.84
C SER C 15 -24.48 38.03 -2.11
N ASP C 16 -23.64 37.89 -3.13
CA ASP C 16 -23.64 36.73 -4.01
C ASP C 16 -22.41 35.86 -3.78
N GLU C 17 -22.62 34.55 -3.71
CA GLU C 17 -21.51 33.63 -3.48
C GLU C 17 -20.53 33.63 -4.64
N VAL C 18 -20.92 34.13 -5.81
CA VAL C 18 -19.98 34.15 -6.91
C VAL C 18 -18.97 35.27 -6.73
N ALA C 19 -19.46 36.50 -6.55
CA ALA C 19 -18.54 37.62 -6.37
C ALA C 19 -17.60 37.39 -5.20
N ILE C 20 -18.04 36.66 -4.18
CA ILE C 20 -17.18 36.35 -3.05
C ILE C 20 -16.15 35.30 -3.44
N LYS C 21 -16.54 34.31 -4.23
CA LYS C 21 -15.57 33.30 -4.63
C LYS C 21 -14.47 33.92 -5.50
N ASP C 22 -14.85 34.66 -6.54
CA ASP C 22 -13.86 35.09 -7.53
C ASP C 22 -12.89 36.11 -6.96
N ALA C 23 -13.33 36.92 -5.99
CA ALA C 23 -12.48 37.96 -5.44
C ALA C 23 -11.27 37.38 -4.73
N HIS C 24 -11.50 36.41 -3.84
CA HIS C 24 -10.40 35.79 -3.12
C HIS C 24 -9.63 34.79 -3.97
N GLU C 25 -10.28 34.07 -4.89
CA GLU C 25 -9.57 32.96 -5.53
C GLU C 25 -8.46 33.40 -6.47
N LYS C 26 -8.17 34.70 -6.57
CA LYS C 26 -6.95 35.21 -7.18
C LYS C 26 -5.91 35.74 -6.19
N ASP C 27 -6.17 35.71 -4.89
CA ASP C 27 -5.16 36.17 -3.95
C ASP C 27 -4.17 35.05 -3.72
N ASP C 28 -2.93 35.26 -4.13
CA ASP C 28 -1.93 34.20 -4.06
C ASP C 28 -1.28 34.35 -2.70
N PHE C 29 -1.69 33.50 -1.77
CA PHE C 29 -1.16 33.52 -0.42
C PHE C 29 0.16 32.81 -0.30
N HIS C 30 0.73 32.36 -1.42
CA HIS C 30 2.12 31.97 -1.40
C HIS C 30 2.92 33.25 -1.20
N HIS C 31 4.16 33.11 -0.73
CA HIS C 31 4.98 34.18 -0.11
C HIS C 31 4.57 34.27 1.35
N LEU C 32 3.74 33.33 1.79
CA LEU C 32 3.37 33.12 3.17
C LEU C 32 3.83 31.71 3.51
N SER C 33 3.99 31.42 4.80
CA SER C 33 4.34 30.06 5.15
C SER C 33 3.14 29.12 5.10
N VAL C 34 1.95 29.68 4.96
CA VAL C 34 0.69 28.94 5.00
C VAL C 34 -0.24 29.51 3.95
N VAL C 35 -1.01 28.64 3.29
CA VAL C 35 -1.99 29.09 2.30
C VAL C 35 -3.36 28.52 2.67
N PRO C 36 -4.45 29.22 2.35
CA PRO C 36 -5.77 28.80 2.81
C PRO C 36 -6.50 27.93 1.80
N ARG C 37 -7.32 27.03 2.36
CA ARG C 37 -8.18 26.16 1.57
C ARG C 37 -9.62 26.47 1.97
N VAL C 38 -10.28 27.30 1.18
CA VAL C 38 -11.54 27.94 1.57
C VAL C 38 -12.71 27.11 1.09
N GLU C 39 -13.69 26.91 1.96
CA GLU C 39 -14.92 26.18 1.64
C GLU C 39 -16.12 27.00 2.09
N LEU C 40 -16.82 27.61 1.14
CA LEU C 40 -18.01 28.38 1.47
C LEU C 40 -19.20 27.50 1.76
N VAL C 41 -20.09 27.99 2.61
CA VAL C 41 -21.36 27.31 2.91
C VAL C 41 -22.45 28.37 2.90
N ALA C 42 -23.36 28.29 1.93
CA ALA C 42 -24.50 29.19 1.85
C ALA C 42 -25.65 28.61 2.66
N MET C 43 -26.20 29.41 3.57
CA MET C 43 -27.30 28.98 4.43
C MET C 43 -28.42 30.01 4.40
N ASN C 44 -29.64 29.53 4.65
CA ASN C 44 -30.79 30.40 4.74
C ASN C 44 -31.42 30.44 6.13
N GLU C 45 -31.04 29.54 7.03
CA GLU C 45 -31.66 29.40 8.35
C GLU C 45 -30.79 30.03 9.43
N THR C 46 -31.24 31.12 10.03
CA THR C 46 -30.42 31.85 11.00
C THR C 46 -30.99 31.70 12.42
N ASP C 47 -30.89 30.49 12.99
CA ASP C 47 -31.27 30.24 14.37
C ASP C 47 -30.12 29.58 15.13
N PRO C 48 -30.16 29.55 16.48
CA PRO C 48 -29.01 29.02 17.22
C PRO C 48 -28.67 27.58 16.85
N LYS C 49 -29.68 26.71 16.72
CA LYS C 49 -29.39 25.32 16.41
C LYS C 49 -28.78 25.14 15.02
N SER C 50 -29.26 25.89 14.02
CA SER C 50 -28.76 25.69 12.67
C SER C 50 -27.31 26.16 12.55
N ILE C 51 -27.00 27.33 13.10
CA ILE C 51 -25.63 27.84 13.07
C ILE C 51 -24.69 26.90 13.80
N ILE C 52 -25.09 26.45 15.00
CA ILE C 52 -24.27 25.51 15.75
C ILE C 52 -24.08 24.21 14.97
N THR C 53 -25.18 23.58 14.55
CA THR C 53 -25.05 22.30 13.87
C THR C 53 -24.44 22.44 12.49
N ARG C 54 -24.22 23.66 12.01
CA ARG C 54 -23.39 23.85 10.83
C ARG C 54 -21.92 23.89 11.21
N ILE C 55 -21.55 24.75 12.15
CA ILE C 55 -20.14 24.87 12.53
C ILE C 55 -19.58 23.52 12.97
N CYS C 56 -20.30 22.85 13.88
CA CYS C 56 -19.80 21.60 14.43
C CYS C 56 -19.68 20.53 13.36
N ASP C 57 -20.67 20.41 12.49
CA ASP C 57 -20.54 19.41 11.45
C ASP C 57 -19.33 19.72 10.56
N LEU C 58 -19.14 20.99 10.20
CA LEU C 58 -17.97 21.33 9.38
C LEU C 58 -16.66 20.98 10.07
N MET C 59 -16.59 21.16 11.39
CA MET C 59 -15.38 20.82 12.14
C MET C 59 -15.10 19.33 12.11
N SER C 60 -16.14 18.49 12.16
CA SER C 60 -15.91 17.06 12.27
C SER C 60 -15.57 16.45 10.91
N ASP C 61 -16.13 16.96 9.81
CA ASP C 61 -15.74 16.43 8.50
C ASP C 61 -14.37 16.96 8.12
N ARG C 62 -14.27 18.25 7.86
CA ARG C 62 -13.02 18.83 7.38
C ARG C 62 -12.20 19.32 8.56
N LYS C 63 -10.93 19.60 8.30
CA LYS C 63 -10.04 20.20 9.31
C LYS C 63 -10.22 21.72 9.24
N ILE C 64 -10.96 22.26 10.19
CA ILE C 64 -11.31 23.68 10.19
C ILE C 64 -10.35 24.43 11.10
N GLN C 65 -9.58 25.33 10.51
CA GLN C 65 -8.66 26.17 11.27
C GLN C 65 -9.26 27.53 11.63
N GLY C 66 -10.11 28.09 10.75
CA GLY C 66 -10.75 29.35 11.03
C GLY C 66 -12.12 29.42 10.38
N VAL C 67 -12.96 30.29 10.94
CA VAL C 67 -14.33 30.49 10.45
C VAL C 67 -14.53 31.98 10.21
N VAL C 68 -15.10 32.33 9.07
CA VAL C 68 -15.42 33.71 8.73
C VAL C 68 -16.92 33.80 8.48
N PHE C 69 -17.60 34.62 9.28
CA PHE C 69 -19.06 34.66 9.30
C PHE C 69 -19.56 36.02 8.84
N ALA C 70 -20.43 36.02 7.83
CA ALA C 70 -21.09 37.23 7.35
C ALA C 70 -22.60 37.02 7.44
N ASP C 71 -23.33 38.12 7.71
CA ASP C 71 -24.76 38.04 8.03
C ASP C 71 -25.50 39.16 7.29
N ASP C 72 -26.81 39.00 7.17
CA ASP C 72 -27.72 39.94 6.54
C ASP C 72 -28.84 40.34 7.49
N THR C 73 -28.55 40.46 8.77
CA THR C 73 -29.56 40.75 9.78
C THR C 73 -29.08 41.89 10.68
N ASP C 74 -29.99 42.36 11.54
CA ASP C 74 -29.69 43.30 12.60
C ASP C 74 -29.86 42.64 13.96
N GLN C 75 -29.57 41.35 14.05
N GLN C 75 -29.56 41.35 14.05
CA GLN C 75 -29.74 40.56 15.27
CA GLN C 75 -29.73 40.56 15.26
C GLN C 75 -28.39 40.40 15.96
C GLN C 75 -28.39 40.42 15.96
N GLU C 76 -28.22 41.11 17.08
CA GLU C 76 -26.97 41.03 17.82
C GLU C 76 -26.77 39.66 18.44
N ALA C 77 -27.85 38.93 18.72
CA ALA C 77 -27.73 37.62 19.36
C ALA C 77 -26.90 36.64 18.54
N ILE C 78 -26.76 36.90 17.24
CA ILE C 78 -25.84 36.12 16.40
C ILE C 78 -24.45 36.13 16.99
N ALA C 79 -23.90 37.33 17.20
CA ALA C 79 -22.51 37.48 17.65
C ALA C 79 -22.25 36.69 18.93
N GLN C 80 -23.09 36.88 19.94
CA GLN C 80 -22.91 36.19 21.21
C GLN C 80 -22.81 34.67 20.99
N ILE C 81 -23.73 34.13 20.18
CA ILE C 81 -23.74 32.69 19.90
C ILE C 81 -22.41 32.25 19.33
N LEU C 82 -21.92 32.99 18.32
CA LEU C 82 -20.63 32.62 17.74
C LEU C 82 -19.51 32.92 18.69
N ASP C 83 -19.58 33.98 19.49
CA ASP C 83 -18.52 34.07 20.47
C ASP C 83 -18.63 32.92 21.46
N PHE C 84 -19.85 32.45 21.76
CA PHE C 84 -19.98 31.28 22.63
C PHE C 84 -19.40 30.04 21.95
N ILE C 85 -19.49 29.98 20.62
CA ILE C 85 -18.96 28.86 19.86
C ILE C 85 -17.44 28.90 19.85
N SER C 86 -16.89 30.05 19.44
CA SER C 86 -15.47 30.33 19.53
C SER C 86 -14.84 29.76 20.79
N ALA C 87 -15.38 30.11 21.97
CA ALA C 87 -14.71 29.76 23.22
C ALA C 87 -14.77 28.26 23.50
N GLN C 88 -15.86 27.58 23.16
CA GLN C 88 -15.97 26.19 23.54
C GLN C 88 -15.27 25.24 22.56
N THR C 89 -14.85 25.74 21.40
CA THR C 89 -14.06 24.95 20.47
C THR C 89 -12.68 25.57 20.26
N LEU C 90 -12.40 26.70 20.92
CA LEU C 90 -11.17 27.46 20.81
C LEU C 90 -10.73 27.60 19.36
N THR C 91 -11.70 27.77 18.48
CA THR C 91 -11.42 28.02 17.09
C THR C 91 -11.83 29.43 16.70
N PRO C 92 -10.98 30.13 15.95
CA PRO C 92 -11.26 31.54 15.65
C PRO C 92 -12.49 31.71 14.77
N ILE C 93 -13.28 32.72 15.08
CA ILE C 93 -14.39 33.16 14.25
C ILE C 93 -14.27 34.66 14.08
N LEU C 94 -14.49 35.14 12.87
CA LEU C 94 -14.51 36.58 12.60
C LEU C 94 -15.89 36.98 12.10
N GLY C 95 -16.58 37.81 12.88
CA GLY C 95 -17.86 38.35 12.44
C GLY C 95 -17.67 39.58 11.60
N ILE C 96 -17.87 39.46 10.29
CA ILE C 96 -17.49 40.50 9.35
C ILE C 96 -18.67 41.28 8.79
N HIS C 97 -19.91 40.85 9.04
CA HIS C 97 -21.06 41.54 8.46
C HIS C 97 -22.31 41.15 9.22
N GLY C 98 -23.28 42.08 9.26
CA GLY C 98 -24.55 41.77 9.88
C GLY C 98 -24.47 41.67 11.38
N GLY C 99 -25.31 40.80 11.94
CA GLY C 99 -25.32 40.60 13.39
C GLY C 99 -24.02 40.02 13.92
N SER C 100 -23.29 39.28 13.08
CA SER C 100 -21.98 38.79 13.46
C SER C 100 -20.99 39.91 13.71
N SER C 101 -21.23 41.09 13.15
CA SER C 101 -20.36 42.24 13.35
C SER C 101 -20.92 43.26 14.33
N MET C 102 -22.12 43.03 14.88
CA MET C 102 -22.67 43.94 15.89
C MET C 102 -21.83 43.83 17.16
N ILE C 103 -21.00 44.84 17.40
CA ILE C 103 -19.88 44.72 18.35
C ILE C 103 -20.38 44.34 19.73
N MET C 104 -19.76 43.32 20.31
CA MET C 104 -20.13 42.76 21.59
CA MET C 104 -20.16 42.79 21.61
C MET C 104 -18.99 42.99 22.57
N ALA C 105 -19.01 44.11 23.27
CA ALA C 105 -18.05 44.32 24.32
C ALA C 105 -18.24 43.29 25.43
N ASP C 106 -17.17 43.05 26.20
CA ASP C 106 -17.22 42.26 27.44
C ASP C 106 -17.51 40.78 27.16
N LYS C 107 -16.69 40.13 26.31
CA LYS C 107 -17.10 38.75 26.11
C LYS C 107 -15.98 37.79 26.56
N ASP C 108 -16.29 36.53 26.35
CA ASP C 108 -15.76 35.41 27.09
C ASP C 108 -14.25 35.46 27.15
N GLU C 109 -13.71 35.11 28.32
CA GLU C 109 -12.27 35.16 28.49
C GLU C 109 -11.57 34.22 27.53
N SER C 110 -12.16 33.07 27.27
CA SER C 110 -11.60 32.06 26.39
C SER C 110 -11.84 32.33 24.91
N SER C 111 -12.50 33.44 24.57
CA SER C 111 -13.01 33.62 23.22
C SER C 111 -11.91 33.90 22.22
N MET C 112 -12.14 33.44 20.98
CA MET C 112 -11.35 33.79 19.81
C MET C 112 -12.23 34.41 18.73
N PHE C 113 -13.25 35.15 19.15
CA PHE C 113 -14.21 35.79 18.26
C PHE C 113 -13.84 37.26 18.12
N PHE C 114 -13.71 37.70 16.88
CA PHE C 114 -13.30 39.06 16.56
C PHE C 114 -14.24 39.63 15.49
N GLN C 115 -14.62 40.89 15.65
CA GLN C 115 -15.62 41.49 14.81
C GLN C 115 -15.05 42.66 14.00
N PHE C 116 -15.48 42.75 12.74
CA PHE C 116 -15.23 43.91 11.91
C PHE C 116 -16.10 45.07 12.38
N GLY C 117 -15.59 45.91 13.27
CA GLY C 117 -16.37 47.02 13.78
C GLY C 117 -15.65 47.78 14.87
N PRO C 118 -16.24 48.92 15.28
CA PRO C 118 -15.57 49.78 16.25
C PRO C 118 -16.13 49.68 17.67
N SER C 119 -15.39 50.21 18.62
CA SER C 119 -15.84 50.31 20.00
C SER C 119 -16.63 51.60 20.21
N ILE C 120 -17.32 51.68 21.35
CA ILE C 120 -18.03 52.90 21.71
C ILE C 120 -17.03 54.05 21.87
N GLU C 121 -15.86 53.75 22.44
CA GLU C 121 -14.86 54.79 22.67
C GLU C 121 -14.30 55.32 21.36
N GLN C 122 -14.14 54.46 20.36
CA GLN C 122 -13.57 54.89 19.09
C GLN C 122 -14.45 55.92 18.39
N GLN C 123 -15.76 55.66 18.33
CA GLN C 123 -16.63 56.60 17.63
C GLN C 123 -16.84 57.87 18.45
N ALA C 124 -16.83 57.76 19.78
CA ALA C 124 -16.81 58.96 20.61
C ALA C 124 -15.62 59.83 20.26
N SER C 125 -14.45 59.20 20.07
CA SER C 125 -13.28 59.92 19.61
C SER C 125 -13.51 60.60 18.27
N VAL C 126 -14.24 59.94 17.36
CA VAL C 126 -14.51 60.53 16.06
C VAL C 126 -15.43 61.72 16.20
N MET C 127 -16.44 61.61 17.06
CA MET C 127 -17.30 62.76 17.35
C MET C 127 -16.51 63.97 17.78
N LEU C 128 -15.71 63.81 18.82
CA LEU C 128 -15.00 64.96 19.35
C LEU C 128 -13.98 65.48 18.34
N ASN C 129 -13.54 64.62 17.41
CA ASN C 129 -12.68 65.10 16.35
C ASN C 129 -13.46 65.92 15.32
N ILE C 130 -14.72 65.54 15.06
CA ILE C 130 -15.59 66.36 14.22
C ILE C 130 -15.70 67.77 14.80
N MET C 131 -15.96 67.87 16.10
CA MET C 131 -16.05 69.16 16.76
C MET C 131 -14.73 69.92 16.66
N GLU C 132 -13.61 69.23 16.92
CA GLU C 132 -12.30 69.87 16.80
C GLU C 132 -12.08 70.43 15.39
N GLU C 133 -12.68 69.80 14.39
CA GLU C 133 -12.63 70.34 13.03
C GLU C 133 -13.39 71.66 12.95
N TYR C 134 -14.67 71.66 13.32
CA TYR C 134 -15.53 72.83 13.17
C TYR C 134 -15.88 73.47 14.52
N ASP C 135 -14.97 73.36 15.49
CA ASP C 135 -14.86 74.32 16.58
C ASP C 135 -16.12 74.40 17.44
N TRP C 136 -16.76 73.24 17.66
CA TRP C 136 -17.90 73.16 18.56
C TRP C 136 -17.39 72.66 19.91
N TYR C 137 -16.89 73.60 20.70
CA TYR C 137 -16.28 73.29 21.99
C TYR C 137 -17.26 73.44 23.15
N ILE C 138 -18.53 73.70 22.87
CA ILE C 138 -19.59 73.75 23.87
C ILE C 138 -20.64 72.71 23.50
N PHE C 139 -20.83 71.72 24.37
CA PHE C 139 -21.70 70.61 24.05
C PHE C 139 -22.31 70.04 25.32
N SER C 140 -23.25 69.12 25.14
CA SER C 140 -23.81 68.36 26.23
C SER C 140 -23.71 66.87 25.89
N ILE C 141 -24.19 66.05 26.82
CA ILE C 141 -24.29 64.60 26.64
C ILE C 141 -25.62 64.18 27.25
N VAL C 142 -26.34 63.29 26.57
CA VAL C 142 -27.58 62.80 27.13
C VAL C 142 -27.65 61.30 26.87
N THR C 143 -27.78 60.52 27.94
CA THR C 143 -27.49 59.10 27.96
C THR C 143 -28.60 58.36 28.70
N THR C 144 -28.83 57.11 28.31
CA THR C 144 -29.70 56.20 29.04
C THR C 144 -28.86 55.23 29.86
N TYR C 145 -29.53 54.44 30.70
CA TYR C 145 -28.82 53.42 31.48
C TYR C 145 -28.49 52.17 30.67
N PHE C 146 -28.70 52.21 29.36
CA PHE C 146 -28.37 51.08 28.50
C PHE C 146 -26.84 50.88 28.51
N PRO C 147 -26.36 49.61 28.57
CA PRO C 147 -24.92 49.37 28.80
C PRO C 147 -23.98 50.08 27.84
N GLY C 148 -22.70 50.13 28.25
CA GLY C 148 -21.72 50.99 27.62
C GLY C 148 -22.00 52.47 27.78
N TYR C 149 -23.06 52.82 28.50
CA TYR C 149 -23.43 54.21 28.73
C TYR C 149 -22.27 54.98 29.34
N GLN C 150 -21.75 54.53 30.47
CA GLN C 150 -20.74 55.31 31.14
C GLN C 150 -19.46 55.35 30.33
N ASP C 151 -19.03 54.18 29.82
CA ASP C 151 -17.86 54.11 28.95
C ASP C 151 -17.85 55.20 27.89
N PHE C 152 -19.02 55.50 27.33
CA PHE C 152 -19.16 56.61 26.38
C PHE C 152 -18.89 57.95 27.05
N VAL C 153 -19.66 58.26 28.10
CA VAL C 153 -19.44 59.48 28.86
C VAL C 153 -17.99 59.55 29.35
N ASN C 154 -17.48 58.42 29.87
CA ASN C 154 -16.08 58.37 30.31
C ASN C 154 -15.10 58.78 29.22
N LYS C 155 -15.28 58.25 28.00
CA LYS C 155 -14.36 58.57 26.91
C LYS C 155 -14.40 60.05 26.56
N ILE C 156 -15.60 60.64 26.49
CA ILE C 156 -15.71 62.06 26.20
C ILE C 156 -14.99 62.89 27.27
N ARG C 157 -15.42 62.74 28.52
CA ARG C 157 -14.85 63.55 29.59
C ARG C 157 -13.34 63.35 29.72
N SER C 158 -12.85 62.14 29.40
CA SER C 158 -11.41 61.87 29.51
C SER C 158 -10.63 62.64 28.45
N THR C 159 -11.02 62.52 27.18
CA THR C 159 -10.23 63.11 26.10
C THR C 159 -10.13 64.62 26.23
N ILE C 160 -11.07 65.25 26.92
CA ILE C 160 -11.03 66.69 27.09
C ILE C 160 -10.45 67.09 28.43
N GLU C 161 -10.64 66.27 29.46
CA GLU C 161 -9.90 66.49 30.71
C GLU C 161 -8.41 66.57 30.45
N ASN C 162 -7.87 65.60 29.72
CA ASN C 162 -6.46 65.58 29.33
C ASN C 162 -6.26 66.42 28.07
N SER C 163 -6.43 67.73 28.24
CA SER C 163 -6.28 68.66 27.13
C SER C 163 -6.08 70.07 27.68
N PHE C 164 -5.60 70.96 26.80
CA PHE C 164 -5.47 72.37 27.13
C PHE C 164 -6.50 73.27 26.46
N VAL C 165 -7.14 72.83 25.37
CA VAL C 165 -8.08 73.71 24.69
C VAL C 165 -9.39 73.75 25.49
N GLY C 166 -10.15 74.84 25.28
CA GLY C 166 -11.27 75.15 26.14
C GLY C 166 -12.55 74.41 25.82
N TRP C 167 -12.63 73.15 26.22
CA TRP C 167 -13.87 72.40 26.12
C TRP C 167 -14.81 72.81 27.23
N GLU C 168 -16.08 72.98 26.90
CA GLU C 168 -17.11 73.40 27.84
C GLU C 168 -18.26 72.40 27.77
N LEU C 169 -18.20 71.36 28.62
CA LEU C 169 -19.29 70.41 28.75
C LEU C 169 -20.38 70.99 29.64
N GLU C 170 -21.54 71.25 29.04
CA GLU C 170 -22.66 71.94 29.68
C GLU C 170 -23.30 71.11 30.78
N GLU C 171 -24.11 70.13 30.37
CA GLU C 171 -24.87 69.29 31.26
C GLU C 171 -24.80 67.86 30.76
N VAL C 172 -24.68 66.92 31.68
CA VAL C 172 -24.68 65.49 31.39
C VAL C 172 -25.94 64.90 31.99
N LEU C 173 -26.83 64.40 31.13
CA LEU C 173 -28.10 63.86 31.56
C LEU C 173 -28.14 62.35 31.40
N LEU C 174 -28.92 61.70 32.26
CA LEU C 174 -29.12 60.25 32.26
C LEU C 174 -30.63 60.01 32.31
N LEU C 175 -31.28 59.91 31.15
CA LEU C 175 -32.69 59.54 31.12
C LEU C 175 -32.93 58.20 31.80
N ASP C 176 -34.21 57.91 31.99
CA ASP C 176 -34.64 56.60 32.47
C ASP C 176 -35.00 55.68 31.30
N MET C 177 -35.95 56.09 30.48
CA MET C 177 -36.33 55.32 29.30
C MET C 177 -35.58 55.81 28.08
N LEU C 190 -35.83 64.03 32.12
CA LEU C 190 -37.01 64.55 31.44
C LEU C 190 -37.00 66.08 31.41
N LYS C 191 -35.90 66.66 31.91
CA LYS C 191 -35.71 68.09 31.99
C LYS C 191 -35.25 68.71 30.67
N LYS C 192 -35.43 70.03 30.61
CA LYS C 192 -35.00 70.90 29.51
C LYS C 192 -33.68 71.60 29.84
N LEU C 193 -32.83 71.75 28.83
CA LEU C 193 -31.52 72.39 28.95
C LEU C 193 -31.05 72.76 27.54
N GLN C 194 -30.31 73.85 27.42
CA GLN C 194 -29.98 74.42 26.12
C GLN C 194 -28.47 74.43 25.87
N SER C 195 -28.03 73.56 24.98
CA SER C 195 -26.67 73.43 24.48
C SER C 195 -26.77 73.41 22.96
N PRO C 196 -25.81 73.99 22.24
CA PRO C 196 -25.93 74.02 20.78
C PRO C 196 -25.56 72.72 20.11
N ILE C 197 -24.59 72.01 20.69
CA ILE C 197 -24.14 70.71 20.21
C ILE C 197 -24.42 69.73 21.32
N ILE C 198 -25.01 68.59 20.99
CA ILE C 198 -25.32 67.58 22.00
C ILE C 198 -24.53 66.33 21.67
N LEU C 199 -24.61 65.32 22.54
CA LEU C 199 -24.15 63.97 22.21
C LEU C 199 -25.15 62.97 22.78
N LEU C 200 -26.10 62.55 21.94
CA LEU C 200 -27.08 61.54 22.33
C LEU C 200 -26.48 60.15 22.27
N TYR C 201 -26.81 59.33 23.26
CA TYR C 201 -26.32 57.96 23.33
C TYR C 201 -27.41 57.08 23.92
N CYS C 202 -27.96 56.19 23.10
CA CYS C 202 -29.03 55.28 23.51
C CYS C 202 -29.42 54.30 22.41
N THR C 203 -30.46 53.52 22.66
CA THR C 203 -30.99 52.59 21.68
C THR C 203 -31.89 53.31 20.67
N LYS C 204 -31.91 52.80 19.44
CA LYS C 204 -32.73 53.40 18.39
C LYS C 204 -34.23 53.31 18.72
N GLU C 205 -34.63 52.38 19.57
CA GLU C 205 -36.01 52.34 20.03
C GLU C 205 -36.27 53.44 21.06
N GLU C 206 -35.35 53.59 22.02
CA GLU C 206 -35.46 54.68 22.99
C GLU C 206 -35.10 56.02 22.38
N ALA C 207 -34.28 56.03 21.32
CA ALA C 207 -33.88 57.29 20.70
C ALA C 207 -35.07 58.01 20.08
N THR C 208 -36.01 57.27 19.48
CA THR C 208 -37.17 57.90 18.87
C THR C 208 -38.04 58.59 19.91
N TYR C 209 -38.23 57.95 21.07
CA TYR C 209 -38.98 58.57 22.14
C TYR C 209 -38.27 59.82 22.67
N ILE C 210 -36.93 59.78 22.73
CA ILE C 210 -36.19 60.96 23.14
C ILE C 210 -36.20 62.01 22.04
N PHE C 211 -36.13 61.59 20.78
CA PHE C 211 -36.18 62.52 19.66
C PHE C 211 -37.56 63.14 19.49
N GLU C 212 -38.58 62.61 20.16
CA GLU C 212 -39.94 63.10 20.05
C GLU C 212 -40.19 64.43 20.74
N VAL C 213 -39.17 65.08 21.31
CA VAL C 213 -39.39 66.32 22.06
C VAL C 213 -38.98 67.51 21.19
N ALA C 214 -39.89 68.47 21.06
CA ALA C 214 -39.71 69.70 20.29
C ALA C 214 -39.08 69.44 18.92
N ASN C 215 -39.65 68.50 18.18
CA ASN C 215 -39.24 68.22 16.83
C ASN C 215 -39.26 69.48 15.97
N LEU C 219 -35.94 72.16 21.22
CA LEU C 219 -34.78 71.32 21.40
C LEU C 219 -34.12 70.93 20.07
N THR C 220 -34.92 70.70 19.02
CA THR C 220 -34.36 70.30 17.74
C THR C 220 -35.07 71.03 16.59
N GLY C 221 -34.34 71.21 15.50
CA GLY C 221 -34.90 71.74 14.27
C GLY C 221 -34.72 73.24 14.02
N TYR C 222 -33.85 73.92 14.76
CA TYR C 222 -33.74 75.37 14.64
C TYR C 222 -32.32 75.83 14.37
N GLY C 223 -31.43 75.61 15.32
CA GLY C 223 -30.04 76.00 15.16
C GLY C 223 -29.12 75.03 15.85
N TYR C 224 -29.62 73.85 16.17
CA TYR C 224 -28.85 72.87 16.95
C TYR C 224 -28.72 71.57 16.18
N THR C 225 -27.50 71.10 16.10
CA THR C 225 -27.16 69.82 15.49
C THR C 225 -27.17 68.74 16.57
N TRP C 226 -27.43 67.50 16.17
CA TRP C 226 -27.35 66.36 17.09
C TRP C 226 -26.46 65.27 16.48
N ILE C 227 -25.72 64.55 17.35
CA ILE C 227 -24.68 63.61 16.91
C ILE C 227 -24.76 62.32 17.74
N VAL C 228 -25.22 61.24 17.10
CA VAL C 228 -25.28 59.92 17.73
C VAL C 228 -24.50 58.91 16.89
N PRO C 229 -24.04 57.85 17.53
CA PRO C 229 -23.34 56.77 16.83
C PRO C 229 -24.23 55.70 16.25
N SER C 230 -23.51 54.70 15.74
CA SER C 230 -24.08 53.50 15.14
C SER C 230 -25.18 52.88 16.01
N LEU C 231 -25.13 53.12 17.33
CA LEU C 231 -26.17 52.58 18.20
C LEU C 231 -27.53 53.22 17.94
N VAL C 232 -27.56 54.45 17.42
CA VAL C 232 -28.80 55.14 17.16
C VAL C 232 -29.15 55.13 15.68
N ALA C 233 -28.16 55.32 14.81
CA ALA C 233 -28.42 55.30 13.38
C ALA C 233 -28.97 53.94 12.95
N GLY C 234 -28.45 52.86 13.57
CA GLY C 234 -28.92 51.52 13.28
C GLY C 234 -28.93 51.20 11.81
N ASP C 235 -29.93 50.45 11.38
CA ASP C 235 -30.11 50.10 9.98
C ASP C 235 -30.40 51.38 9.20
N THR C 236 -29.36 51.93 8.57
CA THR C 236 -29.52 53.17 7.82
C THR C 236 -30.48 53.01 6.65
N ASP C 237 -30.66 51.78 6.15
CA ASP C 237 -31.68 51.48 5.15
C ASP C 237 -32.94 50.95 5.82
N THR C 238 -33.58 51.83 6.60
CA THR C 238 -34.80 51.48 7.32
C THR C 238 -35.50 52.74 7.83
N SER C 241 -39.65 58.78 11.58
CA SER C 241 -40.55 59.91 11.83
C SER C 241 -39.96 60.86 12.86
N GLU C 242 -39.66 60.31 14.04
CA GLU C 242 -39.21 61.14 15.14
C GLU C 242 -37.80 61.67 14.96
N PHE C 243 -37.06 61.16 13.99
CA PHE C 243 -35.64 61.47 13.90
C PHE C 243 -35.44 62.84 13.26
N PRO C 244 -34.60 63.70 13.85
CA PRO C 244 -34.32 65.02 13.27
C PRO C 244 -33.73 64.92 11.86
N THR C 245 -33.96 65.96 11.07
CA THR C 245 -33.18 66.16 9.84
C THR C 245 -31.89 66.89 10.19
N GLY C 246 -30.79 66.48 9.57
CA GLY C 246 -29.50 67.02 9.90
C GLY C 246 -28.74 66.26 10.96
N LEU C 247 -29.29 65.14 11.43
CA LEU C 247 -28.57 64.27 12.35
C LEU C 247 -27.25 63.83 11.74
N ILE C 248 -26.18 63.88 12.52
CA ILE C 248 -24.86 63.43 12.10
C ILE C 248 -24.54 62.18 12.91
N SER C 249 -23.98 61.18 12.24
CA SER C 249 -23.73 59.90 12.90
C SER C 249 -22.38 59.34 12.49
N VAL C 250 -21.83 58.51 13.37
CA VAL C 250 -20.71 57.64 13.06
C VAL C 250 -21.25 56.26 12.73
N SER C 251 -20.72 55.65 11.68
CA SER C 251 -21.13 54.31 11.31
C SER C 251 -19.98 53.60 10.62
N TYR C 252 -20.11 52.28 10.54
CA TYR C 252 -19.12 51.48 9.84
C TYR C 252 -19.36 51.62 8.34
N ASP C 253 -18.27 51.48 7.57
CA ASP C 253 -18.40 51.76 6.14
C ASP C 253 -19.14 50.61 5.47
N GLU C 254 -20.45 50.77 5.34
CA GLU C 254 -21.27 49.75 4.71
C GLU C 254 -21.72 50.25 3.34
N TRP C 255 -20.79 50.84 2.59
CA TRP C 255 -21.12 51.35 1.27
C TRP C 255 -19.99 51.04 0.29
N ASP C 256 -18.76 51.42 0.65
CA ASP C 256 -17.57 51.17 -0.17
C ASP C 256 -16.71 50.11 0.48
N TYR C 257 -17.30 48.98 0.83
CA TYR C 257 -16.50 47.91 1.41
C TYR C 257 -17.35 46.65 1.41
N GLY C 258 -17.51 46.06 0.24
CA GLY C 258 -18.50 45.01 0.07
C GLY C 258 -18.07 43.71 0.70
N LEU C 259 -19.06 42.83 0.83
CA LEU C 259 -18.84 41.49 1.37
C LEU C 259 -17.66 40.76 0.75
N PRO C 260 -17.42 40.78 -0.57
CA PRO C 260 -16.20 40.14 -1.09
C PRO C 260 -14.94 40.68 -0.46
N ALA C 261 -14.84 42.01 -0.37
CA ALA C 261 -13.66 42.62 0.23
C ALA C 261 -13.48 42.18 1.68
N ARG C 262 -14.57 41.92 2.42
CA ARG C 262 -14.41 41.55 3.82
C ARG C 262 -14.11 40.07 4.00
N VAL C 263 -14.81 39.21 3.25
CA VAL C 263 -14.46 37.79 3.24
C VAL C 263 -12.99 37.61 2.92
N ARG C 264 -12.50 38.37 1.95
CA ARG C 264 -11.11 38.28 1.56
C ARG C 264 -10.19 38.81 2.65
N ASP C 265 -10.58 39.90 3.32
CA ASP C 265 -9.77 40.41 4.42
C ASP C 265 -9.72 39.44 5.59
N GLY C 266 -10.88 38.84 5.93
CA GLY C 266 -10.89 37.87 7.01
C GLY C 266 -10.04 36.65 6.71
N ILE C 267 -10.13 36.14 5.48
CA ILE C 267 -9.23 35.07 5.03
C ILE C 267 -7.79 35.49 5.25
N ALA C 268 -7.43 36.69 4.80
CA ALA C 268 -6.05 37.16 4.92
C ALA C 268 -5.59 37.19 6.37
N ILE C 269 -6.49 37.52 7.29
CA ILE C 269 -6.13 37.61 8.71
C ILE C 269 -5.86 36.23 9.29
N ILE C 270 -6.78 35.27 9.08
CA ILE C 270 -6.56 33.91 9.56
C ILE C 270 -5.30 33.33 8.94
N THR C 271 -5.12 33.52 7.64
CA THR C 271 -4.00 32.90 6.95
C THR C 271 -2.67 33.50 7.38
N THR C 272 -2.62 34.82 7.57
CA THR C 272 -1.38 35.46 7.99
C THR C 272 -1.04 35.10 9.44
N ALA C 273 -2.05 35.04 10.30
CA ALA C 273 -1.81 34.65 11.69
C ALA C 273 -1.22 33.25 11.76
N ALA C 274 -1.87 32.29 11.10
CA ALA C 274 -1.34 30.93 11.07
C ALA C 274 0.07 30.88 10.49
N SER C 275 0.35 31.71 9.48
CA SER C 275 1.66 31.67 8.83
C SER C 275 2.75 32.20 9.76
N ASP C 276 2.50 33.36 10.39
CA ASP C 276 3.46 33.91 11.34
C ASP C 276 3.74 32.96 12.48
N MET C 277 2.71 32.26 12.96
CA MET C 277 2.94 31.28 14.00
C MET C 277 3.85 30.15 13.54
N LEU C 278 3.68 29.67 12.30
CA LEU C 278 4.48 28.53 11.90
C LEU C 278 5.89 28.98 11.55
N SER C 279 6.04 30.20 11.03
CA SER C 279 7.39 30.64 10.72
C SER C 279 8.21 30.93 11.97
N GLU C 280 7.57 31.06 13.13
CA GLU C 280 8.29 31.26 14.38
C GLU C 280 8.32 30.04 15.28
N HIS C 281 7.22 29.31 15.40
CA HIS C 281 7.12 28.16 16.29
C HIS C 281 7.19 26.83 15.56
N SER C 282 7.26 26.85 14.23
CA SER C 282 7.41 25.64 13.41
C SER C 282 6.25 24.66 13.55
N PHE C 283 5.06 25.18 13.87
CA PHE C 283 3.85 24.36 13.92
C PHE C 283 2.65 25.31 14.03
N ILE C 284 1.51 24.84 13.55
CA ILE C 284 0.25 25.58 13.68
C ILE C 284 -0.73 24.68 14.42
N PRO C 285 -1.81 25.25 14.97
CA PRO C 285 -2.64 24.49 15.91
C PRO C 285 -3.32 23.32 15.22
N GLU C 286 -3.42 22.22 15.93
CA GLU C 286 -4.15 21.07 15.43
C GLU C 286 -5.63 21.43 15.38
N PRO C 287 -6.29 21.37 14.23
CA PRO C 287 -7.73 21.63 14.20
C PRO C 287 -8.50 20.76 15.18
N LYS C 288 -9.70 21.21 15.54
CA LYS C 288 -10.47 20.64 16.64
C LYS C 288 -11.20 19.38 16.18
N SER C 289 -11.13 18.33 17.01
CA SER C 289 -11.69 17.03 16.64
C SER C 289 -13.16 17.13 16.25
N SER C 290 -13.98 17.68 17.14
CA SER C 290 -15.40 17.86 16.89
C SER C 290 -15.93 18.76 18.02
N CYS C 291 -17.24 18.91 18.09
CA CYS C 291 -17.83 19.62 19.22
C CYS C 291 -18.23 18.68 20.34
N TYR C 292 -18.72 17.49 19.97
CA TYR C 292 -19.19 16.52 20.96
C TYR C 292 -18.05 16.10 21.89
N ASN C 293 -16.97 15.58 21.33
CA ASN C 293 -15.78 15.29 22.11
C ASN C 293 -15.09 16.59 22.52
N THR C 294 -14.13 16.45 23.44
CA THR C 294 -13.48 17.62 24.04
C THR C 294 -12.02 17.38 24.41
N HIS C 295 -11.76 16.27 25.10
CA HIS C 295 -10.61 16.16 26.00
C HIS C 295 -9.27 16.41 25.31
N GLU C 296 -8.96 15.62 24.28
CA GLU C 296 -7.59 15.60 23.79
C GLU C 296 -7.47 16.02 22.34
N ILE C 299 -5.61 24.65 24.75
CA ILE C 299 -5.61 25.88 25.51
C ILE C 299 -4.30 26.69 25.26
N TYR C 300 -3.14 26.04 25.39
CA TYR C 300 -1.87 26.72 25.12
C TYR C 300 -1.76 27.09 23.64
N GLN C 301 -2.28 26.25 22.74
CA GLN C 301 -2.20 26.54 21.31
C GLN C 301 -3.17 27.65 20.93
N SER C 302 -4.33 27.66 21.57
CA SER C 302 -5.35 28.66 21.26
C SER C 302 -4.88 30.07 21.58
N ASN C 303 -4.23 30.25 22.73
CA ASN C 303 -3.80 31.58 23.14
C ASN C 303 -2.63 32.09 22.32
N MET C 304 -1.75 31.18 21.88
CA MET C 304 -0.66 31.60 21.00
C MET C 304 -1.21 32.15 19.69
N LEU C 305 -2.11 31.40 19.05
CA LEU C 305 -2.71 31.87 17.80
C LEU C 305 -3.49 33.16 18.02
N ASN C 306 -4.15 33.28 19.17
CA ASN C 306 -4.86 34.53 19.48
C ASN C 306 -3.90 35.71 19.45
N ARG C 307 -2.69 35.55 19.98
CA ARG C 307 -1.72 36.62 19.95
C ARG C 307 -1.33 36.99 18.51
N TYR C 308 -1.17 35.98 17.65
CA TYR C 308 -0.87 36.29 16.25
C TYR C 308 -2.09 36.85 15.53
N LEU C 309 -3.29 36.49 15.97
CA LEU C 309 -4.49 36.90 15.27
C LEU C 309 -4.76 38.39 15.41
N ILE C 310 -4.34 38.99 16.52
CA ILE C 310 -4.68 40.37 16.83
C ILE C 310 -3.58 41.34 16.44
N ASN C 311 -2.54 40.86 15.74
CA ASN C 311 -1.42 41.69 15.32
C ASN C 311 -1.01 41.30 13.91
N VAL C 312 -1.99 41.25 13.02
CA VAL C 312 -1.78 40.84 11.63
C VAL C 312 -1.62 42.10 10.79
N THR C 313 -0.40 42.31 10.27
CA THR C 313 -0.14 43.38 9.31
C THR C 313 -0.22 42.81 7.91
N PHE C 314 -1.13 43.34 7.09
CA PHE C 314 -1.31 42.83 5.74
C PHE C 314 -1.40 43.99 4.76
N GLU C 315 -0.63 43.88 3.67
CA GLU C 315 -0.65 44.91 2.62
C GLU C 315 -0.37 46.29 3.20
N GLY C 316 0.52 46.35 4.19
CA GLY C 316 0.85 47.61 4.83
C GLY C 316 -0.27 47.99 5.78
N ARG C 317 -1.49 47.71 5.32
CA ARG C 317 -2.70 48.00 6.08
C ARG C 317 -2.68 47.28 7.42
N ASP C 318 -2.88 48.03 8.50
CA ASP C 318 -2.83 47.48 9.85
C ASP C 318 -4.22 46.96 10.23
N LEU C 319 -4.38 45.64 10.28
CA LEU C 319 -5.66 45.00 10.54
C LEU C 319 -5.73 44.40 11.94
N SER C 320 -5.08 45.06 12.90
CA SER C 320 -5.02 44.54 14.26
C SER C 320 -6.39 44.58 14.92
N PHE C 321 -6.52 43.80 16.00
CA PHE C 321 -7.73 43.74 16.79
C PHE C 321 -7.43 44.18 18.22
N SER C 322 -8.49 44.57 18.92
CA SER C 322 -8.39 44.72 20.36
C SER C 322 -8.50 43.36 21.03
N GLU C 323 -7.96 43.27 22.25
CA GLU C 323 -8.09 42.03 22.99
C GLU C 323 -9.53 41.75 23.39
N ASP C 324 -10.42 42.73 23.26
CA ASP C 324 -11.84 42.55 23.54
C ASP C 324 -12.68 42.30 22.30
N GLY C 325 -12.09 42.28 21.10
CA GLY C 325 -12.77 41.72 19.96
C GLY C 325 -13.16 42.67 18.85
N TYR C 326 -12.83 43.95 18.93
CA TYR C 326 -13.10 44.89 17.86
C TYR C 326 -11.80 45.27 17.15
N GLN C 327 -11.94 45.84 15.97
CA GLN C 327 -10.77 46.28 15.21
C GLN C 327 -10.12 47.49 15.87
N MET C 328 -8.80 47.57 15.76
CA MET C 328 -8.10 48.76 16.23
C MET C 328 -8.35 49.94 15.31
N HIS C 329 -8.33 49.72 13.99
CA HIS C 329 -8.55 50.77 13.00
C HIS C 329 -9.68 50.37 12.06
N PRO C 330 -10.93 50.59 12.46
CA PRO C 330 -12.05 50.33 11.55
C PRO C 330 -12.22 51.45 10.54
N LYS C 331 -12.66 51.07 9.34
CA LYS C 331 -13.04 52.06 8.34
C LYS C 331 -14.35 52.71 8.73
N LEU C 332 -14.28 53.85 9.42
CA LEU C 332 -15.47 54.54 9.89
C LEU C 332 -15.80 55.70 8.97
N VAL C 333 -17.08 56.04 8.92
CA VAL C 333 -17.59 57.10 8.05
C VAL C 333 -18.55 57.97 8.83
N ILE C 334 -18.54 59.25 8.52
CA ILE C 334 -19.41 60.25 9.15
C ILE C 334 -20.54 60.54 8.18
N ILE C 335 -21.78 60.34 8.62
CA ILE C 335 -22.95 60.39 7.76
C ILE C 335 -23.89 61.49 8.22
N LEU C 336 -24.51 62.16 7.26
CA LEU C 336 -25.58 63.13 7.46
C LEU C 336 -26.93 62.53 7.13
N LEU C 337 -27.96 62.95 7.86
CA LEU C 337 -29.34 62.64 7.49
C LEU C 337 -29.93 63.74 6.62
N GLU C 340 -33.71 64.38 2.85
CA GLU C 340 -34.70 63.44 2.31
C GLU C 340 -34.76 62.16 3.13
N ARG C 341 -34.39 61.04 2.51
CA ARG C 341 -34.43 59.74 3.16
C ARG C 341 -33.67 59.65 4.51
N LYS C 342 -32.38 60.00 4.64
CA LYS C 342 -31.37 60.28 3.62
C LYS C 342 -30.00 60.25 4.27
N TRP C 343 -29.54 59.13 4.83
CA TRP C 343 -28.19 59.13 5.38
C TRP C 343 -27.18 59.04 4.25
N GLU C 344 -26.28 60.01 4.22
CA GLU C 344 -25.27 60.16 3.20
C GLU C 344 -23.92 60.43 3.85
N ARG C 345 -22.90 59.74 3.37
CA ARG C 345 -21.55 59.92 3.89
C ARG C 345 -21.06 61.33 3.59
N VAL C 346 -20.46 61.96 4.60
CA VAL C 346 -19.94 63.31 4.46
C VAL C 346 -18.50 63.33 4.98
N GLY C 347 -18.04 62.23 5.57
CA GLY C 347 -16.67 62.17 6.04
C GLY C 347 -16.17 60.76 6.21
N LYS C 348 -14.85 60.63 6.15
CA LYS C 348 -14.16 59.36 6.36
C LYS C 348 -13.12 59.54 7.46
N TRP C 349 -12.84 58.44 8.17
CA TRP C 349 -11.90 58.44 9.29
C TRP C 349 -10.93 57.27 9.12
N LYS C 350 -9.65 57.60 8.93
CA LYS C 350 -8.59 56.61 8.83
C LYS C 350 -7.48 57.01 9.80
N ASP C 351 -6.99 56.02 10.57
CA ASP C 351 -6.08 56.28 11.68
C ASP C 351 -6.71 57.25 12.66
N LYS C 352 -6.18 58.46 12.74
CA LYS C 352 -6.70 59.44 13.70
C LYS C 352 -7.13 60.75 13.04
N SER C 353 -7.50 60.72 11.77
CA SER C 353 -7.82 61.94 11.04
C SER C 353 -9.18 61.83 10.36
N LEU C 354 -9.80 62.99 10.14
CA LEU C 354 -11.13 63.14 9.54
C LEU C 354 -11.03 63.91 8.24
N GLN C 355 -11.28 63.23 7.11
CA GLN C 355 -11.39 63.90 5.82
C GLN C 355 -12.87 64.07 5.50
N MET C 356 -13.38 65.28 5.67
CA MET C 356 -14.80 65.55 5.39
C MET C 356 -14.94 66.59 4.28
N VAL D 2 -13.59 26.65 -22.49
CA VAL D 2 -13.15 26.03 -21.25
C VAL D 2 -12.08 24.98 -21.60
N LYS D 3 -11.38 25.22 -22.70
CA LYS D 3 -10.34 24.33 -23.20
C LYS D 3 -8.95 24.80 -22.77
N LEU D 4 -7.96 23.97 -23.09
CA LEU D 4 -6.56 24.23 -22.74
C LEU D 4 -5.68 23.56 -23.79
N VAL D 5 -5.04 24.37 -24.63
CA VAL D 5 -4.28 23.88 -25.78
C VAL D 5 -2.80 24.06 -25.48
N GLU D 6 -1.97 23.10 -25.88
CA GLU D 6 -0.55 23.09 -25.56
C GLU D 6 0.26 23.14 -26.84
N SER D 7 0.96 24.24 -27.05
CA SER D 7 1.96 24.29 -28.10
C SER D 7 3.13 23.38 -27.74
N GLY D 8 3.58 22.59 -28.73
CA GLY D 8 4.60 21.59 -28.52
C GLY D 8 5.93 22.08 -27.97
N GLY D 9 6.87 21.17 -27.69
CA GLY D 9 6.78 19.77 -28.07
C GLY D 9 7.98 19.36 -28.92
N GLY D 10 7.91 18.17 -29.52
CA GLY D 10 8.94 17.72 -30.44
C GLY D 10 10.22 17.21 -29.79
N LEU D 11 11.18 16.92 -30.66
CA LEU D 11 12.45 16.30 -30.29
C LEU D 11 13.47 17.36 -29.87
N VAL D 12 14.39 16.95 -28.98
CA VAL D 12 15.47 17.85 -28.56
C VAL D 12 16.64 17.00 -28.07
N GLN D 13 17.85 17.53 -28.23
CA GLN D 13 19.05 16.76 -27.93
C GLN D 13 19.28 16.69 -26.42
N PRO D 14 19.89 15.61 -25.94
CA PRO D 14 20.25 15.53 -24.53
C PRO D 14 21.01 16.76 -24.08
N GLY D 15 20.58 17.33 -22.95
CA GLY D 15 21.15 18.56 -22.48
C GLY D 15 20.52 19.82 -23.03
N GLY D 16 19.65 19.71 -24.03
CA GLY D 16 19.08 20.85 -24.70
C GLY D 16 18.10 21.62 -23.81
N SER D 17 17.35 22.51 -24.45
CA SER D 17 16.29 23.26 -23.78
C SER D 17 15.02 23.21 -24.62
N LEU D 18 13.87 23.23 -23.94
CA LEU D 18 12.59 23.20 -24.64
C LEU D 18 11.53 23.85 -23.77
N LYS D 19 10.80 24.81 -24.34
CA LYS D 19 9.77 25.55 -23.65
C LYS D 19 8.38 25.11 -24.14
N LEU D 20 7.55 24.66 -23.22
CA LEU D 20 6.16 24.29 -23.53
C LEU D 20 5.24 25.46 -23.24
N SER D 21 4.23 25.61 -24.10
CA SER D 21 3.24 26.66 -23.96
C SER D 21 1.88 26.03 -23.69
N CYS D 22 0.93 26.86 -23.27
CA CYS D 22 -0.36 26.35 -22.82
C CYS D 22 -1.39 27.47 -22.78
N ALA D 23 -2.26 27.56 -23.77
CA ALA D 23 -3.27 28.59 -23.82
C ALA D 23 -4.56 28.08 -23.22
N ALA D 24 -5.20 28.92 -22.39
CA ALA D 24 -6.47 28.59 -21.77
C ALA D 24 -7.58 29.48 -22.34
N SER D 25 -8.80 28.98 -22.28
CA SER D 25 -9.95 29.68 -22.87
C SER D 25 -11.17 29.47 -21.98
N GLY D 26 -12.12 30.41 -22.09
CA GLY D 26 -13.30 30.41 -21.23
C GLY D 26 -12.91 30.52 -19.78
N ILE D 27 -12.38 31.68 -19.39
CA ILE D 27 -11.40 31.75 -18.33
C ILE D 27 -11.89 32.51 -17.11
N THR D 28 -11.33 32.12 -15.96
CA THR D 28 -10.99 33.00 -14.86
C THR D 28 -9.53 32.65 -14.53
N PHE D 29 -8.63 32.94 -15.48
CA PHE D 29 -7.33 32.26 -15.52
C PHE D 29 -6.47 32.59 -14.31
N SER D 30 -6.48 33.84 -13.85
CA SER D 30 -5.66 34.20 -12.69
C SER D 30 -6.11 33.51 -11.41
N SER D 31 -7.26 32.85 -11.44
CA SER D 31 -7.83 32.30 -10.23
C SER D 31 -7.41 30.85 -9.98
N TYR D 32 -6.63 30.26 -10.87
CA TYR D 32 -6.28 28.85 -10.78
C TYR D 32 -4.76 28.69 -10.77
N SER D 33 -4.27 27.87 -9.85
CA SER D 33 -2.97 27.28 -10.08
C SER D 33 -3.07 26.35 -11.29
N MET D 34 -1.95 26.11 -11.96
CA MET D 34 -1.88 25.06 -12.97
C MET D 34 -0.54 24.35 -12.95
N SER D 35 -0.57 23.12 -13.44
CA SER D 35 0.47 22.15 -13.17
C SER D 35 0.82 21.41 -14.45
N TRP D 36 2.06 20.95 -14.48
CA TRP D 36 2.53 20.10 -15.56
C TRP D 36 2.56 18.65 -15.08
N VAL D 37 1.88 17.78 -15.81
CA VAL D 37 1.91 16.35 -15.54
C VAL D 37 2.41 15.66 -16.80
N ARG D 38 3.22 14.60 -16.63
CA ARG D 38 3.77 13.88 -17.76
C ARG D 38 3.46 12.40 -17.63
N GLN D 39 3.16 11.76 -18.77
CA GLN D 39 3.01 10.33 -18.82
C GLN D 39 4.30 9.78 -19.42
N THR D 40 5.07 9.07 -18.62
CA THR D 40 6.33 8.54 -19.09
C THR D 40 6.10 7.25 -19.87
N PRO D 41 7.07 6.84 -20.70
CA PRO D 41 6.90 5.61 -21.50
C PRO D 41 6.43 4.41 -20.70
N GLU D 42 6.91 4.27 -19.46
CA GLU D 42 6.44 3.23 -18.56
C GLU D 42 4.95 3.31 -18.27
N LYS D 43 4.26 4.34 -18.77
CA LYS D 43 2.83 4.55 -18.53
C LYS D 43 2.64 4.84 -17.05
N ARG D 44 3.29 5.92 -16.62
CA ARG D 44 3.31 6.35 -15.24
C ARG D 44 2.92 7.82 -15.27
N LEU D 45 1.76 8.18 -14.72
CA LEU D 45 1.48 9.61 -14.60
C LEU D 45 2.28 10.14 -13.43
N GLU D 46 3.00 11.23 -13.67
CA GLU D 46 3.82 11.85 -12.63
C GLU D 46 3.76 13.35 -12.76
N TRP D 47 3.35 14.01 -11.67
CA TRP D 47 3.32 15.46 -11.63
C TRP D 47 4.74 16.00 -11.64
N VAL D 48 4.95 17.10 -12.37
CA VAL D 48 6.30 17.64 -12.50
C VAL D 48 6.40 19.13 -12.20
N ALA D 49 5.31 19.90 -12.16
CA ALA D 49 5.44 21.32 -11.85
C ALA D 49 4.12 21.87 -11.35
N TYR D 50 4.21 22.80 -10.39
CA TYR D 50 3.07 23.54 -9.86
C TYR D 50 3.42 25.02 -9.86
N ILE D 51 2.46 25.85 -10.27
CA ILE D 51 2.55 27.29 -10.10
C ILE D 51 1.23 27.80 -9.57
N SER D 52 1.29 28.72 -8.60
CA SER D 52 0.10 29.24 -7.95
C SER D 52 -0.73 30.10 -8.93
N ASN D 53 -1.85 30.62 -8.43
CA ASN D 53 -2.73 31.43 -9.26
C ASN D 53 -2.03 32.72 -9.71
N GLY D 54 -1.37 33.41 -8.77
CA GLY D 54 -0.37 34.39 -9.11
C GLY D 54 0.94 33.71 -9.46
N GLY D 55 1.99 34.50 -9.51
CA GLY D 55 3.26 33.89 -9.83
C GLY D 55 4.11 33.52 -8.64
N SER D 56 3.59 33.69 -7.42
CA SER D 56 4.46 33.70 -6.24
C SER D 56 4.96 32.32 -5.85
N GLY D 57 4.22 31.26 -6.14
CA GLY D 57 4.60 29.91 -5.78
C GLY D 57 4.97 29.08 -6.99
N THR D 58 6.13 28.43 -6.94
CA THR D 58 6.57 27.47 -7.95
C THR D 58 7.28 26.31 -7.27
N TYR D 59 6.70 25.11 -7.37
CA TYR D 59 7.26 23.92 -6.73
C TYR D 59 7.38 22.79 -7.75
N TYR D 60 8.35 21.92 -7.53
CA TYR D 60 8.62 20.81 -8.44
C TYR D 60 9.00 19.57 -7.64
N PRO D 61 8.80 18.38 -8.21
CA PRO D 61 9.29 17.16 -7.57
C PRO D 61 10.81 17.10 -7.61
N ASP D 62 11.38 16.21 -6.81
CA ASP D 62 12.84 16.23 -6.71
C ASP D 62 13.53 15.56 -7.89
N THR D 63 12.79 15.04 -8.85
CA THR D 63 13.38 14.50 -10.07
C THR D 63 13.65 15.55 -11.13
N VAL D 64 13.04 16.73 -11.03
CA VAL D 64 13.18 17.73 -12.09
C VAL D 64 13.49 19.12 -11.52
N LYS D 65 13.67 19.23 -10.21
CA LYS D 65 13.84 20.56 -9.64
C LYS D 65 15.21 21.12 -10.03
N GLY D 66 15.24 22.42 -10.29
CA GLY D 66 16.42 23.10 -10.78
C GLY D 66 16.57 23.06 -12.28
N ARG D 67 16.15 21.96 -12.91
CA ARG D 67 16.19 21.83 -14.36
C ARG D 67 14.95 22.36 -15.05
N PHE D 68 13.83 22.45 -14.33
CA PHE D 68 12.56 22.91 -14.88
C PHE D 68 12.15 24.23 -14.24
N THR D 69 11.62 25.12 -15.06
CA THR D 69 11.06 26.38 -14.61
C THR D 69 9.64 26.48 -15.14
N ILE D 70 8.70 26.88 -14.27
CA ILE D 70 7.31 27.04 -14.63
C ILE D 70 6.91 28.49 -14.41
N SER D 71 6.12 29.04 -15.34
CA SER D 71 5.69 30.43 -15.25
C SER D 71 4.34 30.57 -15.95
N ARG D 72 3.72 31.73 -15.75
CA ARG D 72 2.40 32.00 -16.30
C ARG D 72 2.30 33.48 -16.64
N ASP D 73 1.23 33.83 -17.34
CA ASP D 73 0.90 35.22 -17.64
C ASP D 73 -0.60 35.28 -17.81
N ASN D 74 -1.29 36.03 -16.94
CA ASN D 74 -2.71 35.75 -16.81
C ASN D 74 -3.57 36.71 -17.62
N ALA D 75 -3.09 37.91 -17.92
CA ALA D 75 -3.81 38.72 -18.89
C ALA D 75 -3.82 38.02 -20.25
N LYS D 76 -2.74 37.33 -20.57
CA LYS D 76 -2.65 36.57 -21.81
C LYS D 76 -3.18 35.15 -21.69
N ASN D 77 -3.46 34.67 -20.47
CA ASN D 77 -4.06 33.35 -20.27
C ASN D 77 -3.16 32.24 -20.81
N SER D 78 -1.88 32.33 -20.48
CA SER D 78 -0.91 31.37 -20.97
C SER D 78 -0.03 30.84 -19.84
N LEU D 79 0.56 29.67 -20.09
CA LEU D 79 1.36 28.93 -19.12
C LEU D 79 2.60 28.39 -19.82
N TYR D 80 3.71 28.34 -19.09
CA TYR D 80 5.01 28.10 -19.68
C TYR D 80 5.77 27.05 -18.89
N LEU D 81 6.63 26.30 -19.60
CA LEU D 81 7.48 25.29 -18.95
C LEU D 81 8.83 25.24 -19.69
N GLN D 82 9.85 25.89 -19.12
CA GLN D 82 11.19 25.84 -19.69
C GLN D 82 11.97 24.67 -19.08
N MET D 83 12.47 23.77 -19.94
CA MET D 83 13.23 22.59 -19.54
C MET D 83 14.71 22.77 -19.84
N SER D 84 15.53 21.96 -19.16
CA SER D 84 16.98 22.01 -19.35
C SER D 84 17.58 20.68 -18.94
N SER D 85 18.77 20.40 -19.50
CA SER D 85 19.55 19.21 -19.20
C SER D 85 18.70 17.94 -19.31
N LEU D 86 18.00 17.82 -20.44
CA LEU D 86 17.07 16.72 -20.65
C LEU D 86 17.80 15.37 -20.61
N ARG D 87 16.99 14.32 -20.60
CA ARG D 87 17.49 12.98 -20.85
C ARG D 87 16.34 12.15 -21.38
N SER D 88 16.66 10.96 -21.90
CA SER D 88 15.60 10.00 -22.19
C SER D 88 14.83 9.65 -20.93
N GLU D 89 15.35 10.04 -19.76
CA GLU D 89 14.55 10.02 -18.54
C GLU D 89 13.40 11.01 -18.64
N ASP D 90 13.55 12.06 -19.43
CA ASP D 90 12.51 13.06 -19.60
C ASP D 90 11.72 12.85 -20.89
N THR D 91 12.03 11.80 -21.65
CA THR D 91 11.22 11.56 -22.83
C THR D 91 9.88 11.05 -22.34
N ALA D 92 8.83 11.82 -22.62
CA ALA D 92 7.52 11.52 -22.07
C ALA D 92 6.50 12.40 -22.79
N MET D 93 5.24 12.09 -22.54
CA MET D 93 4.10 12.86 -23.03
C MET D 93 3.73 13.87 -21.95
N TYR D 94 3.73 15.15 -22.29
CA TYR D 94 3.58 16.22 -21.30
C TYR D 94 2.20 16.86 -21.44
N TYR D 95 1.46 16.88 -20.32
CA TYR D 95 0.10 17.40 -20.28
C TYR D 95 0.02 18.69 -19.47
N CYS D 96 -0.81 19.60 -19.97
CA CYS D 96 -1.29 20.74 -19.18
C CYS D 96 -2.44 20.31 -18.30
N ALA D 97 -2.45 20.79 -17.06
CA ALA D 97 -3.50 20.40 -16.13
C ALA D 97 -3.89 21.58 -15.26
N ARG D 98 -5.12 21.53 -14.75
CA ARG D 98 -5.63 22.59 -13.92
C ARG D 98 -6.71 22.08 -12.97
N PRO D 99 -6.66 22.52 -11.71
CA PRO D 99 -7.62 22.03 -10.72
C PRO D 99 -9.03 22.51 -10.98
N SER D 100 -9.97 21.79 -10.38
CA SER D 100 -11.38 22.17 -10.43
C SER D 100 -11.61 23.53 -9.80
N ARG D 101 -11.15 23.71 -8.57
CA ARG D 101 -11.38 24.94 -7.83
C ARG D 101 -10.17 25.86 -7.91
N GLY D 102 -10.38 27.10 -7.45
CA GLY D 102 -9.36 28.12 -7.46
C GLY D 102 -8.86 28.46 -6.06
N GLY D 103 -7.89 29.36 -6.04
CA GLY D 103 -7.27 29.81 -4.81
C GLY D 103 -5.81 29.39 -4.73
N SER D 104 -5.21 29.64 -3.56
CA SER D 104 -3.81 29.34 -3.32
C SER D 104 -3.56 27.89 -2.92
N SER D 105 -4.60 27.08 -2.79
CA SER D 105 -4.48 25.75 -2.21
C SER D 105 -4.06 24.75 -3.31
N TYR D 106 -4.27 23.45 -3.06
CA TYR D 106 -3.93 22.40 -4.02
C TYR D 106 -5.17 21.56 -4.28
N TRP D 107 -5.65 21.54 -5.52
CA TRP D 107 -6.91 20.91 -5.86
C TRP D 107 -6.75 19.93 -7.01
N TYR D 108 -7.63 18.94 -7.02
CA TYR D 108 -7.58 17.87 -8.02
C TYR D 108 -7.85 18.41 -9.42
N PHE D 109 -7.18 17.81 -10.39
CA PHE D 109 -7.24 18.28 -11.78
C PHE D 109 -8.57 17.94 -12.42
N ASP D 110 -9.17 18.93 -13.09
CA ASP D 110 -10.40 18.71 -13.84
C ASP D 110 -10.26 18.94 -15.34
N VAL D 111 -9.30 19.75 -15.78
CA VAL D 111 -9.03 19.94 -17.19
C VAL D 111 -7.63 19.47 -17.52
N TRP D 112 -7.51 18.78 -18.64
CA TRP D 112 -6.24 18.40 -19.22
C TRP D 112 -6.23 18.93 -20.65
N GLY D 113 -5.04 19.06 -21.19
CA GLY D 113 -4.89 19.30 -22.61
C GLY D 113 -4.71 18.01 -23.39
N ALA D 114 -4.64 18.16 -24.71
CA ALA D 114 -4.35 17.02 -25.56
C ALA D 114 -3.02 16.36 -25.18
N GLY D 115 -1.95 17.15 -25.09
CA GLY D 115 -0.68 16.59 -24.68
C GLY D 115 0.30 16.62 -25.84
N THR D 116 1.55 16.95 -25.53
CA THR D 116 2.61 17.04 -26.53
C THR D 116 3.74 16.10 -26.14
N THR D 117 4.22 15.33 -27.11
CA THR D 117 5.35 14.42 -26.87
C THR D 117 6.64 15.21 -26.84
N VAL D 118 7.53 14.82 -25.92
CA VAL D 118 8.87 15.38 -25.84
C VAL D 118 9.86 14.22 -25.90
N THR D 119 10.44 13.99 -27.07
CA THR D 119 11.48 12.98 -27.21
C THR D 119 12.84 13.62 -26.96
N VAL D 120 13.70 12.92 -26.25
CA VAL D 120 15.02 13.42 -25.89
C VAL D 120 16.03 12.39 -26.40
N SER D 121 16.64 12.65 -27.55
CA SER D 121 17.54 11.66 -28.12
C SER D 121 18.57 12.32 -29.02
N SER D 122 19.71 11.64 -29.16
CA SER D 122 20.76 12.05 -30.10
C SER D 122 20.54 11.36 -31.44
N ALA D 123 19.38 11.65 -32.00
CA ALA D 123 18.96 11.08 -33.28
C ALA D 123 18.34 12.20 -34.09
N LYS D 124 18.38 12.05 -35.41
CA LYS D 124 17.86 13.07 -36.30
C LYS D 124 16.49 12.65 -36.79
N THR D 125 15.66 13.64 -37.08
CA THR D 125 14.35 13.37 -37.63
C THR D 125 14.49 12.59 -38.92
N THR D 126 13.63 11.60 -39.12
CA THR D 126 13.68 10.77 -40.30
C THR D 126 12.24 10.53 -40.75
N PRO D 127 11.92 10.81 -42.01
CA PRO D 127 10.57 10.52 -42.47
C PRO D 127 10.37 9.02 -42.64
N PRO D 128 9.13 8.55 -42.53
CA PRO D 128 8.89 7.11 -42.64
C PRO D 128 8.81 6.65 -44.08
N SER D 129 8.96 5.34 -44.26
CA SER D 129 8.72 4.68 -45.54
C SER D 129 7.46 3.83 -45.37
N VAL D 130 6.43 4.12 -46.16
CA VAL D 130 5.14 3.45 -46.05
C VAL D 130 5.01 2.46 -47.20
N TYR D 131 4.89 1.18 -46.85
CA TYR D 131 4.80 0.10 -47.82
C TYR D 131 3.45 -0.61 -47.70
N PRO D 132 2.74 -0.81 -48.81
CA PRO D 132 1.46 -1.52 -48.76
C PRO D 132 1.63 -3.01 -48.49
N LEU D 133 0.65 -3.58 -47.79
CA LEU D 133 0.62 -5.01 -47.50
C LEU D 133 -0.66 -5.60 -48.11
N ALA D 134 -0.50 -6.27 -49.25
CA ALA D 134 -1.56 -7.00 -49.91
C ALA D 134 -1.20 -8.49 -49.95
N PRO D 135 -2.21 -9.38 -49.91
CA PRO D 135 -1.94 -10.83 -49.95
C PRO D 135 -1.57 -11.33 -51.34
N ASN D 142 -10.41 -15.74 -48.44
CA ASN D 142 -11.74 -16.21 -48.06
C ASN D 142 -12.72 -15.04 -47.91
N SER D 143 -13.66 -15.17 -46.96
CA SER D 143 -14.73 -14.18 -46.82
C SER D 143 -14.22 -12.79 -46.50
N MET D 144 -13.22 -12.68 -45.65
CA MET D 144 -12.68 -11.39 -45.25
C MET D 144 -11.23 -11.29 -45.69
N VAL D 145 -10.83 -10.15 -46.21
CA VAL D 145 -9.45 -9.91 -46.61
C VAL D 145 -8.83 -8.94 -45.62
N THR D 146 -7.65 -9.28 -45.14
CA THR D 146 -6.89 -8.39 -44.25
C THR D 146 -5.82 -7.71 -45.08
N LEU D 147 -5.81 -6.39 -45.08
CA LEU D 147 -4.77 -5.62 -45.72
C LEU D 147 -4.02 -4.85 -44.66
N GLY D 148 -2.88 -4.30 -45.03
CA GLY D 148 -2.12 -3.56 -44.05
C GLY D 148 -1.16 -2.59 -44.69
N CYS D 149 -0.44 -1.87 -43.83
CA CYS D 149 0.59 -0.97 -44.31
C CYS D 149 1.71 -0.92 -43.29
N LEU D 150 2.95 -1.03 -43.79
CA LEU D 150 4.15 -1.02 -42.98
C LEU D 150 4.76 0.37 -43.01
N VAL D 151 5.13 0.86 -41.84
CA VAL D 151 5.68 2.20 -41.65
C VAL D 151 7.06 2.03 -41.03
N LYS D 152 8.07 1.88 -41.87
CA LYS D 152 9.42 1.51 -41.45
C LYS D 152 10.32 2.74 -41.35
N GLY D 153 11.25 2.68 -40.40
CA GLY D 153 12.35 3.62 -40.31
C GLY D 153 11.98 5.08 -40.17
N TYR D 154 11.58 5.49 -38.96
CA TYR D 154 11.28 6.90 -38.72
C TYR D 154 11.62 7.25 -37.28
N PHE D 155 11.87 8.53 -37.06
CA PHE D 155 12.19 9.08 -35.74
C PHE D 155 11.87 10.57 -35.77
N PRO D 156 11.33 11.13 -34.68
CA PRO D 156 10.80 10.54 -33.44
C PRO D 156 9.37 10.05 -33.61
N GLU D 157 8.74 9.59 -32.53
CA GLU D 157 7.30 9.40 -32.53
C GLU D 157 6.65 10.72 -32.13
N PRO D 158 5.35 10.89 -32.39
CA PRO D 158 4.32 9.99 -32.92
C PRO D 158 4.24 9.93 -34.45
N VAL D 159 3.72 8.81 -34.94
CA VAL D 159 3.15 8.71 -36.28
C VAL D 159 1.66 8.44 -36.09
N THR D 160 0.86 8.74 -37.13
CA THR D 160 -0.59 8.54 -37.03
C THR D 160 -1.12 7.99 -38.35
N VAL D 161 -1.86 6.88 -38.26
CA VAL D 161 -2.30 6.09 -39.41
C VAL D 161 -3.83 6.10 -39.45
N THR D 162 -4.38 6.44 -40.61
CA THR D 162 -5.81 6.31 -40.85
C THR D 162 -6.01 5.43 -42.07
N TRP D 163 -7.27 5.11 -42.39
CA TRP D 163 -7.58 4.25 -43.52
C TRP D 163 -8.81 4.83 -44.22
N ASN D 164 -8.64 5.21 -45.48
CA ASN D 164 -9.64 5.98 -46.24
C ASN D 164 -9.95 7.29 -45.52
N SER D 165 -8.92 7.88 -44.90
CA SER D 165 -9.01 9.20 -44.28
C SER D 165 -10.11 9.28 -43.23
N GLY D 166 -10.26 8.20 -42.46
CA GLY D 166 -11.12 8.21 -41.29
C GLY D 166 -12.39 7.39 -41.41
N SER D 167 -12.84 7.04 -42.62
CA SER D 167 -14.13 6.35 -42.74
C SER D 167 -14.02 4.91 -42.27
N LEU D 168 -13.11 4.14 -42.88
CA LEU D 168 -12.82 2.78 -42.42
C LEU D 168 -12.19 2.86 -41.04
N SER D 169 -12.98 2.60 -40.00
CA SER D 169 -12.46 2.70 -38.63
C SER D 169 -12.71 1.43 -37.82
N SER D 170 -13.79 0.71 -38.13
CA SER D 170 -14.04 -0.57 -37.47
C SER D 170 -13.25 -1.65 -38.20
N GLY D 171 -12.56 -2.49 -37.42
CA GLY D 171 -11.74 -3.53 -37.98
C GLY D 171 -10.29 -3.18 -38.23
N VAL D 172 -9.80 -2.07 -37.68
CA VAL D 172 -8.43 -1.65 -37.88
C VAL D 172 -7.65 -1.91 -36.59
N HIS D 173 -6.44 -2.44 -36.74
CA HIS D 173 -5.54 -2.71 -35.62
C HIS D 173 -4.23 -2.01 -35.93
N THR D 174 -3.98 -0.90 -35.23
CA THR D 174 -2.72 -0.16 -35.36
C THR D 174 -1.83 -0.51 -34.16
N PHE D 175 -0.65 -1.03 -34.44
CA PHE D 175 0.23 -1.57 -33.42
C PHE D 175 1.24 -0.52 -32.95
N PRO D 176 1.62 -0.58 -31.68
CA PRO D 176 2.56 0.40 -31.13
C PRO D 176 3.92 0.30 -31.79
N ALA D 177 4.65 1.42 -31.77
CA ALA D 177 5.93 1.48 -32.47
C ALA D 177 7.03 0.73 -31.73
N VAL D 178 7.93 0.18 -32.52
CA VAL D 178 9.11 -0.54 -32.05
C VAL D 178 10.34 0.23 -32.52
N LEU D 179 11.25 0.51 -31.60
CA LEU D 179 12.51 1.16 -31.96
C LEU D 179 13.56 0.08 -32.22
N GLN D 180 13.68 -0.34 -33.48
CA GLN D 180 14.80 -1.18 -33.91
C GLN D 180 15.94 -0.25 -34.27
N SER D 181 16.67 0.18 -33.24
CA SER D 181 17.64 1.29 -33.26
C SER D 181 18.34 1.56 -34.59
N ASP D 182 18.43 2.84 -34.96
CA ASP D 182 17.94 3.93 -34.13
C ASP D 182 16.66 4.53 -34.69
N LEU D 183 15.77 3.67 -35.20
CA LEU D 183 14.56 4.13 -35.86
C LEU D 183 13.37 3.30 -35.39
N TYR D 184 12.19 3.89 -35.48
CA TYR D 184 10.95 3.23 -35.11
C TYR D 184 10.37 2.48 -36.31
N THR D 185 9.46 1.56 -36.01
CA THR D 185 8.75 0.82 -37.04
C THR D 185 7.34 0.54 -36.53
N LEU D 186 6.36 0.67 -37.42
CA LEU D 186 4.96 0.51 -37.04
C LEU D 186 4.23 -0.20 -38.18
N SER D 187 3.22 -0.98 -37.80
CA SER D 187 2.34 -1.67 -38.74
C SER D 187 0.91 -1.31 -38.41
N SER D 188 0.05 -1.26 -39.44
CA SER D 188 -1.38 -1.12 -39.23
C SER D 188 -2.13 -2.16 -40.06
N SER D 189 -3.20 -2.70 -39.48
CA SER D 189 -4.01 -3.73 -40.10
C SER D 189 -5.44 -3.24 -40.28
N VAL D 190 -6.09 -3.66 -41.37
CA VAL D 190 -7.50 -3.39 -41.62
C VAL D 190 -8.13 -4.64 -42.24
N THR D 191 -9.39 -4.90 -41.88
CA THR D 191 -10.12 -6.08 -42.34
C THR D 191 -11.42 -5.63 -42.98
N VAL D 192 -11.61 -6.01 -44.24
CA VAL D 192 -12.74 -5.54 -45.04
C VAL D 192 -13.33 -6.72 -45.79
N PRO D 193 -14.63 -6.67 -46.10
CA PRO D 193 -15.23 -7.75 -46.90
C PRO D 193 -14.53 -7.94 -48.22
N SER D 194 -14.45 -9.21 -48.65
CA SER D 194 -13.73 -9.54 -49.87
C SER D 194 -14.47 -9.08 -51.12
N SER D 195 -15.71 -8.62 -50.98
CA SER D 195 -16.40 -7.95 -52.07
C SER D 195 -16.06 -6.47 -52.13
N THR D 196 -15.80 -5.85 -50.98
CA THR D 196 -15.44 -4.44 -50.94
C THR D 196 -14.07 -4.16 -51.57
N TRP D 197 -13.22 -5.18 -51.71
CA TRP D 197 -11.86 -4.99 -52.20
C TRP D 197 -11.47 -6.12 -53.15
N PRO D 198 -10.77 -5.79 -54.25
CA PRO D 198 -10.27 -4.49 -54.69
C PRO D 198 -11.30 -3.69 -55.46
N SER D 199 -12.59 -4.00 -55.21
CA SER D 199 -13.69 -3.27 -55.82
C SER D 199 -13.62 -1.81 -55.44
N GLU D 200 -14.01 -1.50 -54.21
CA GLU D 200 -13.79 -0.17 -53.67
C GLU D 200 -12.38 -0.09 -53.09
N THR D 201 -11.84 1.12 -53.05
CA THR D 201 -10.43 1.28 -52.77
C THR D 201 -10.18 1.33 -51.27
N VAL D 202 -8.99 0.89 -50.87
CA VAL D 202 -8.50 1.04 -49.51
C VAL D 202 -7.13 1.71 -49.56
N THR D 203 -6.98 2.82 -48.86
CA THR D 203 -5.74 3.57 -48.78
C THR D 203 -5.41 3.79 -47.31
N CYS D 204 -4.16 3.58 -46.91
CA CYS D 204 -3.78 3.96 -45.55
C CYS D 204 -3.05 5.29 -45.62
N ASN D 205 -3.36 6.16 -44.66
CA ASN D 205 -2.84 7.53 -44.62
C ASN D 205 -1.92 7.65 -43.42
N VAL D 206 -0.62 7.79 -43.69
CA VAL D 206 0.40 7.85 -42.64
C VAL D 206 0.94 9.28 -42.58
N ALA D 207 0.80 9.90 -41.41
CA ALA D 207 1.23 11.28 -41.20
C ALA D 207 2.27 11.32 -40.10
N HIS D 208 3.33 12.10 -40.33
CA HIS D 208 4.45 12.22 -39.39
C HIS D 208 4.86 13.68 -39.31
N PRO D 209 4.43 14.40 -38.25
CA PRO D 209 4.64 15.86 -38.23
C PRO D 209 6.08 16.28 -38.02
N ALA D 210 6.91 15.44 -37.40
CA ALA D 210 8.29 15.85 -37.11
C ALA D 210 9.08 16.09 -38.39
N SER D 211 8.83 15.28 -39.42
CA SER D 211 9.41 15.49 -40.74
C SER D 211 8.44 16.17 -41.70
N SER D 212 7.18 16.38 -41.27
CA SER D 212 6.16 17.08 -42.05
C SER D 212 5.70 16.23 -43.23
N THR D 213 5.48 14.93 -42.97
CA THR D 213 5.18 13.95 -44.00
C THR D 213 3.72 13.54 -43.94
N LYS D 214 3.05 13.53 -45.09
CA LYS D 214 1.67 13.08 -45.20
C LYS D 214 1.57 12.21 -46.44
N VAL D 215 1.45 10.90 -46.24
CA VAL D 215 1.53 9.92 -47.32
C VAL D 215 0.22 9.14 -47.38
N ASP D 216 -0.32 8.98 -48.59
CA ASP D 216 -1.42 8.07 -48.85
C ASP D 216 -0.91 6.98 -49.77
N LYS D 217 -0.88 5.75 -49.27
CA LYS D 217 -0.40 4.60 -50.04
C LYS D 217 -1.58 3.66 -50.28
N LYS D 218 -2.12 3.70 -51.50
CA LYS D 218 -3.19 2.78 -51.87
C LYS D 218 -2.64 1.36 -51.93
N ILE D 219 -3.55 0.39 -51.74
CA ILE D 219 -3.18 -1.02 -51.70
C ILE D 219 -3.85 -1.70 -52.89
N VAL D 220 -3.07 -1.99 -53.91
CA VAL D 220 -3.54 -2.71 -55.09
C VAL D 220 -3.15 -4.18 -54.95
N PRO D 221 -3.89 -5.11 -55.53
CA PRO D 221 -3.56 -6.54 -55.37
C PRO D 221 -2.19 -6.85 -55.96
N ARG D 222 -1.61 -7.95 -55.47
CA ARG D 222 -0.24 -8.31 -55.83
C ARG D 222 -0.22 -9.23 -57.04
N SER E 1 19.58 -13.77 5.98
CA SER E 1 20.60 -13.14 5.13
C SER E 1 20.89 -13.90 3.83
N PRO E 2 21.23 -15.19 3.90
CA PRO E 2 21.56 -15.92 2.67
C PRO E 2 20.33 -16.09 1.80
N PRO E 3 20.43 -15.75 0.51
CA PRO E 3 19.29 -15.92 -0.38
C PRO E 3 18.95 -17.40 -0.54
N SER E 4 17.69 -17.67 -0.81
CA SER E 4 17.20 -19.02 -1.01
C SER E 4 17.15 -19.33 -2.50
N ILE E 5 17.48 -20.58 -2.85
CA ILE E 5 17.41 -21.04 -4.22
C ILE E 5 16.49 -22.25 -4.28
N GLY E 6 15.79 -22.39 -5.41
CA GLY E 6 14.85 -23.48 -5.56
C GLY E 6 15.42 -24.70 -6.25
N ILE E 7 15.53 -25.80 -5.53
CA ILE E 7 15.99 -27.07 -6.08
C ILE E 7 14.81 -28.02 -6.12
N ALA E 8 14.51 -28.55 -7.30
CA ALA E 8 13.50 -29.59 -7.46
C ALA E 8 14.17 -30.95 -7.28
N VAL E 9 13.67 -31.74 -6.34
CA VAL E 9 14.12 -33.11 -6.15
C VAL E 9 13.02 -34.02 -6.67
N ILE E 10 13.24 -34.55 -7.87
CA ILE E 10 12.24 -35.29 -8.61
C ILE E 10 12.48 -36.79 -8.43
N LEU E 11 11.45 -37.49 -7.95
CA LEU E 11 11.56 -38.93 -7.67
C LEU E 11 10.59 -39.72 -8.54
N VAL E 12 11.13 -40.59 -9.39
CA VAL E 12 10.31 -41.41 -10.29
C VAL E 12 10.14 -42.78 -9.64
N GLY E 13 8.94 -43.02 -9.10
CA GLY E 13 8.64 -44.28 -8.44
C GLY E 13 9.60 -44.63 -7.32
N SER E 15 10.41 -44.28 -3.86
CA SER E 15 10.15 -44.46 -2.43
C SER E 15 11.47 -44.57 -1.68
N ASP E 16 11.53 -44.08 -0.44
CA ASP E 16 10.39 -43.43 0.21
C ASP E 16 10.65 -41.94 0.37
N GLU E 17 9.63 -41.13 0.03
CA GLU E 17 9.77 -39.69 0.11
C GLU E 17 9.95 -39.18 1.54
N VAL E 18 9.62 -39.99 2.55
CA VAL E 18 9.77 -39.54 3.93
C VAL E 18 11.22 -39.62 4.37
N ALA E 19 11.87 -40.76 4.12
CA ALA E 19 13.29 -40.88 4.44
C ALA E 19 14.12 -39.86 3.67
N ILE E 20 13.69 -39.52 2.45
CA ILE E 20 14.42 -38.52 1.68
C ILE E 20 14.17 -37.14 2.24
N LYS E 21 12.92 -36.88 2.65
CA LYS E 21 12.62 -35.59 3.25
C LYS E 21 13.40 -35.40 4.55
N ASP E 22 13.34 -36.38 5.46
CA ASP E 22 13.92 -36.15 6.79
C ASP E 22 15.44 -36.03 6.75
N ALA E 23 16.11 -36.74 5.85
CA ALA E 23 17.56 -36.70 5.83
C ALA E 23 18.10 -35.31 5.52
N HIS E 24 17.58 -34.66 4.47
CA HIS E 24 18.11 -33.34 4.08
C HIS E 24 17.62 -32.21 4.98
N GLU E 25 16.38 -32.26 5.46
CA GLU E 25 15.86 -31.09 6.16
C GLU E 25 16.52 -30.88 7.51
N LYS E 26 17.54 -31.68 7.88
CA LYS E 26 18.41 -31.35 9.00
C LYS E 26 19.75 -30.80 8.57
N ASP E 27 20.00 -30.70 7.27
CA ASP E 27 21.27 -30.19 6.79
C ASP E 27 21.18 -28.67 6.80
N ASP E 28 21.96 -28.03 7.66
CA ASP E 28 21.89 -26.58 7.86
C ASP E 28 22.89 -25.97 6.90
N PHE E 29 22.40 -25.45 5.78
CA PHE E 29 23.25 -24.83 4.78
C PHE E 29 23.57 -23.38 5.11
N HIS E 30 23.14 -22.89 6.26
CA HIS E 30 23.69 -21.64 6.75
C HIS E 30 25.15 -21.92 7.10
N HIS E 31 25.94 -20.85 7.21
CA HIS E 31 27.41 -20.86 7.15
C HIS E 31 27.82 -20.90 5.68
N LEU E 32 26.86 -20.83 4.77
CA LEU E 32 27.08 -20.71 3.34
C LEU E 32 26.42 -19.40 2.91
N SER E 33 26.82 -18.90 1.74
CA SER E 33 26.20 -17.67 1.26
C SER E 33 24.81 -17.89 0.68
N VAL E 34 24.41 -19.15 0.45
CA VAL E 34 23.13 -19.48 -0.18
C VAL E 34 22.58 -20.72 0.52
N VAL E 35 21.25 -20.78 0.69
CA VAL E 35 20.63 -21.97 1.26
C VAL E 35 19.51 -22.49 0.35
N PRO E 36 19.20 -23.78 0.36
CA PRO E 36 18.24 -24.33 -0.60
C PRO E 36 16.81 -24.36 -0.08
N ARG E 37 15.88 -24.21 -1.03
CA ARG E 37 14.45 -24.34 -0.77
C ARG E 37 13.95 -25.48 -1.64
N VAL E 38 13.83 -26.66 -1.05
CA VAL E 38 13.67 -27.90 -1.79
C VAL E 38 12.19 -28.26 -1.91
N GLU E 39 11.77 -28.65 -3.11
CA GLU E 39 10.40 -29.08 -3.37
C GLU E 39 10.44 -30.41 -4.10
N LEU E 40 10.08 -31.48 -3.40
CA LEU E 40 10.03 -32.81 -4.01
C LEU E 40 8.78 -32.97 -4.87
N VAL E 41 8.91 -33.80 -5.91
CA VAL E 41 7.79 -34.14 -6.78
C VAL E 41 7.85 -35.65 -7.01
N ALA E 42 6.87 -36.38 -6.49
CA ALA E 42 6.78 -37.81 -6.69
C ALA E 42 6.01 -38.09 -7.97
N MET E 43 6.60 -38.91 -8.84
CA MET E 43 5.98 -39.22 -10.12
C MET E 43 5.99 -40.73 -10.31
N ASN E 44 5.05 -41.20 -11.12
CA ASN E 44 4.94 -42.60 -11.47
C ASN E 44 5.06 -42.88 -12.97
N GLU E 45 5.10 -41.86 -13.83
CA GLU E 45 4.86 -42.07 -15.26
C GLU E 45 6.11 -42.46 -16.05
N THR E 46 7.22 -41.75 -15.83
CA THR E 46 8.52 -41.94 -16.51
C THR E 46 8.35 -42.24 -18.01
N ASP E 47 7.74 -41.30 -18.70
CA ASP E 47 7.67 -41.30 -20.16
C ASP E 47 8.23 -39.96 -20.61
N PRO E 48 8.63 -39.84 -21.88
CA PRO E 48 9.31 -38.58 -22.30
C PRO E 48 8.45 -37.36 -22.07
N LYS E 49 7.19 -37.43 -22.44
CA LYS E 49 6.32 -36.27 -22.32
C LYS E 49 6.10 -35.89 -20.85
N SER E 50 5.94 -36.87 -19.96
CA SER E 50 5.66 -36.55 -18.56
C SER E 50 6.86 -35.90 -17.88
N ILE E 51 8.06 -36.45 -18.11
CA ILE E 51 9.27 -35.87 -17.53
C ILE E 51 9.46 -34.44 -18.01
N ILE E 52 9.32 -34.22 -19.32
CA ILE E 52 9.47 -32.88 -19.85
C ILE E 52 8.43 -31.95 -19.25
N THR E 53 7.15 -32.30 -19.37
CA THR E 53 6.16 -31.37 -18.86
C THR E 53 6.07 -31.34 -17.33
N ARG E 54 6.83 -32.19 -16.64
CA ARG E 54 6.99 -31.92 -15.22
C ARG E 54 8.05 -30.84 -15.04
N ILE E 55 9.22 -31.03 -15.64
CA ILE E 55 10.29 -30.05 -15.48
C ILE E 55 9.83 -28.66 -15.88
N CYS E 56 9.24 -28.53 -17.07
CA CYS E 56 8.87 -27.22 -17.58
C CYS E 56 7.82 -26.54 -16.72
N ASP E 57 6.79 -27.29 -16.30
CA ASP E 57 5.75 -26.69 -15.47
C ASP E 57 6.29 -26.23 -14.13
N LEU E 58 7.25 -26.98 -13.56
CA LEU E 58 7.92 -26.50 -12.36
C LEU E 58 8.75 -25.25 -12.66
N MET E 59 9.35 -25.16 -13.85
CA MET E 59 10.15 -23.98 -14.20
C MET E 59 9.30 -22.73 -14.23
N SER E 60 8.09 -22.83 -14.73
CA SER E 60 7.24 -21.67 -14.92
C SER E 60 6.55 -21.25 -13.63
N ASP E 61 6.21 -22.20 -12.75
CA ASP E 61 5.62 -21.84 -11.46
C ASP E 61 6.68 -21.29 -10.51
N ARG E 62 7.59 -22.15 -10.06
CA ARG E 62 8.58 -21.75 -9.07
C ARG E 62 9.87 -21.29 -9.77
N LYS E 63 10.74 -20.63 -9.01
CA LYS E 63 12.06 -20.25 -9.52
C LYS E 63 12.99 -21.42 -9.28
N ILE E 64 13.28 -22.18 -10.34
CA ILE E 64 14.04 -23.42 -10.23
C ILE E 64 15.49 -23.13 -10.60
N GLN E 65 16.38 -23.34 -9.63
CA GLN E 65 17.81 -23.16 -9.86
C GLN E 65 18.51 -24.46 -10.21
N GLY E 66 18.08 -25.58 -9.64
CA GLY E 66 18.66 -26.88 -9.95
C GLY E 66 17.64 -27.99 -9.84
N VAL E 67 17.92 -29.08 -10.54
CA VAL E 67 17.06 -30.26 -10.55
C VAL E 67 17.90 -31.47 -10.21
N VAL E 68 17.39 -32.30 -9.30
CA VAL E 68 18.05 -33.55 -8.91
C VAL E 68 17.09 -34.69 -9.20
N PHE E 69 17.52 -35.60 -10.06
CA PHE E 69 16.68 -36.65 -10.62
C PHE E 69 17.17 -38.00 -10.13
N ALA E 70 16.26 -38.78 -9.52
CA ALA E 70 16.52 -40.14 -9.11
C ALA E 70 15.54 -41.07 -9.82
N ASP E 71 15.98 -42.30 -10.10
CA ASP E 71 15.24 -43.19 -10.99
C ASP E 71 15.22 -44.60 -10.40
N ASP E 72 14.27 -45.41 -10.87
CA ASP E 72 14.14 -46.80 -10.46
C ASP E 72 14.02 -47.73 -11.67
N THR E 73 14.72 -47.40 -12.76
CA THR E 73 14.64 -48.16 -14.01
C THR E 73 16.05 -48.45 -14.50
N ASP E 74 16.14 -49.29 -15.53
CA ASP E 74 17.38 -49.55 -16.24
C ASP E 74 17.31 -49.06 -17.68
N GLN E 75 16.57 -47.98 -17.93
CA GLN E 75 16.41 -47.43 -19.27
C GLN E 75 17.30 -46.22 -19.41
N GLU E 76 18.38 -46.35 -20.18
CA GLU E 76 19.35 -45.28 -20.33
C GLU E 76 18.78 -44.05 -21.03
N ALA E 77 17.73 -44.22 -21.84
CA ALA E 77 17.15 -43.09 -22.58
C ALA E 77 16.68 -41.98 -21.65
N ILE E 78 16.47 -42.29 -20.37
CA ILE E 78 16.18 -41.26 -19.38
C ILE E 78 17.27 -40.19 -19.39
N ALA E 79 18.52 -40.62 -19.20
CA ALA E 79 19.64 -39.69 -19.09
C ALA E 79 19.71 -38.74 -20.28
N GLN E 80 19.67 -39.29 -21.50
CA GLN E 80 19.75 -38.46 -22.69
C GLN E 80 18.69 -37.37 -22.68
N ILE E 81 17.45 -37.76 -22.38
CA ILE E 81 16.34 -36.81 -22.32
C ILE E 81 16.67 -35.66 -21.36
N LEU E 82 17.18 -35.99 -20.19
CA LEU E 82 17.53 -34.93 -19.23
C LEU E 82 18.77 -34.18 -19.67
N ASP E 83 19.72 -34.87 -20.31
CA ASP E 83 20.85 -34.15 -20.89
C ASP E 83 20.38 -33.15 -21.93
N PHE E 84 19.38 -33.54 -22.73
CA PHE E 84 18.80 -32.63 -23.71
C PHE E 84 17.97 -31.53 -23.05
N ILE E 85 17.35 -31.84 -21.91
CA ILE E 85 16.56 -30.85 -21.20
C ILE E 85 17.48 -29.79 -20.58
N SER E 86 18.49 -30.24 -19.83
CA SER E 86 19.57 -29.39 -19.32
C SER E 86 20.02 -28.34 -20.34
N ALA E 87 20.41 -28.77 -21.55
CA ALA E 87 21.03 -27.86 -22.51
C ALA E 87 20.05 -26.83 -23.04
N GLN E 88 18.78 -27.21 -23.20
CA GLN E 88 17.80 -26.35 -23.82
C GLN E 88 17.23 -25.32 -22.85
N THR E 89 17.46 -25.52 -21.56
CA THR E 89 17.07 -24.57 -20.52
C THR E 89 18.27 -24.07 -19.73
N LEU E 90 19.47 -24.55 -20.04
CA LEU E 90 20.70 -24.22 -19.33
C LEU E 90 20.51 -24.22 -17.81
N THR E 91 19.71 -25.17 -17.33
CA THR E 91 19.55 -25.36 -15.91
C THR E 91 20.16 -26.70 -15.50
N PRO E 92 20.88 -26.72 -14.39
CA PRO E 92 21.58 -27.96 -13.99
C PRO E 92 20.62 -29.07 -13.60
N ILE E 93 20.99 -30.27 -14.01
CA ILE E 93 20.34 -31.49 -13.57
C ILE E 93 21.40 -32.49 -13.16
N LEU E 94 21.13 -33.18 -12.06
CA LEU E 94 21.98 -34.25 -11.57
C LEU E 94 21.21 -35.55 -11.58
N GLY E 95 21.67 -36.50 -12.41
CA GLY E 95 21.10 -37.83 -12.41
C GLY E 95 21.77 -38.70 -11.37
N ILE E 96 21.06 -38.99 -10.27
CA ILE E 96 21.68 -39.61 -9.10
C ILE E 96 21.31 -41.07 -8.91
N HIS E 97 20.35 -41.61 -9.66
CA HIS E 97 19.96 -42.99 -9.48
C HIS E 97 19.20 -43.46 -10.70
N GLY E 98 19.28 -44.76 -10.98
CA GLY E 98 18.54 -45.36 -12.08
C GLY E 98 19.10 -44.97 -13.44
N GLY E 99 18.21 -44.91 -14.43
CA GLY E 99 18.60 -44.51 -15.77
C GLY E 99 19.12 -43.09 -15.86
N SER E 100 18.72 -42.22 -14.94
CA SER E 100 19.32 -40.89 -14.88
C SER E 100 20.80 -40.94 -14.54
N SER E 101 21.26 -42.02 -13.91
CA SER E 101 22.68 -42.17 -13.57
C SER E 101 23.41 -43.11 -14.52
N MET E 102 22.72 -43.71 -15.48
CA MET E 102 23.40 -44.56 -16.46
C MET E 102 24.29 -43.68 -17.34
N ILE E 103 25.61 -43.76 -17.10
CA ILE E 103 26.53 -42.71 -17.54
C ILE E 103 26.42 -42.51 -19.04
N MET E 104 26.35 -41.25 -19.44
CA MET E 104 26.24 -40.82 -20.83
C MET E 104 27.55 -40.13 -21.19
N ALA E 105 28.48 -40.88 -21.75
CA ALA E 105 29.59 -40.24 -22.45
C ALA E 105 29.04 -39.51 -23.66
N ASP E 106 29.76 -38.47 -24.11
CA ASP E 106 29.45 -37.77 -25.37
C ASP E 106 28.15 -36.97 -25.26
N LYS E 107 28.07 -36.07 -24.29
CA LYS E 107 26.81 -35.34 -24.14
C LYS E 107 26.92 -33.90 -24.64
N ASP E 108 25.78 -33.22 -24.64
CA ASP E 108 25.62 -31.96 -25.38
C ASP E 108 26.66 -30.94 -24.94
N GLU E 109 27.14 -30.13 -25.89
CA GLU E 109 28.19 -29.18 -25.58
C GLU E 109 27.72 -28.16 -24.53
N SER E 110 26.48 -27.70 -24.65
CA SER E 110 25.89 -26.72 -23.75
C SER E 110 25.33 -27.34 -22.46
N SER E 111 25.49 -28.65 -22.28
CA SER E 111 24.76 -29.35 -21.23
C SER E 111 25.24 -28.97 -19.83
N MET E 112 24.31 -29.02 -18.88
CA MET E 112 24.62 -28.91 -17.46
C MET E 112 24.13 -30.15 -16.71
N PHE E 113 24.21 -31.30 -17.37
CA PHE E 113 23.76 -32.58 -16.84
C PHE E 113 24.96 -33.36 -16.31
N PHE E 114 24.89 -33.79 -15.06
CA PHE E 114 25.96 -34.53 -14.41
C PHE E 114 25.38 -35.73 -13.69
N GLN E 115 26.05 -36.86 -13.80
CA GLN E 115 25.53 -38.12 -13.30
C GLN E 115 26.40 -38.67 -12.18
N PHE E 116 25.73 -39.24 -11.16
CA PHE E 116 26.41 -40.00 -10.12
C PHE E 116 26.88 -41.33 -10.67
N GLY E 117 28.12 -41.39 -11.16
CA GLY E 117 28.63 -42.61 -11.72
C GLY E 117 30.01 -42.46 -12.33
N PRO E 118 30.59 -43.59 -12.74
CA PRO E 118 31.97 -43.58 -13.24
C PRO E 118 32.07 -43.65 -14.75
N SER E 119 33.25 -43.36 -15.28
CA SER E 119 33.54 -43.51 -16.68
C SER E 119 34.01 -44.94 -16.97
N ILE E 120 34.06 -45.29 -18.26
CA ILE E 120 34.60 -46.58 -18.65
C ILE E 120 36.07 -46.66 -18.26
N GLU E 121 36.81 -45.56 -18.41
CA GLU E 121 38.23 -45.56 -18.11
C GLU E 121 38.49 -45.74 -16.61
N GLN E 122 37.62 -45.18 -15.77
CA GLN E 122 37.82 -45.29 -14.33
C GLN E 122 37.73 -46.73 -13.85
N GLN E 123 36.70 -47.46 -14.27
CA GLN E 123 36.56 -48.84 -13.82
C GLN E 123 37.60 -49.74 -14.46
N ALA E 124 38.00 -49.42 -15.70
CA ALA E 124 39.14 -50.11 -16.29
C ALA E 124 40.37 -49.98 -15.40
N SER E 125 40.64 -48.76 -14.91
CA SER E 125 41.74 -48.55 -13.97
C SER E 125 41.55 -49.37 -12.70
N VAL E 126 40.30 -49.51 -12.23
CA VAL E 126 40.07 -50.35 -11.06
C VAL E 126 40.37 -51.81 -11.35
N MET E 127 39.99 -52.27 -12.54
CA MET E 127 40.31 -53.64 -12.94
C MET E 127 41.80 -53.92 -12.86
N LEU E 128 42.60 -53.10 -13.52
CA LEU E 128 44.03 -53.35 -13.52
C LEU E 128 44.63 -53.15 -12.14
N ASN E 129 43.97 -52.38 -11.29
CA ASN E 129 44.42 -52.25 -9.90
C ASN E 129 44.15 -53.52 -9.11
N ILE E 130 43.02 -54.18 -9.37
CA ILE E 130 42.78 -55.51 -8.80
C ILE E 130 43.91 -56.45 -9.19
N MET E 131 44.29 -56.45 -10.46
CA MET E 131 45.38 -57.29 -10.93
C MET E 131 46.70 -56.92 -10.24
N GLU E 132 47.00 -55.62 -10.16
CA GLU E 132 48.20 -55.18 -9.46
C GLU E 132 48.21 -55.67 -8.01
N GLU E 133 47.03 -55.84 -7.41
CA GLU E 133 46.94 -56.40 -6.07
C GLU E 133 47.42 -57.85 -6.05
N TYR E 134 46.80 -58.72 -6.85
CA TYR E 134 47.10 -60.16 -6.82
C TYR E 134 47.79 -60.62 -8.11
N ASP E 135 48.57 -59.74 -8.71
CA ASP E 135 49.70 -60.13 -9.55
C ASP E 135 49.26 -60.93 -10.79
N TRP E 136 48.15 -60.54 -11.39
CA TRP E 136 47.69 -61.13 -12.65
C TRP E 136 48.16 -60.19 -13.76
N TYR E 137 49.41 -60.36 -14.16
CA TYR E 137 50.04 -59.51 -15.16
C TYR E 137 49.98 -60.10 -16.56
N ILE E 138 49.28 -61.22 -16.73
CA ILE E 138 49.05 -61.84 -18.03
C ILE E 138 47.55 -61.94 -18.23
N PHE E 139 47.05 -61.25 -19.26
CA PHE E 139 45.62 -61.16 -19.47
C PHE E 139 45.36 -60.95 -20.96
N SER E 140 44.07 -61.01 -21.31
CA SER E 140 43.60 -60.64 -22.64
C SER E 140 42.43 -59.68 -22.51
N ILE E 141 41.87 -59.27 -23.65
CA ILE E 141 40.71 -58.40 -23.73
C ILE E 141 39.78 -58.92 -24.82
N VAL E 142 38.48 -58.87 -24.57
CA VAL E 142 37.46 -59.30 -25.52
C VAL E 142 36.36 -58.25 -25.54
N THR E 143 36.12 -57.67 -26.72
CA THR E 143 35.36 -56.43 -26.83
C THR E 143 34.41 -56.52 -28.03
N THR E 144 33.31 -55.79 -27.96
CA THR E 144 32.38 -55.72 -29.08
C THR E 144 32.67 -54.44 -29.84
N TYR E 145 31.96 -54.26 -30.95
CA TYR E 145 31.97 -52.95 -31.60
C TYR E 145 31.01 -51.97 -30.92
N PHE E 146 30.42 -52.36 -29.80
CA PHE E 146 29.52 -51.46 -29.07
C PHE E 146 30.31 -50.25 -28.56
N PRO E 147 29.75 -49.04 -28.65
CA PRO E 147 30.55 -47.83 -28.38
C PRO E 147 31.27 -47.79 -27.03
N GLY E 148 32.24 -46.87 -26.94
CA GLY E 148 33.19 -46.84 -25.84
C GLY E 148 34.10 -48.04 -25.81
N TYR E 149 33.97 -48.92 -26.80
CA TYR E 149 34.76 -50.14 -26.88
C TYR E 149 36.27 -49.86 -26.80
N GLN E 150 36.78 -49.09 -27.75
CA GLN E 150 38.22 -48.88 -27.80
C GLN E 150 38.71 -47.96 -26.69
N ASP E 151 37.90 -46.97 -26.31
CA ASP E 151 38.23 -46.15 -25.13
C ASP E 151 38.60 -47.04 -23.94
N PHE E 152 37.91 -48.16 -23.79
CA PHE E 152 38.27 -49.19 -22.81
C PHE E 152 39.63 -49.82 -23.14
N VAL E 153 39.75 -50.38 -24.35
CA VAL E 153 40.99 -51.07 -24.75
C VAL E 153 42.20 -50.17 -24.60
N ASN E 154 42.13 -48.97 -25.17
CA ASN E 154 43.22 -48.00 -25.06
C ASN E 154 43.52 -47.63 -23.61
N LYS E 155 42.49 -47.47 -22.77
CA LYS E 155 42.76 -47.14 -21.37
C LYS E 155 43.60 -48.24 -20.72
N ILE E 156 43.24 -49.51 -20.95
CA ILE E 156 44.05 -50.61 -20.44
C ILE E 156 45.47 -50.53 -21.01
N ARG E 157 45.56 -50.54 -22.35
CA ARG E 157 46.87 -50.58 -23.00
C ARG E 157 47.72 -49.37 -22.62
N SER E 158 47.09 -48.23 -22.38
CA SER E 158 47.85 -47.04 -22.00
C SER E 158 48.46 -47.19 -20.62
N THR E 159 47.67 -47.54 -19.60
CA THR E 159 48.20 -47.52 -18.23
C THR E 159 49.35 -48.51 -18.06
N ILE E 160 49.42 -49.53 -18.91
CA ILE E 160 50.51 -50.50 -18.80
C ILE E 160 51.67 -50.14 -19.70
N GLU E 161 51.37 -49.55 -20.86
CA GLU E 161 52.43 -48.98 -21.69
C GLU E 161 53.28 -48.00 -20.90
N ASN E 162 52.63 -47.07 -20.22
CA ASN E 162 53.32 -46.10 -19.38
C ASN E 162 53.63 -46.73 -18.02
N SER E 163 54.48 -47.74 -18.03
CA SER E 163 54.85 -48.43 -16.80
C SER E 163 56.13 -49.21 -17.03
N PHE E 164 56.74 -49.64 -15.92
CA PHE E 164 57.93 -50.49 -16.00
C PHE E 164 57.68 -51.97 -15.65
N VAL E 165 56.62 -52.29 -14.92
CA VAL E 165 56.48 -53.67 -14.46
C VAL E 165 55.98 -54.53 -15.63
N GLY E 166 56.23 -55.84 -15.55
CA GLY E 166 56.00 -56.72 -16.69
C GLY E 166 54.59 -57.23 -16.95
N TRP E 167 53.74 -56.38 -17.53
CA TRP E 167 52.39 -56.76 -17.97
C TRP E 167 52.49 -57.44 -19.33
N GLU E 168 51.74 -58.52 -19.52
CA GLU E 168 51.78 -59.29 -20.76
C GLU E 168 50.37 -59.37 -21.33
N LEU E 169 50.04 -58.44 -22.23
CA LEU E 169 48.75 -58.53 -22.90
C LEU E 169 48.85 -59.60 -23.98
N GLU E 170 48.00 -60.63 -23.85
CA GLU E 170 48.06 -61.79 -24.74
C GLU E 170 47.44 -61.49 -26.10
N GLU E 171 46.11 -61.46 -26.15
CA GLU E 171 45.39 -61.25 -27.40
C GLU E 171 44.24 -60.28 -27.17
N VAL E 172 44.01 -59.39 -28.13
CA VAL E 172 42.91 -58.44 -28.09
C VAL E 172 41.95 -58.85 -29.19
N LEU E 173 40.74 -59.27 -28.82
CA LEU E 173 39.75 -59.73 -29.77
C LEU E 173 38.61 -58.73 -29.87
N LEU E 174 37.98 -58.69 -31.05
CA LEU E 174 36.84 -57.81 -31.33
C LEU E 174 35.76 -58.65 -31.99
N LEU E 175 34.87 -59.23 -31.18
CA LEU E 175 33.71 -59.95 -31.68
C LEU E 175 32.86 -59.07 -32.61
N ASP E 176 31.94 -59.73 -33.31
CA ASP E 176 30.95 -59.04 -34.12
C ASP E 176 29.65 -58.85 -33.35
N GLN E 187 28.66 -67.76 -37.99
CA GLN E 187 29.74 -68.71 -37.75
C GLN E 187 30.60 -68.28 -36.56
N ASN E 188 30.29 -68.83 -35.39
CA ASN E 188 31.04 -68.49 -34.19
C ASN E 188 32.49 -68.93 -34.33
N GLN E 189 33.39 -68.04 -33.92
CA GLN E 189 34.83 -68.26 -34.01
C GLN E 189 35.51 -67.22 -33.16
N LEU E 190 36.72 -67.53 -32.70
CA LEU E 190 37.49 -66.60 -31.88
C LEU E 190 38.90 -67.15 -31.73
N LYS E 191 39.75 -66.36 -31.07
CA LYS E 191 41.11 -66.83 -30.83
C LYS E 191 41.05 -67.84 -29.68
N LYS E 192 42.08 -68.66 -29.57
CA LYS E 192 42.06 -69.65 -28.51
C LYS E 192 42.46 -68.96 -27.23
N LEU E 193 41.66 -69.09 -26.18
CA LEU E 193 41.95 -68.39 -24.95
C LEU E 193 43.30 -68.85 -24.45
N GLN E 194 44.16 -67.88 -24.14
CA GLN E 194 45.53 -68.17 -23.76
C GLN E 194 45.93 -67.41 -22.49
N SER E 195 44.95 -66.99 -21.69
CA SER E 195 45.24 -66.19 -20.52
C SER E 195 44.56 -66.71 -19.27
N PRO E 196 45.18 -66.49 -18.11
CA PRO E 196 44.52 -66.86 -16.85
C PRO E 196 43.47 -65.83 -16.46
N ILE E 197 43.67 -64.60 -16.92
CA ILE E 197 42.77 -63.49 -16.67
C ILE E 197 42.35 -62.86 -17.99
N ILE E 198 41.10 -62.51 -18.11
CA ILE E 198 40.62 -61.88 -19.33
C ILE E 198 40.18 -60.48 -18.95
N LEU E 199 39.65 -59.74 -19.94
CA LEU E 199 38.84 -58.55 -19.71
C LEU E 199 37.70 -58.45 -20.73
N LEU E 200 36.51 -58.90 -20.34
CA LEU E 200 35.35 -58.84 -21.23
C LEU E 200 34.75 -57.44 -21.24
N TYR E 201 34.35 -56.98 -22.42
CA TYR E 201 33.71 -55.68 -22.53
C TYR E 201 32.62 -55.75 -23.58
N CYS E 202 31.34 -55.68 -23.14
CA CYS E 202 30.21 -55.64 -24.07
C CYS E 202 28.87 -55.45 -23.35
N THR E 203 27.78 -55.56 -24.12
CA THR E 203 26.44 -55.45 -23.56
C THR E 203 26.03 -56.75 -22.88
N LYS E 204 25.20 -56.61 -21.83
CA LYS E 204 24.73 -57.77 -21.09
C LYS E 204 23.87 -58.70 -21.95
N GLU E 205 23.25 -58.18 -23.01
CA GLU E 205 22.56 -59.04 -23.95
C GLU E 205 23.56 -59.81 -24.82
N GLU E 206 24.58 -59.11 -25.31
CA GLU E 206 25.64 -59.77 -26.07
C GLU E 206 26.59 -60.56 -25.18
N ALA E 207 26.69 -60.19 -23.90
CA ALA E 207 27.59 -60.89 -22.98
C ALA E 207 27.15 -62.33 -22.76
N THR E 208 25.83 -62.55 -22.66
CA THR E 208 25.34 -63.92 -22.43
C THR E 208 25.65 -64.83 -23.61
N TYR E 209 25.52 -64.32 -24.83
CA TYR E 209 25.88 -65.12 -26.00
C TYR E 209 27.37 -65.41 -26.04
N ILE E 210 28.19 -64.44 -25.61
CA ILE E 210 29.62 -64.67 -25.50
C ILE E 210 29.95 -65.55 -24.31
N PHE E 211 29.15 -65.48 -23.24
CA PHE E 211 29.43 -66.23 -22.01
C PHE E 211 29.33 -67.74 -22.17
N GLU E 212 28.70 -68.24 -23.23
CA GLU E 212 28.59 -69.69 -23.44
C GLU E 212 29.95 -70.21 -23.91
N VAL E 213 30.76 -70.74 -22.99
CA VAL E 213 32.11 -71.17 -23.30
C VAL E 213 32.66 -72.03 -22.16
N ALA E 214 33.73 -72.78 -22.45
CA ALA E 214 34.38 -73.65 -21.47
C ALA E 214 35.66 -73.06 -20.89
N ASN E 215 35.82 -71.74 -20.92
CA ASN E 215 37.12 -71.12 -20.71
C ASN E 215 37.46 -70.85 -19.24
N SER E 216 36.47 -70.82 -18.34
CA SER E 216 36.69 -70.44 -16.95
C SER E 216 36.53 -71.65 -16.05
N VAL E 217 37.63 -72.06 -15.41
CA VAL E 217 37.61 -73.15 -14.44
C VAL E 217 38.86 -73.03 -13.59
N GLY E 218 38.87 -73.69 -12.44
CA GLY E 218 40.00 -73.60 -11.52
C GLY E 218 40.27 -74.85 -10.71
N THR E 225 38.47 -67.29 -14.30
CA THR E 225 38.35 -65.95 -13.74
C THR E 225 38.00 -64.96 -14.84
N TRP E 226 36.84 -64.30 -14.70
CA TRP E 226 36.38 -63.33 -15.69
C TRP E 226 36.05 -62.01 -14.99
N ILE E 227 36.33 -60.88 -15.66
CA ILE E 227 36.21 -59.54 -15.07
C ILE E 227 35.55 -58.61 -16.07
N VAL E 228 34.30 -58.28 -15.83
CA VAL E 228 33.56 -57.42 -16.74
C VAL E 228 33.00 -56.25 -15.94
N PRO E 229 32.70 -55.12 -16.61
CA PRO E 229 32.18 -53.94 -15.90
C PRO E 229 30.66 -53.91 -15.79
N SER E 230 30.14 -52.75 -15.33
CA SER E 230 28.71 -52.53 -15.27
C SER E 230 28.01 -52.86 -16.58
N LEU E 231 28.74 -52.76 -17.71
CA LEU E 231 28.18 -53.08 -19.01
C LEU E 231 27.73 -54.53 -19.10
N VAL E 232 28.28 -55.40 -18.25
CA VAL E 232 27.91 -56.80 -18.20
C VAL E 232 27.16 -57.14 -16.92
N ALA E 233 27.59 -56.58 -15.77
CA ALA E 233 26.92 -56.87 -14.51
C ALA E 233 25.48 -56.37 -14.52
N GLY E 234 25.22 -55.23 -15.15
CA GLY E 234 23.87 -54.70 -15.28
C GLY E 234 23.14 -54.62 -13.97
N ASP E 235 21.83 -54.82 -14.01
CA ASP E 235 21.09 -54.82 -12.75
C ASP E 235 21.35 -56.12 -12.02
N THR E 236 22.21 -56.05 -11.02
CA THR E 236 22.60 -57.16 -10.20
C THR E 236 21.40 -57.83 -9.50
N PRO E 244 28.98 -67.09 -15.97
CA PRO E 244 29.99 -67.79 -15.16
C PRO E 244 29.80 -67.56 -13.66
N THR E 245 30.12 -68.55 -12.83
CA THR E 245 30.28 -68.35 -11.41
C THR E 245 31.71 -67.91 -11.11
N GLY E 246 31.86 -66.95 -10.21
CA GLY E 246 33.15 -66.36 -9.93
C GLY E 246 33.48 -65.14 -10.77
N LEU E 247 32.55 -64.69 -11.60
CA LEU E 247 32.72 -63.45 -12.35
C LEU E 247 32.94 -62.30 -11.39
N ILE E 248 33.93 -61.45 -11.69
CA ILE E 248 34.25 -60.28 -10.88
C ILE E 248 33.87 -59.03 -11.66
N SER E 249 33.26 -58.06 -10.99
CA SER E 249 32.76 -56.89 -11.68
C SER E 249 33.05 -55.63 -10.89
N VAL E 250 33.15 -54.52 -11.62
CA VAL E 250 33.15 -53.19 -11.01
C VAL E 250 31.74 -52.64 -11.16
N SER E 251 31.21 -52.06 -10.09
CA SER E 251 29.91 -51.43 -10.17
C SER E 251 29.87 -50.30 -9.16
N TYR E 252 28.92 -49.40 -9.36
CA TYR E 252 28.77 -48.29 -8.44
C TYR E 252 28.05 -48.76 -7.19
N ASP E 253 28.37 -48.14 -6.05
CA ASP E 253 27.86 -48.62 -4.78
C ASP E 253 26.39 -48.28 -4.55
N GLU E 254 25.48 -49.17 -4.94
CA GLU E 254 24.07 -48.96 -4.60
C GLU E 254 23.60 -50.02 -3.61
N TRP E 255 24.34 -50.15 -2.52
CA TRP E 255 24.02 -51.02 -1.40
C TRP E 255 24.19 -50.21 -0.12
N ASP E 256 25.36 -49.61 0.05
CA ASP E 256 25.60 -48.73 1.21
C ASP E 256 25.67 -47.28 0.74
N TYR E 257 24.65 -46.83 0.02
CA TYR E 257 24.61 -45.46 -0.47
C TYR E 257 23.18 -45.15 -0.92
N GLY E 258 22.29 -44.98 0.04
CA GLY E 258 20.87 -44.95 -0.26
C GLY E 258 20.43 -43.66 -0.92
N LEU E 259 19.26 -43.73 -1.52
CA LEU E 259 18.65 -42.56 -2.17
C LEU E 259 18.63 -41.33 -1.28
N PRO E 260 18.31 -41.41 0.03
CA PRO E 260 18.41 -40.21 0.86
C PRO E 260 19.80 -39.59 0.86
N ALA E 261 20.84 -40.41 1.00
CA ALA E 261 22.21 -39.89 1.02
C ALA E 261 22.54 -39.13 -0.26
N ARG E 262 22.02 -39.60 -1.40
CA ARG E 262 22.37 -38.99 -2.68
C ARG E 262 21.53 -37.77 -2.99
N VAL E 263 20.23 -37.83 -2.72
CA VAL E 263 19.41 -36.63 -2.83
C VAL E 263 20.05 -35.50 -2.05
N ARG E 264 20.52 -35.81 -0.84
CA ARG E 264 21.15 -34.80 -0.01
C ARG E 264 22.50 -34.36 -0.57
N ASP E 265 23.27 -35.28 -1.15
CA ASP E 265 24.53 -34.89 -1.77
C ASP E 265 24.30 -33.99 -2.98
N GLY E 266 23.32 -34.35 -3.82
CA GLY E 266 23.03 -33.51 -4.97
C GLY E 266 22.58 -32.11 -4.58
N ILE E 267 21.71 -32.03 -3.57
CA ILE E 267 21.34 -30.73 -2.99
C ILE E 267 22.59 -29.96 -2.60
N ALA E 268 23.49 -30.62 -1.87
CA ALA E 268 24.71 -29.97 -1.40
C ALA E 268 25.56 -29.47 -2.56
N ILE E 269 25.58 -30.20 -3.68
CA ILE E 269 26.40 -29.78 -4.82
C ILE E 269 25.82 -28.52 -5.45
N ILE E 270 24.51 -28.52 -5.72
CA ILE E 270 23.86 -27.35 -6.32
C ILE E 270 24.01 -26.14 -5.40
N THR E 271 23.75 -26.32 -4.11
CA THR E 271 23.77 -25.19 -3.19
C THR E 271 25.19 -24.65 -2.97
N THR E 272 26.17 -25.55 -2.87
CA THR E 272 27.54 -25.07 -2.67
C THR E 272 28.06 -24.35 -3.91
N ALA E 273 27.73 -24.87 -5.09
CA ALA E 273 28.11 -24.20 -6.33
C ALA E 273 27.52 -22.80 -6.41
N ALA E 274 26.20 -22.68 -6.21
CA ALA E 274 25.57 -21.37 -6.19
C ALA E 274 26.17 -20.46 -5.12
N SER E 275 26.54 -21.03 -3.97
CA SER E 275 27.05 -20.20 -2.88
C SER E 275 28.39 -19.59 -3.23
N ASP E 276 29.34 -20.40 -3.68
CA ASP E 276 30.67 -19.90 -4.03
C ASP E 276 30.60 -18.91 -5.18
N MET E 277 29.69 -19.12 -6.14
CA MET E 277 29.54 -18.14 -7.20
C MET E 277 29.11 -16.78 -6.66
N LEU E 278 28.20 -16.77 -5.68
CA LEU E 278 27.76 -15.46 -5.20
C LEU E 278 28.79 -14.86 -4.25
N SER E 279 29.53 -15.71 -3.54
CA SER E 279 30.53 -15.12 -2.67
C SER E 279 31.70 -14.55 -3.44
N GLU E 280 31.85 -14.89 -4.71
CA GLU E 280 32.89 -14.33 -5.57
C GLU E 280 32.36 -13.31 -6.58
N HIS E 281 31.23 -13.57 -7.22
CA HIS E 281 30.70 -12.69 -8.27
C HIS E 281 29.52 -11.84 -7.79
N SER E 282 29.07 -12.01 -6.55
CA SER E 282 28.03 -11.18 -5.95
C SER E 282 26.69 -11.27 -6.68
N PHE E 283 26.45 -12.40 -7.34
CA PHE E 283 25.15 -12.68 -7.96
C PHE E 283 25.12 -14.16 -8.33
N ILE E 284 23.92 -14.72 -8.37
CA ILE E 284 23.70 -16.09 -8.82
C ILE E 284 22.72 -16.05 -9.98
N PRO E 285 22.70 -17.10 -10.82
CA PRO E 285 22.01 -17.00 -12.10
C PRO E 285 20.52 -16.78 -11.93
N GLU E 286 19.96 -15.96 -12.81
CA GLU E 286 18.53 -15.76 -12.84
C GLU E 286 17.86 -17.05 -13.30
N PRO E 287 16.98 -17.66 -12.49
CA PRO E 287 16.24 -18.84 -12.94
C PRO E 287 15.52 -18.63 -14.26
N LYS E 288 15.18 -19.73 -14.90
CA LYS E 288 14.73 -19.74 -16.27
C LYS E 288 13.24 -19.40 -16.37
N SER E 289 12.89 -18.53 -17.34
CA SER E 289 11.52 -18.00 -17.46
C SER E 289 10.44 -19.10 -17.62
N SER E 290 10.57 -19.93 -18.66
CA SER E 290 9.74 -21.10 -18.92
C SER E 290 10.48 -21.88 -19.98
N CYS E 291 9.88 -22.96 -20.42
CA CYS E 291 10.44 -23.66 -21.55
C CYS E 291 9.95 -23.11 -22.86
N TYR E 292 8.69 -22.65 -22.91
CA TYR E 292 8.12 -22.14 -24.17
C TYR E 292 8.88 -20.94 -24.69
N ASN E 293 9.00 -19.89 -23.85
CA ASN E 293 9.83 -18.75 -24.18
C ASN E 293 11.31 -19.13 -24.10
N THR E 294 12.16 -18.21 -24.59
CA THR E 294 13.59 -18.47 -24.71
C THR E 294 14.45 -17.22 -24.53
N HIS E 295 14.06 -16.13 -25.21
CA HIS E 295 15.00 -15.08 -25.61
C HIS E 295 15.74 -14.43 -24.43
N GLU E 296 15.00 -13.86 -23.48
CA GLU E 296 15.63 -12.95 -22.52
C GLU E 296 15.46 -13.38 -21.07
N ARG E 298 21.48 -17.39 -25.25
CA ARG E 298 20.64 -17.41 -24.05
C ARG E 298 21.32 -16.70 -22.89
N ILE E 299 22.04 -17.44 -22.05
CA ILE E 299 22.68 -16.88 -20.87
C ILE E 299 24.15 -17.32 -20.82
N TYR E 300 25.04 -16.33 -20.69
CA TYR E 300 26.48 -16.51 -20.50
C TYR E 300 26.83 -17.16 -19.17
N GLN E 301 26.06 -16.86 -18.12
CA GLN E 301 26.33 -17.25 -16.74
C GLN E 301 26.22 -18.75 -16.50
N SER E 302 25.49 -19.47 -17.35
CA SER E 302 25.41 -20.91 -17.18
C SER E 302 26.81 -21.50 -17.19
N ASN E 303 27.71 -20.93 -17.99
CA ASN E 303 29.08 -21.42 -18.03
C ASN E 303 29.82 -21.11 -16.73
N MET E 304 29.52 -19.98 -16.11
CA MET E 304 30.12 -19.68 -14.82
C MET E 304 29.67 -20.67 -13.75
N LEU E 305 28.36 -20.91 -13.67
CA LEU E 305 27.85 -21.88 -12.70
C LEU E 305 28.32 -23.29 -13.02
N ASN E 306 28.43 -23.63 -14.30
CA ASN E 306 28.98 -24.93 -14.67
C ASN E 306 30.37 -25.12 -14.11
N ARG E 307 31.20 -24.08 -14.18
CA ARG E 307 32.55 -24.16 -13.62
C ARG E 307 32.51 -24.39 -12.11
N TYR E 308 31.60 -23.71 -11.41
CA TYR E 308 31.48 -23.93 -9.97
C TYR E 308 30.86 -25.28 -9.66
N LEU E 309 30.02 -25.81 -10.55
CA LEU E 309 29.31 -27.05 -10.26
C LEU E 309 30.24 -28.25 -10.26
N ILE E 310 31.33 -28.20 -11.02
CA ILE E 310 32.20 -29.34 -11.21
C ILE E 310 33.42 -29.30 -10.28
N ASN E 311 33.45 -28.36 -9.35
CA ASN E 311 34.57 -28.20 -8.41
C ASN E 311 34.03 -27.89 -7.03
N VAL E 312 33.06 -28.67 -6.58
CA VAL E 312 32.40 -28.47 -5.29
C VAL E 312 33.07 -29.38 -4.27
N THR E 313 33.77 -28.77 -3.31
CA THR E 313 34.32 -29.48 -2.17
C THR E 313 33.36 -29.32 -0.99
N PHE E 314 32.89 -30.45 -0.47
CA PHE E 314 31.92 -30.43 0.62
C PHE E 314 32.33 -31.42 1.70
N GLU E 315 32.23 -30.98 2.96
CA GLU E 315 32.59 -31.82 4.11
C GLU E 315 34.06 -32.23 3.88
N GLY E 316 34.40 -33.49 4.03
CA GLY E 316 35.76 -33.92 3.72
C GLY E 316 35.73 -34.70 2.43
N ARG E 317 34.73 -34.42 1.61
CA ARG E 317 34.45 -35.21 0.41
C ARG E 317 34.61 -34.36 -0.84
N ASP E 318 35.44 -34.85 -1.77
CA ASP E 318 35.66 -34.17 -3.05
C ASP E 318 34.63 -34.69 -4.03
N LEU E 319 33.64 -33.86 -4.34
CA LEU E 319 32.52 -34.26 -5.19
C LEU E 319 32.60 -33.65 -6.58
N SER E 320 33.81 -33.49 -7.09
CA SER E 320 34.00 -32.86 -8.39
C SER E 320 33.46 -33.76 -9.50
N PHE E 321 33.19 -33.14 -10.65
CA PHE E 321 32.72 -33.84 -11.83
C PHE E 321 33.74 -33.63 -12.93
N SER E 322 33.75 -34.54 -13.91
CA SER E 322 34.49 -34.22 -15.12
C SER E 322 33.60 -33.38 -16.03
N GLU E 323 34.24 -32.66 -16.95
CA GLU E 323 33.52 -31.81 -17.88
C GLU E 323 32.60 -32.59 -18.81
N ASP E 324 32.72 -33.91 -18.84
CA ASP E 324 31.86 -34.74 -19.67
C ASP E 324 30.69 -35.35 -18.90
N GLY E 325 30.58 -35.10 -17.59
CA GLY E 325 29.36 -35.35 -16.87
C GLY E 325 29.38 -36.47 -15.84
N TYR E 326 30.53 -37.13 -15.63
CA TYR E 326 30.63 -38.15 -14.60
C TYR E 326 31.44 -37.64 -13.42
N GLN E 327 31.32 -38.33 -12.29
CA GLN E 327 32.06 -37.97 -11.09
C GLN E 327 33.54 -38.26 -11.25
N MET E 328 34.36 -37.41 -10.63
CA MET E 328 35.80 -37.67 -10.59
C MET E 328 36.14 -38.81 -9.64
N HIS E 329 35.51 -38.84 -8.46
CA HIS E 329 35.76 -39.87 -7.45
C HIS E 329 34.44 -40.56 -7.11
N PRO E 330 34.02 -41.52 -7.92
CA PRO E 330 32.79 -42.26 -7.64
C PRO E 330 32.98 -43.36 -6.60
N LYS E 331 31.92 -43.61 -5.83
CA LYS E 331 31.86 -44.72 -4.89
C LYS E 331 31.82 -46.04 -5.64
N LEU E 332 32.98 -46.63 -5.90
CA LEU E 332 33.02 -47.88 -6.63
C LEU E 332 33.31 -49.06 -5.71
N VAL E 333 32.75 -50.21 -6.08
CA VAL E 333 32.90 -51.43 -5.31
C VAL E 333 33.14 -52.60 -6.26
N ILE E 334 33.94 -53.55 -5.81
CA ILE E 334 34.30 -54.73 -6.58
C ILE E 334 33.44 -55.89 -6.06
N ILE E 335 32.69 -56.52 -6.96
CA ILE E 335 31.69 -57.52 -6.58
C ILE E 335 32.07 -58.87 -7.18
N LEU E 336 31.79 -59.92 -6.41
CA LEU E 336 31.89 -61.31 -6.85
C LEU E 336 30.51 -61.88 -7.13
N LEU E 337 30.46 -62.77 -8.11
CA LEU E 337 29.28 -63.62 -8.31
C LEU E 337 29.57 -64.89 -7.51
N ASN E 338 28.81 -65.10 -6.44
CA ASN E 338 29.20 -66.04 -5.39
C ASN E 338 28.88 -67.48 -5.78
N LYS E 339 29.02 -68.40 -4.83
CA LYS E 339 28.61 -69.78 -5.05
C LYS E 339 27.13 -69.83 -5.41
N GLU E 340 26.32 -69.02 -4.73
CA GLU E 340 24.93 -68.84 -5.11
C GLU E 340 24.85 -67.99 -6.37
N ARG E 341 23.69 -67.40 -6.64
CA ARG E 341 23.50 -66.53 -7.79
C ARG E 341 23.72 -65.07 -7.44
N LYS E 342 24.36 -64.78 -6.31
CA LYS E 342 24.31 -63.45 -5.72
C LYS E 342 25.60 -62.68 -5.96
N TRP E 343 25.47 -61.44 -6.40
CA TRP E 343 26.61 -60.57 -6.50
C TRP E 343 26.92 -60.08 -5.10
N GLU E 344 28.17 -60.21 -4.67
CA GLU E 344 28.49 -59.79 -3.31
C GLU E 344 29.73 -58.92 -3.33
N ARG E 345 29.67 -57.81 -2.60
CA ARG E 345 30.80 -56.90 -2.56
C ARG E 345 32.00 -57.58 -1.91
N VAL E 346 33.17 -57.40 -2.51
CA VAL E 346 34.39 -57.99 -1.98
C VAL E 346 35.48 -56.93 -1.90
N GLY E 347 35.23 -55.76 -2.46
CA GLY E 347 36.20 -54.68 -2.38
C GLY E 347 35.57 -53.32 -2.57
N LYS E 348 36.26 -52.30 -2.02
CA LYS E 348 35.86 -50.90 -2.15
C LYS E 348 37.03 -50.12 -2.73
N TRP E 349 36.73 -49.06 -3.47
CA TRP E 349 37.79 -48.26 -4.08
C TRP E 349 37.52 -46.78 -3.83
N LYS E 350 38.52 -46.07 -3.30
CA LYS E 350 38.44 -44.63 -3.09
C LYS E 350 39.84 -44.04 -3.13
N SER E 353 43.15 -46.60 -4.88
CA SER E 353 43.42 -47.47 -3.74
C SER E 353 42.28 -48.46 -3.54
N LEU E 354 42.61 -49.74 -3.48
CA LEU E 354 41.62 -50.82 -3.38
C LEU E 354 41.82 -51.58 -2.07
N GLN E 355 40.98 -51.28 -1.08
CA GLN E 355 40.98 -52.01 0.19
C GLN E 355 40.03 -53.20 0.04
N MET E 356 40.60 -54.38 -0.18
CA MET E 356 39.81 -55.59 -0.37
C MET E 356 39.98 -56.55 0.80
N ASP F 1 7.92 15.69 0.66
CA ASP F 1 7.14 14.96 -0.33
C ASP F 1 6.26 13.90 0.32
N ILE F 2 5.09 13.65 -0.28
CA ILE F 2 4.18 12.58 0.14
C ILE F 2 4.30 11.48 -0.89
N GLN F 3 4.21 10.21 -0.44
CA GLN F 3 4.31 9.09 -1.37
C GLN F 3 3.09 8.19 -1.25
N MET F 4 2.64 7.68 -2.40
CA MET F 4 1.38 6.97 -2.54
C MET F 4 1.69 5.57 -3.04
N THR F 5 1.36 4.56 -2.23
CA THR F 5 1.52 3.16 -2.60
C THR F 5 0.18 2.65 -3.12
N GLN F 6 0.06 2.55 -4.43
CA GLN F 6 -1.14 2.00 -5.05
C GLN F 6 -0.93 0.53 -5.34
N SER F 7 -1.94 -0.29 -5.03
CA SER F 7 -1.86 -1.71 -5.29
C SER F 7 -3.25 -2.26 -5.62
N PRO F 8 -3.32 -3.25 -6.51
CA PRO F 8 -2.21 -3.88 -7.23
C PRO F 8 -1.71 -3.07 -8.42
N SER F 9 -0.82 -3.66 -9.23
CA SER F 9 -0.32 -3.01 -10.42
C SER F 9 -1.12 -3.37 -11.67
N SER F 10 -1.76 -4.53 -11.68
CA SER F 10 -2.67 -4.91 -12.74
C SER F 10 -3.69 -5.89 -12.16
N LEU F 11 -4.94 -5.79 -12.63
CA LEU F 11 -5.97 -6.75 -12.28
C LEU F 11 -6.52 -7.41 -13.52
N SER F 12 -7.19 -8.51 -13.28
CA SER F 12 -7.72 -9.33 -14.35
C SER F 12 -9.02 -9.94 -13.83
N ALA F 13 -10.16 -9.47 -14.34
CA ALA F 13 -11.44 -9.89 -13.81
C ALA F 13 -12.43 -10.14 -14.93
N SER F 14 -13.42 -10.98 -14.63
CA SER F 14 -14.48 -11.28 -15.58
C SER F 14 -15.46 -10.13 -15.65
N LEU F 15 -16.19 -10.06 -16.77
CA LEU F 15 -17.27 -9.10 -16.88
C LEU F 15 -18.33 -9.39 -15.83
N GLY F 16 -18.94 -8.31 -15.33
CA GLY F 16 -19.89 -8.43 -14.25
C GLY F 16 -19.27 -8.54 -12.87
N GLY F 17 -17.96 -8.74 -12.79
CA GLY F 17 -17.27 -8.83 -11.51
C GLY F 17 -17.01 -7.47 -10.92
N LYS F 18 -16.22 -7.46 -9.84
CA LYS F 18 -15.79 -6.19 -9.26
C LYS F 18 -14.34 -6.29 -8.82
N VAL F 19 -13.60 -5.20 -9.03
CA VAL F 19 -12.20 -5.10 -8.67
C VAL F 19 -12.05 -4.01 -7.62
N THR F 20 -10.99 -4.11 -6.82
CA THR F 20 -10.71 -3.15 -5.76
C THR F 20 -9.24 -2.76 -5.84
N ILE F 21 -8.97 -1.46 -5.74
CA ILE F 21 -7.62 -0.91 -5.77
C ILE F 21 -7.38 -0.14 -4.49
N THR F 22 -6.29 -0.44 -3.80
CA THR F 22 -5.93 0.32 -2.62
C THR F 22 -4.86 1.36 -2.94
N CYS F 23 -4.88 2.44 -2.18
CA CYS F 23 -3.89 3.52 -2.21
C CYS F 23 -3.58 3.88 -0.77
N LYS F 24 -2.31 3.82 -0.39
CA LYS F 24 -1.91 4.18 0.96
C LYS F 24 -0.86 5.29 0.92
N ALA F 25 -1.17 6.40 1.59
CA ALA F 25 -0.30 7.56 1.64
C ALA F 25 0.72 7.48 2.79
N SER F 26 1.87 8.12 2.57
CA SER F 26 2.92 8.25 3.58
C SER F 26 2.45 8.92 4.85
N GLN F 27 1.40 9.71 4.77
CA GLN F 27 0.87 10.43 5.92
C GLN F 27 -0.62 10.66 5.68
N ASP F 28 -1.30 11.13 6.72
CA ASP F 28 -2.72 11.45 6.59
C ASP F 28 -2.90 12.60 5.60
N ILE F 29 -3.62 12.33 4.51
CA ILE F 29 -3.88 13.34 3.48
C ILE F 29 -5.27 13.95 3.62
N ASN F 30 -5.95 13.69 4.74
CA ASN F 30 -7.21 14.36 5.11
C ASN F 30 -8.29 14.21 4.03
N LYS F 31 -8.39 13.01 3.47
CA LYS F 31 -9.39 12.59 2.50
C LYS F 31 -9.26 13.30 1.15
N TYR F 32 -8.19 14.06 0.94
CA TYR F 32 -7.95 14.74 -0.34
C TYR F 32 -7.28 13.75 -1.31
N ILE F 33 -8.09 12.84 -1.83
CA ILE F 33 -7.64 11.87 -2.82
C ILE F 33 -8.67 11.77 -3.94
N ALA F 34 -8.18 11.73 -5.17
CA ALA F 34 -9.02 11.62 -6.36
C ALA F 34 -8.66 10.35 -7.12
N TRP F 35 -9.58 9.90 -7.95
CA TRP F 35 -9.43 8.65 -8.70
C TRP F 35 -9.65 8.90 -10.18
N TYR F 36 -8.63 8.59 -10.98
CA TYR F 36 -8.62 8.88 -12.41
C TYR F 36 -8.60 7.59 -13.22
N GLN F 37 -9.21 7.65 -14.39
CA GLN F 37 -9.11 6.62 -15.41
C GLN F 37 -8.40 7.19 -16.61
N HIS F 38 -7.47 6.43 -17.18
CA HIS F 38 -6.69 6.91 -18.32
C HIS F 38 -6.63 5.82 -19.38
N LYS F 39 -7.36 5.99 -20.47
CA LYS F 39 -7.38 5.07 -21.59
C LYS F 39 -6.33 5.45 -22.62
N PRO F 40 -5.82 4.47 -23.39
CA PRO F 40 -4.83 4.80 -24.43
C PRO F 40 -5.41 5.75 -25.47
N GLY F 41 -4.91 6.99 -25.49
CA GLY F 41 -5.27 7.96 -26.51
C GLY F 41 -6.06 9.14 -25.99
N LYS F 42 -6.75 9.00 -24.87
CA LYS F 42 -7.59 10.07 -24.32
C LYS F 42 -6.98 10.61 -23.03
N GLY F 43 -7.49 11.75 -22.59
CA GLY F 43 -6.99 12.40 -21.40
C GLY F 43 -7.45 11.72 -20.13
N PRO F 44 -6.73 11.94 -19.04
CA PRO F 44 -7.15 11.32 -17.77
C PRO F 44 -8.52 11.85 -17.38
N ARG F 45 -9.45 10.93 -17.18
CA ARG F 45 -10.84 11.29 -16.90
C ARG F 45 -11.11 11.03 -15.43
N LEU F 46 -11.44 12.12 -14.71
CA LEU F 46 -11.57 12.04 -13.27
C LEU F 46 -12.89 11.39 -12.89
N LEU F 47 -12.82 10.42 -11.99
CA LEU F 47 -13.98 9.64 -11.57
C LEU F 47 -14.47 10.08 -10.20
N ILE F 48 -13.62 9.99 -9.19
CA ILE F 48 -14.00 10.26 -7.81
C ILE F 48 -13.07 11.32 -7.24
N GLN F 49 -13.62 12.22 -6.43
CA GLN F 49 -12.87 13.25 -5.72
C GLN F 49 -13.31 13.27 -4.26
N TYR F 50 -12.43 13.79 -3.40
CA TYR F 50 -12.63 13.83 -1.95
C TYR F 50 -13.03 12.46 -1.41
N THR F 51 -12.22 11.46 -1.77
CA THR F 51 -12.30 10.08 -1.33
C THR F 51 -13.51 9.31 -1.86
N SER F 52 -14.73 9.89 -1.83
CA SER F 52 -15.89 9.04 -2.09
C SER F 52 -16.97 9.59 -3.03
N THR F 53 -16.93 10.83 -3.47
CA THR F 53 -18.10 11.42 -4.11
C THR F 53 -17.94 11.30 -5.62
N LEU F 54 -18.91 10.66 -6.27
CA LEU F 54 -18.84 10.47 -7.71
C LEU F 54 -18.95 11.79 -8.44
N GLN F 55 -18.29 11.86 -9.54
CA GLN F 55 -18.39 13.02 -10.41
C GLN F 55 -19.64 12.94 -11.28
N PRO F 56 -20.18 14.08 -11.70
CA PRO F 56 -21.38 14.04 -12.55
C PRO F 56 -21.10 13.35 -13.88
N ASP F 57 -22.09 12.57 -14.35
CA ASP F 57 -21.93 11.69 -15.50
C ASP F 57 -20.84 10.65 -15.26
N ILE F 58 -20.94 9.98 -14.11
CA ILE F 58 -20.09 8.84 -13.77
C ILE F 58 -20.99 7.76 -13.19
N PRO F 59 -20.91 6.52 -13.67
CA PRO F 59 -21.85 5.49 -13.21
C PRO F 59 -21.70 5.21 -11.72
N SER F 60 -22.83 4.80 -11.11
CA SER F 60 -22.88 4.53 -9.67
C SER F 60 -21.99 3.37 -9.25
N ARG F 61 -21.52 2.58 -10.20
CA ARG F 61 -20.77 1.38 -9.93
C ARG F 61 -19.31 1.65 -9.56
N PHE F 62 -18.88 2.91 -9.63
CA PHE F 62 -17.57 3.33 -9.14
C PHE F 62 -17.71 3.84 -7.72
N THR F 63 -16.86 3.32 -6.82
CA THR F 63 -16.92 3.71 -5.42
C THR F 63 -15.54 4.12 -4.95
N GLY F 64 -15.53 4.95 -3.92
CA GLY F 64 -14.30 5.27 -3.23
C GLY F 64 -14.58 5.34 -1.73
N SER F 65 -13.63 4.85 -0.93
CA SER F 65 -13.77 4.90 0.51
C SER F 65 -12.40 5.15 1.12
N GLY F 66 -12.40 5.43 2.42
CA GLY F 66 -11.17 5.52 3.18
C GLY F 66 -11.06 6.81 3.95
N SER F 67 -9.98 6.88 4.72
CA SER F 67 -9.65 8.03 5.56
C SER F 67 -8.20 7.85 5.99
N GLY F 68 -7.69 8.82 6.74
CA GLY F 68 -6.34 8.73 7.26
C GLY F 68 -5.29 8.55 6.20
N ARG F 69 -4.70 7.35 6.12
CA ARG F 69 -3.75 7.04 5.06
C ARG F 69 -4.20 5.92 4.13
N ASP F 70 -5.35 5.30 4.35
CA ASP F 70 -5.79 4.19 3.51
C ASP F 70 -7.16 4.45 2.90
N TYR F 71 -7.21 4.31 1.58
CA TYR F 71 -8.36 4.58 0.74
C TYR F 71 -8.46 3.49 -0.29
N SER F 72 -9.68 3.20 -0.71
CA SER F 72 -9.93 2.20 -1.71
C SER F 72 -10.76 2.79 -2.83
N PHE F 73 -10.68 2.13 -3.98
CA PHE F 73 -11.45 2.46 -5.17
C PHE F 73 -11.93 1.16 -5.77
N SER F 74 -13.15 1.16 -6.28
CA SER F 74 -13.73 -0.10 -6.74
C SER F 74 -14.64 0.12 -7.93
N ILE F 75 -14.66 -0.87 -8.82
CA ILE F 75 -15.55 -0.93 -9.96
C ILE F 75 -16.36 -2.21 -9.85
N SER F 76 -17.68 -2.12 -10.00
CA SER F 76 -18.57 -3.27 -9.94
C SER F 76 -19.23 -3.48 -11.29
N ASN F 77 -19.63 -4.73 -11.54
CA ASN F 77 -20.22 -5.15 -12.82
C ASN F 77 -19.41 -4.64 -14.00
N LEU F 78 -18.22 -5.21 -14.19
CA LEU F 78 -17.29 -4.71 -15.18
C LEU F 78 -17.79 -4.91 -16.59
N GLU F 79 -17.54 -3.93 -17.44
CA GLU F 79 -17.84 -3.94 -18.87
C GLU F 79 -16.54 -3.81 -19.66
N PRO F 80 -16.55 -4.14 -20.95
CA PRO F 80 -15.32 -4.00 -21.74
C PRO F 80 -14.82 -2.58 -21.81
N GLU F 81 -15.70 -1.58 -21.71
CA GLU F 81 -15.26 -0.19 -21.73
C GLU F 81 -14.33 0.14 -20.57
N ASP F 82 -14.33 -0.70 -19.52
CA ASP F 82 -13.54 -0.42 -18.33
C ASP F 82 -12.05 -0.57 -18.54
N ILE F 83 -11.60 -1.05 -19.69
CA ILE F 83 -10.16 -1.22 -19.89
C ILE F 83 -9.49 0.15 -19.84
N ALA F 84 -8.52 0.29 -18.94
CA ALA F 84 -7.73 1.48 -18.77
C ALA F 84 -6.71 1.28 -17.65
N ILE F 85 -5.96 2.32 -17.35
CA ILE F 85 -5.15 2.39 -16.14
C ILE F 85 -5.86 3.34 -15.18
N TYR F 86 -6.02 2.91 -13.94
CA TYR F 86 -6.60 3.75 -12.91
C TYR F 86 -5.51 4.26 -11.99
N TYR F 87 -5.60 5.53 -11.63
CA TYR F 87 -4.61 6.20 -10.79
C TYR F 87 -5.32 6.85 -9.60
N CYS F 88 -4.73 6.73 -8.41
CA CYS F 88 -5.09 7.63 -7.33
C CYS F 88 -4.21 8.87 -7.40
N LEU F 89 -4.73 9.99 -6.90
CA LEU F 89 -3.97 11.22 -6.79
C LEU F 89 -4.20 11.85 -5.42
N GLN F 90 -3.10 12.18 -4.74
CA GLN F 90 -3.16 12.96 -3.51
C GLN F 90 -3.02 14.44 -3.85
N TYR F 91 -3.99 15.24 -3.39
CA TYR F 91 -3.89 16.68 -3.55
C TYR F 91 -3.95 17.39 -2.20
N ASP F 92 -3.43 16.73 -1.17
CA ASP F 92 -3.37 17.30 0.17
C ASP F 92 -2.30 18.39 0.28
N ASN F 93 -1.11 18.12 -0.26
CA ASN F 93 -0.01 19.08 -0.27
C ASN F 93 0.80 18.77 -1.52
N LEU F 94 0.60 19.57 -2.58
CA LEU F 94 1.15 19.33 -3.90
C LEU F 94 0.43 18.12 -4.48
N TYR F 95 1.05 17.35 -5.38
CA TYR F 95 0.36 16.23 -6.01
C TYR F 95 1.24 15.00 -6.03
N THR F 96 0.63 13.84 -5.86
CA THR F 96 1.32 12.55 -5.95
C THR F 96 0.36 11.54 -6.55
N PHE F 97 0.78 10.91 -7.65
CA PHE F 97 0.01 9.86 -8.28
C PHE F 97 0.47 8.50 -7.77
N GLY F 98 -0.47 7.56 -7.68
CA GLY F 98 -0.10 6.18 -7.51
C GLY F 98 0.48 5.61 -8.77
N GLY F 99 1.21 4.50 -8.64
CA GLY F 99 1.82 3.87 -9.80
C GLY F 99 0.84 3.50 -10.89
N GLY F 100 -0.44 3.40 -10.55
CA GLY F 100 -1.45 3.05 -11.52
C GLY F 100 -1.73 1.56 -11.55
N THR F 101 -2.93 1.21 -12.00
CA THR F 101 -3.35 -0.18 -12.09
C THR F 101 -4.02 -0.40 -13.44
N GLN F 102 -3.48 -1.32 -14.24
CA GLN F 102 -4.11 -1.62 -15.51
C GLN F 102 -5.17 -2.69 -15.32
N LEU F 103 -6.37 -2.44 -15.85
CA LEU F 103 -7.51 -3.33 -15.70
C LEU F 103 -7.66 -4.11 -16.99
N GLU F 104 -7.38 -5.40 -16.93
CA GLU F 104 -7.61 -6.27 -18.05
C GLU F 104 -8.88 -7.09 -17.78
N ILE F 105 -9.63 -7.39 -18.85
CA ILE F 105 -10.90 -8.11 -18.75
C ILE F 105 -10.71 -9.52 -19.32
N LYS F 106 -11.19 -10.52 -18.58
CA LYS F 106 -11.09 -11.92 -19.00
C LYS F 106 -12.29 -12.32 -19.82
N ARG F 107 -12.08 -13.27 -20.72
CA ARG F 107 -13.18 -13.80 -21.51
C ARG F 107 -12.78 -15.18 -22.03
N ALA F 108 -13.75 -15.85 -22.66
CA ALA F 108 -13.46 -17.13 -23.29
C ALA F 108 -12.36 -16.96 -24.33
N ASP F 109 -11.45 -17.92 -24.38
CA ASP F 109 -10.27 -17.77 -25.22
C ASP F 109 -10.64 -17.78 -26.69
N ALA F 110 -10.02 -16.88 -27.45
CA ALA F 110 -10.25 -16.75 -28.88
C ALA F 110 -8.95 -17.07 -29.61
N ALA F 111 -9.10 -17.59 -30.80
CA ALA F 111 -7.96 -17.98 -31.62
C ALA F 111 -7.57 -16.86 -32.57
N PRO F 112 -6.28 -16.75 -32.89
CA PRO F 112 -5.83 -15.71 -33.81
C PRO F 112 -6.41 -15.89 -35.20
N THR F 113 -6.58 -14.78 -35.90
CA THR F 113 -6.77 -14.77 -37.35
C THR F 113 -5.44 -14.36 -37.95
N VAL F 114 -4.80 -15.30 -38.66
CA VAL F 114 -3.42 -15.13 -39.09
C VAL F 114 -3.40 -14.79 -40.58
N SER F 115 -2.63 -13.76 -40.92
CA SER F 115 -2.44 -13.31 -42.30
C SER F 115 -0.96 -13.06 -42.51
N ILE F 116 -0.48 -13.35 -43.72
CA ILE F 116 0.93 -13.17 -44.08
C ILE F 116 1.01 -12.31 -45.33
N PHE F 117 2.01 -11.45 -45.38
CA PHE F 117 2.18 -10.51 -46.48
C PHE F 117 3.61 -10.54 -46.99
N PRO F 118 3.84 -10.83 -48.27
CA PRO F 118 5.20 -10.78 -48.81
C PRO F 118 5.68 -9.34 -48.92
N PRO F 119 6.99 -9.13 -49.04
CA PRO F 119 7.51 -7.76 -49.15
C PRO F 119 6.87 -7.00 -50.30
N SER F 120 6.67 -5.69 -50.09
CA SER F 120 6.10 -4.86 -51.13
C SER F 120 7.10 -4.68 -52.26
N SER F 121 6.57 -4.30 -53.42
CA SER F 121 7.43 -4.14 -54.59
C SER F 121 8.34 -2.93 -54.45
N GLU F 122 7.79 -1.83 -53.91
CA GLU F 122 8.57 -0.60 -53.73
C GLU F 122 9.72 -0.80 -52.74
N GLN F 123 9.48 -1.53 -51.65
CA GLN F 123 10.56 -1.80 -50.70
C GLN F 123 11.66 -2.64 -51.32
N LEU F 124 11.29 -3.57 -52.19
CA LEU F 124 12.28 -4.40 -52.85
C LEU F 124 13.18 -3.55 -53.74
N THR F 125 12.61 -2.55 -54.41
CA THR F 125 13.42 -1.50 -55.02
C THR F 125 14.30 -0.82 -53.99
N SER F 126 13.77 -0.55 -52.80
CA SER F 126 14.50 0.20 -51.79
C SER F 126 15.67 -0.57 -51.20
N GLY F 127 15.74 -1.88 -51.43
CA GLY F 127 16.85 -2.70 -50.98
C GLY F 127 16.51 -3.66 -49.86
N GLY F 128 15.43 -3.40 -49.11
CA GLY F 128 15.00 -4.28 -48.05
C GLY F 128 13.83 -5.17 -48.44
N ALA F 129 13.51 -6.10 -47.56
CA ALA F 129 12.43 -7.05 -47.81
C ALA F 129 11.85 -7.49 -46.48
N SER F 130 10.63 -7.06 -46.19
CA SER F 130 9.98 -7.33 -44.91
C SER F 130 8.74 -8.19 -45.14
N VAL F 131 8.69 -9.35 -44.49
CA VAL F 131 7.51 -10.21 -44.45
C VAL F 131 6.76 -9.89 -43.17
N VAL F 132 5.43 -9.74 -43.27
CA VAL F 132 4.61 -9.34 -42.14
C VAL F 132 3.55 -10.40 -41.89
N CYS F 133 3.23 -10.62 -40.62
CA CYS F 133 2.26 -11.62 -40.19
C CYS F 133 1.35 -10.97 -39.15
N PHE F 134 0.04 -10.93 -39.44
CA PHE F 134 -0.94 -10.35 -38.52
C PHE F 134 -1.73 -11.46 -37.83
N LEU F 135 -1.72 -11.44 -36.49
CA LEU F 135 -2.46 -12.39 -35.67
C LEU F 135 -3.46 -11.58 -34.85
N ASN F 136 -4.69 -11.43 -35.36
CA ASN F 136 -5.64 -10.48 -34.80
C ASN F 136 -6.76 -11.17 -34.04
N ASN F 137 -7.21 -10.49 -32.98
CA ASN F 137 -8.39 -10.86 -32.19
C ASN F 137 -8.25 -12.26 -31.60
N PHE F 138 -7.39 -12.34 -30.58
CA PHE F 138 -7.18 -13.57 -29.83
C PHE F 138 -7.16 -13.27 -28.33
N TYR F 139 -7.49 -14.29 -27.56
CA TYR F 139 -7.40 -14.22 -26.12
C TYR F 139 -6.95 -15.59 -25.60
N PRO F 140 -6.05 -15.64 -24.59
CA PRO F 140 -5.42 -14.52 -23.88
C PRO F 140 -4.24 -13.91 -24.61
N LYS F 141 -3.60 -12.94 -23.93
CA LYS F 141 -2.55 -12.13 -24.55
C LYS F 141 -1.31 -12.92 -24.92
N ASP F 142 -1.12 -14.12 -24.38
CA ASP F 142 0.18 -14.76 -24.41
C ASP F 142 0.19 -15.76 -25.57
N ILE F 143 0.96 -15.42 -26.61
CA ILE F 143 1.04 -16.14 -27.87
C ILE F 143 2.51 -16.16 -28.25
N ASN F 144 2.92 -17.18 -28.98
CA ASN F 144 4.30 -17.26 -29.46
C ASN F 144 4.33 -17.39 -30.97
N VAL F 145 5.26 -16.71 -31.62
CA VAL F 145 5.29 -16.66 -33.07
C VAL F 145 6.72 -16.91 -33.54
N LYS F 146 6.86 -17.67 -34.62
CA LYS F 146 8.12 -18.23 -35.05
C LYS F 146 8.17 -18.11 -36.57
N TRP F 147 9.31 -17.69 -37.10
CA TRP F 147 9.48 -17.54 -38.54
C TRP F 147 10.33 -18.69 -39.08
N LYS F 148 9.94 -19.21 -40.24
CA LYS F 148 10.66 -20.27 -40.92
C LYS F 148 10.84 -19.88 -42.37
N ILE F 149 12.05 -20.12 -42.87
CA ILE F 149 12.39 -19.87 -44.26
C ILE F 149 12.87 -21.19 -44.83
N ASP F 150 12.06 -21.77 -45.73
CA ASP F 150 12.32 -23.11 -46.29
C ASP F 150 12.47 -24.15 -45.19
N GLY F 151 11.75 -23.97 -44.09
CA GLY F 151 11.75 -24.90 -42.99
C GLY F 151 12.71 -24.57 -41.87
N SER F 152 13.62 -23.62 -42.07
CA SER F 152 14.61 -23.26 -41.07
C SER F 152 14.17 -22.02 -40.31
N GLU F 153 14.28 -22.08 -38.99
CA GLU F 153 13.90 -20.95 -38.16
C GLU F 153 14.86 -19.79 -38.36
N ARG F 154 14.31 -18.60 -38.47
CA ARG F 154 15.07 -17.35 -38.49
C ARG F 154 14.59 -16.49 -37.33
N GLN F 155 15.45 -16.23 -36.36
CA GLN F 155 15.07 -15.32 -35.27
C GLN F 155 15.62 -13.92 -35.45
N ASN F 156 16.81 -13.79 -36.04
CA ASN F 156 17.39 -12.46 -36.21
C ASN F 156 16.57 -11.69 -37.23
N GLY F 157 16.15 -10.49 -36.85
CA GLY F 157 15.38 -9.62 -37.70
C GLY F 157 13.90 -9.56 -37.39
N VAL F 158 13.40 -10.36 -36.45
CA VAL F 158 11.98 -10.39 -36.15
C VAL F 158 11.64 -9.21 -35.24
N LEU F 159 10.49 -8.59 -35.50
CA LEU F 159 10.03 -7.44 -34.74
C LEU F 159 8.55 -7.61 -34.47
N ASN F 160 8.19 -7.72 -33.19
CA ASN F 160 6.82 -8.00 -32.79
C ASN F 160 6.23 -6.85 -31.98
N SER F 161 4.91 -6.76 -31.98
CA SER F 161 4.21 -5.67 -31.30
C SER F 161 2.81 -6.13 -30.92
N TRP F 162 2.46 -5.95 -29.65
CA TRP F 162 1.15 -6.28 -29.12
C TRP F 162 0.31 -5.00 -28.95
N THR F 163 -0.98 -5.13 -29.19
CA THR F 163 -1.94 -4.05 -29.00
C THR F 163 -2.44 -4.02 -27.56
N ASP F 164 -3.01 -2.88 -27.17
CA ASP F 164 -3.77 -2.86 -25.93
C ASP F 164 -5.06 -3.65 -26.12
N GLN F 165 -5.58 -4.19 -25.02
CA GLN F 165 -6.78 -5.00 -25.08
C GLN F 165 -7.94 -4.17 -25.61
N ASP F 166 -8.63 -4.70 -26.62
CA ASP F 166 -9.64 -3.94 -27.34
C ASP F 166 -10.85 -3.70 -26.45
N SER F 167 -11.41 -2.50 -26.54
CA SER F 167 -12.54 -2.08 -25.71
C SER F 167 -13.85 -2.73 -26.10
N LYS F 168 -13.89 -3.45 -27.21
CA LYS F 168 -15.10 -4.16 -27.63
C LYS F 168 -14.93 -5.67 -27.65
N ASP F 169 -13.81 -6.15 -28.21
CA ASP F 169 -13.53 -7.58 -28.24
C ASP F 169 -13.03 -8.10 -26.89
N SER F 170 -12.33 -7.26 -26.13
CA SER F 170 -11.50 -7.68 -25.00
C SER F 170 -10.39 -8.64 -25.42
N THR F 171 -10.10 -8.70 -26.72
CA THR F 171 -9.05 -9.56 -27.27
C THR F 171 -7.79 -8.74 -27.50
N TYR F 172 -6.76 -9.45 -27.92
CA TYR F 172 -5.50 -8.85 -28.28
C TYR F 172 -5.19 -9.15 -29.74
N SER F 173 -4.32 -8.33 -30.31
CA SER F 173 -3.81 -8.52 -31.65
C SER F 173 -2.31 -8.28 -31.62
N MET F 174 -1.59 -9.05 -32.44
CA MET F 174 -0.15 -8.99 -32.52
C MET F 174 0.26 -8.90 -33.98
N SER F 175 1.30 -8.10 -34.26
CA SER F 175 1.91 -8.08 -35.59
C SER F 175 3.38 -8.46 -35.47
N SER F 176 3.84 -9.30 -36.40
CA SER F 176 5.18 -9.85 -36.42
C SER F 176 5.77 -9.54 -37.78
N THR F 177 7.01 -9.04 -37.80
CA THR F 177 7.63 -8.56 -39.04
C THR F 177 9.06 -9.08 -39.12
N LEU F 178 9.34 -9.86 -40.16
CA LEU F 178 10.67 -10.37 -40.44
C LEU F 178 11.25 -9.56 -41.59
N THR F 179 12.36 -8.88 -41.35
CA THR F 179 12.99 -8.02 -42.35
C THR F 179 14.35 -8.57 -42.74
N LEU F 180 14.64 -8.52 -44.04
CA LEU F 180 15.86 -9.06 -44.63
C LEU F 180 16.38 -8.07 -45.67
N THR F 181 17.49 -8.43 -46.29
CA THR F 181 17.94 -7.75 -47.50
C THR F 181 17.12 -8.23 -48.70
N LYS F 182 17.26 -7.51 -49.81
CA LYS F 182 16.62 -7.97 -51.04
C LYS F 182 17.30 -9.22 -51.58
N ASP F 183 18.62 -9.32 -51.44
CA ASP F 183 19.34 -10.48 -51.95
C ASP F 183 19.11 -11.71 -51.10
N GLU F 184 19.15 -11.57 -49.77
CA GLU F 184 18.91 -12.72 -48.90
C GLU F 184 17.47 -13.20 -49.05
N TYR F 185 16.54 -12.28 -49.25
CA TYR F 185 15.15 -12.67 -49.48
C TYR F 185 14.99 -13.39 -50.81
N GLU F 186 15.67 -12.90 -51.85
CA GLU F 186 15.63 -13.53 -53.16
C GLU F 186 16.15 -14.95 -53.13
N ARG F 187 17.10 -15.25 -52.24
CA ARG F 187 17.79 -16.54 -52.24
C ARG F 187 16.98 -17.66 -51.61
N HIS F 188 15.73 -17.42 -51.20
CA HIS F 188 14.89 -18.46 -50.64
C HIS F 188 13.50 -18.35 -51.26
N ASN F 189 12.65 -19.33 -50.98
CA ASN F 189 11.35 -19.39 -51.64
C ASN F 189 10.18 -19.46 -50.67
N SER F 190 10.17 -20.46 -49.78
CA SER F 190 9.05 -20.68 -48.89
C SER F 190 9.22 -19.88 -47.60
N TYR F 191 8.21 -19.08 -47.27
CA TYR F 191 8.21 -18.23 -46.08
C TYR F 191 7.00 -18.59 -45.23
N THR F 192 7.24 -18.92 -43.98
CA THR F 192 6.22 -19.51 -43.15
C THR F 192 6.16 -18.82 -41.79
N CYS F 193 4.94 -18.57 -41.32
CA CYS F 193 4.68 -17.88 -40.06
C CYS F 193 3.87 -18.81 -39.18
N GLU F 194 4.42 -19.15 -38.01
CA GLU F 194 3.86 -20.14 -37.11
C GLU F 194 3.46 -19.50 -35.79
N ALA F 195 2.28 -19.87 -35.29
CA ALA F 195 1.77 -19.33 -34.04
C ALA F 195 1.32 -20.45 -33.12
N THR F 196 1.73 -20.38 -31.86
CA THR F 196 1.30 -21.31 -30.84
C THR F 196 0.61 -20.54 -29.72
N HIS F 197 -0.57 -21.03 -29.33
CA HIS F 197 -1.49 -20.30 -28.46
C HIS F 197 -2.37 -21.33 -27.78
N LYS F 198 -2.94 -20.96 -26.63
CA LYS F 198 -3.70 -21.92 -25.83
C LYS F 198 -4.83 -22.55 -26.62
N THR F 199 -5.43 -21.79 -27.55
CA THR F 199 -6.61 -22.24 -28.30
C THR F 199 -6.37 -23.48 -29.15
N SER F 200 -5.16 -24.02 -29.13
CA SER F 200 -4.80 -25.21 -29.92
C SER F 200 -3.43 -25.70 -29.48
N THR F 201 -3.22 -27.01 -29.61
CA THR F 201 -1.91 -27.60 -29.41
C THR F 201 -1.04 -27.56 -30.66
N SER F 202 -1.68 -27.34 -31.92
CA SER F 202 -0.83 -27.30 -33.14
C SER F 202 -0.66 -25.84 -33.54
N PRO F 203 0.46 -25.58 -34.17
CA PRO F 203 0.71 -24.28 -34.75
C PRO F 203 -0.48 -23.90 -35.67
N ILE F 204 -0.90 -22.65 -35.51
CA ILE F 204 -1.59 -21.99 -36.61
C ILE F 204 -0.53 -21.49 -37.58
N VAL F 205 -0.58 -21.92 -38.84
CA VAL F 205 0.50 -21.56 -39.75
C VAL F 205 -0.06 -21.01 -41.05
N LYS F 206 0.50 -19.89 -41.49
CA LYS F 206 0.21 -19.25 -42.76
C LYS F 206 1.54 -19.04 -43.45
N SER F 207 1.57 -19.32 -44.76
CA SER F 207 2.82 -19.33 -45.47
C SER F 207 2.57 -18.95 -46.92
N PHE F 208 3.62 -18.45 -47.56
CA PHE F 208 3.58 -18.11 -48.96
C PHE F 208 4.91 -18.52 -49.59
N ASN F 209 4.86 -18.87 -50.86
CA ASN F 209 6.05 -19.09 -51.66
C ASN F 209 6.07 -18.07 -52.79
N ARG F 210 7.27 -17.77 -53.26
CA ARG F 210 7.40 -16.95 -54.47
C ARG F 210 7.31 -17.82 -55.73
N ASN F 211 6.34 -18.72 -55.72
CA ASN F 211 6.17 -19.78 -56.70
C ASN F 211 7.42 -20.65 -56.79
N VAL G 2 2.70 -32.41 18.83
CA VAL G 2 2.93 -31.23 18.00
C VAL G 2 2.57 -30.00 18.86
N LYS G 3 2.84 -30.09 20.17
CA LYS G 3 2.58 -28.92 20.99
C LYS G 3 3.85 -28.09 21.10
N LEU G 4 3.71 -26.89 21.65
CA LEU G 4 4.82 -25.94 21.72
C LEU G 4 4.57 -25.02 22.90
N VAL G 5 5.35 -25.20 23.97
CA VAL G 5 5.11 -24.54 25.25
C VAL G 5 6.21 -23.50 25.51
N GLU G 6 5.82 -22.36 26.09
CA GLU G 6 6.74 -21.26 26.36
C GLU G 6 6.84 -20.97 27.85
N SER G 7 8.00 -21.26 28.42
CA SER G 7 8.32 -20.77 29.75
C SER G 7 8.51 -19.25 29.71
N GLY G 8 7.90 -18.55 30.67
CA GLY G 8 7.89 -17.09 30.70
C GLY G 8 9.25 -16.40 30.72
N GLY G 9 9.27 -15.07 30.67
CA GLY G 9 8.08 -14.25 30.79
C GLY G 9 8.22 -13.24 31.92
N GLY G 10 7.12 -12.60 32.30
CA GLY G 10 7.10 -11.72 33.46
C GLY G 10 7.71 -10.34 33.23
N LEU G 11 7.78 -9.59 34.34
CA LEU G 11 8.25 -8.22 34.36
C LEU G 11 9.77 -8.18 34.51
N VAL G 12 10.38 -7.13 33.96
CA VAL G 12 11.82 -6.92 34.12
C VAL G 12 12.09 -5.42 33.97
N GLN G 13 13.09 -4.94 34.70
CA GLN G 13 13.36 -3.51 34.74
C GLN G 13 14.07 -3.06 33.46
N PRO G 14 13.86 -1.82 33.05
CA PRO G 14 14.55 -1.28 31.87
C PRO G 14 16.05 -1.52 31.92
N GLY G 15 16.59 -2.03 30.82
CA GLY G 15 17.99 -2.41 30.75
C GLY G 15 18.29 -3.81 31.22
N GLY G 16 17.33 -4.48 31.86
CA GLY G 16 17.57 -5.81 32.40
C GLY G 16 17.66 -6.86 31.31
N SER G 17 17.71 -8.12 31.77
CA SER G 17 17.77 -9.27 30.88
C SER G 17 16.70 -10.28 31.27
N LEU G 18 16.22 -11.01 30.28
CA LEU G 18 15.19 -12.02 30.45
C LEU G 18 15.35 -13.06 29.35
N LYS G 19 15.41 -14.33 29.75
CA LYS G 19 15.59 -15.44 28.83
C LYS G 19 14.27 -16.18 28.70
N LEU G 20 13.76 -16.28 27.47
CA LEU G 20 12.55 -17.04 27.20
C LEU G 20 12.91 -18.45 26.77
N SER G 21 12.12 -19.41 27.20
CA SER G 21 12.31 -20.81 26.87
C SER G 21 11.12 -21.31 26.06
N CYS G 22 11.30 -22.49 25.48
CA CYS G 22 10.34 -22.96 24.51
C CYS G 22 10.53 -24.44 24.20
N ALA G 23 9.71 -25.30 24.80
CA ALA G 23 9.81 -26.74 24.63
C ALA G 23 8.88 -27.22 23.52
N ALA G 24 9.39 -28.11 22.67
CA ALA G 24 8.63 -28.70 21.58
C ALA G 24 8.40 -30.18 21.84
N SER G 25 7.32 -30.71 21.27
CA SER G 25 6.94 -32.11 21.49
C SER G 25 6.37 -32.75 20.22
N THR G 28 10.22 -33.69 15.11
CA THR G 28 11.47 -33.74 14.36
C THR G 28 12.19 -32.42 14.50
N PHE G 29 12.60 -32.12 15.75
CA PHE G 29 12.94 -30.76 16.14
C PHE G 29 14.17 -30.25 15.38
N SER G 30 15.14 -31.12 15.12
CA SER G 30 16.36 -30.69 14.43
C SER G 30 16.10 -30.27 12.99
N SER G 31 14.91 -30.53 12.47
CA SER G 31 14.60 -30.28 11.07
C SER G 31 13.95 -28.93 10.81
N TYR G 32 13.68 -28.14 11.85
CA TYR G 32 12.93 -26.91 11.68
C TYR G 32 13.73 -25.73 12.21
N SER G 33 13.80 -24.66 11.41
CA SER G 33 14.07 -23.36 11.99
C SER G 33 12.92 -22.99 12.91
N MET G 34 13.19 -22.14 13.88
CA MET G 34 12.14 -21.60 14.73
C MET G 34 12.43 -20.15 15.08
N SER G 35 11.37 -19.39 15.27
CA SER G 35 11.50 -17.94 15.28
C SER G 35 10.63 -17.36 16.38
N TRP G 36 11.04 -16.20 16.89
CA TRP G 36 10.28 -15.47 17.89
C TRP G 36 9.51 -14.34 17.22
N VAL G 37 8.20 -14.31 17.44
CA VAL G 37 7.32 -13.25 16.99
C VAL G 37 6.66 -12.65 18.21
N ARG G 38 6.46 -11.33 18.18
CA ARG G 38 5.88 -10.64 19.31
C ARG G 38 4.70 -9.81 18.85
N GLN G 39 3.69 -9.76 19.70
CA GLN G 39 2.56 -8.86 19.54
C GLN G 39 2.74 -7.68 20.48
N THR G 40 2.93 -6.50 19.92
CA THR G 40 3.13 -5.28 20.68
C THR G 40 1.77 -4.75 21.14
N PRO G 41 1.76 -3.78 22.07
CA PRO G 41 0.46 -3.28 22.57
C PRO G 41 -0.50 -2.92 21.47
N GLU G 42 -0.03 -2.20 20.46
CA GLU G 42 -0.82 -2.03 19.26
C GLU G 42 -0.96 -3.41 18.64
N LYS G 43 -2.11 -3.66 18.05
CA LYS G 43 -2.26 -4.94 17.39
C LYS G 43 -1.26 -5.08 16.24
N ARG G 44 0.02 -5.23 16.58
CA ARG G 44 1.09 -5.36 15.59
C ARG G 44 1.90 -6.62 15.85
N LEU G 45 1.74 -7.61 14.96
CA LEU G 45 2.63 -8.77 14.98
C LEU G 45 3.92 -8.38 14.29
N GLU G 46 5.05 -8.65 14.94
CA GLU G 46 6.34 -8.34 14.33
C GLU G 46 7.31 -9.45 14.70
N TRP G 47 7.87 -10.10 13.67
CA TRP G 47 8.86 -11.13 13.91
C TRP G 47 10.16 -10.49 14.43
N VAL G 48 10.80 -11.15 15.39
CA VAL G 48 11.98 -10.59 16.06
C VAL G 48 13.20 -11.51 16.06
N ALA G 49 13.10 -12.80 15.74
CA ALA G 49 14.30 -13.62 15.73
C ALA G 49 14.06 -14.84 14.86
N TYR G 50 15.13 -15.28 14.17
CA TYR G 50 15.14 -16.52 13.41
C TYR G 50 16.38 -17.32 13.80
N ILE G 51 16.23 -18.62 13.97
CA ILE G 51 17.37 -19.52 14.09
C ILE G 51 17.13 -20.71 13.17
N SER G 52 18.17 -21.14 12.47
CA SER G 52 18.06 -22.22 11.50
C SER G 52 17.79 -23.55 12.22
N ASN G 53 17.66 -24.61 11.42
CA ASN G 53 17.41 -25.94 11.97
C ASN G 53 18.59 -26.39 12.83
N GLY G 54 19.80 -26.24 12.31
CA GLY G 54 20.99 -26.29 13.13
C GLY G 54 21.17 -24.96 13.84
N GLY G 55 22.35 -24.76 14.41
CA GLY G 55 22.60 -23.52 15.12
C GLY G 55 23.32 -22.41 14.39
N SER G 56 23.69 -22.62 13.12
CA SER G 56 24.66 -21.73 12.48
C SER G 56 24.05 -20.40 12.04
N GLY G 57 22.75 -20.32 11.79
CA GLY G 57 22.12 -19.10 11.33
C GLY G 57 21.28 -18.47 12.43
N THR G 58 21.53 -17.18 12.69
CA THR G 58 20.77 -16.39 13.64
C THR G 58 20.62 -14.98 13.07
N TYR G 59 19.39 -14.59 12.75
CA TYR G 59 19.12 -13.29 12.13
C TYR G 59 18.02 -12.59 12.91
N TYR G 60 18.08 -11.26 12.93
CA TYR G 60 17.11 -10.46 13.68
C TYR G 60 16.73 -9.22 12.88
N PRO G 61 15.57 -8.66 13.14
CA PRO G 61 15.25 -7.36 12.57
C PRO G 61 16.16 -6.33 13.21
N ASP G 62 16.27 -5.19 12.56
CA ASP G 62 17.22 -4.19 13.04
C ASP G 62 16.68 -3.39 14.22
N THR G 63 15.45 -3.68 14.67
CA THR G 63 14.97 -3.05 15.89
C THR G 63 15.45 -3.76 17.14
N VAL G 64 15.95 -4.99 17.01
CA VAL G 64 16.33 -5.79 18.16
C VAL G 64 17.71 -6.41 17.99
N LYS G 65 18.40 -6.14 16.88
CA LYS G 65 19.66 -6.81 16.65
C LYS G 65 20.73 -6.31 17.61
N GLY G 66 21.58 -7.23 18.08
CA GLY G 66 22.59 -6.94 19.06
C GLY G 66 22.10 -7.05 20.49
N ARG G 67 20.85 -6.69 20.74
CA ARG G 67 20.26 -6.81 22.07
C ARG G 67 19.62 -8.17 22.32
N PHE G 68 19.27 -8.90 21.27
CA PHE G 68 18.62 -10.20 21.38
C PHE G 68 19.53 -11.29 20.86
N THR G 69 19.56 -12.42 21.57
CA THR G 69 20.27 -13.61 21.14
C THR G 69 19.27 -14.76 21.15
N ILE G 70 19.29 -15.56 20.08
CA ILE G 70 18.42 -16.71 19.95
C ILE G 70 19.30 -17.95 19.86
N SER G 71 18.85 -19.03 20.52
CA SER G 71 19.61 -20.27 20.51
C SER G 71 18.64 -21.43 20.65
N ARG G 72 19.16 -22.64 20.41
CA ARG G 72 18.35 -23.84 20.47
C ARG G 72 19.22 -24.99 20.94
N ASP G 73 18.57 -26.12 21.22
CA ASP G 73 19.26 -27.36 21.57
C ASP G 73 18.34 -28.50 21.16
N ASN G 74 18.77 -29.35 20.22
CA ASN G 74 17.75 -30.14 19.53
C ASN G 74 17.55 -31.51 20.13
N ALA G 75 18.57 -32.07 20.78
CA ALA G 75 18.36 -33.28 21.56
C ALA G 75 17.39 -33.02 22.70
N LYS G 76 17.46 -31.82 23.29
CA LYS G 76 16.55 -31.41 24.35
C LYS G 76 15.27 -30.81 23.81
N ASN G 77 15.18 -30.52 22.50
CA ASN G 77 13.96 -30.01 21.86
C ASN G 77 13.49 -28.70 22.50
N SER G 78 14.44 -27.78 22.73
CA SER G 78 14.11 -26.50 23.33
C SER G 78 14.75 -25.34 22.59
N LEU G 79 14.18 -24.16 22.83
CA LEU G 79 14.49 -22.94 22.11
C LEU G 79 14.65 -21.82 23.13
N TYR G 80 15.56 -20.88 22.84
CA TYR G 80 15.99 -19.89 23.82
C TYR G 80 15.99 -18.51 23.18
N LEU G 81 15.70 -17.50 24.01
CA LEU G 81 15.72 -16.09 23.59
C LEU G 81 16.22 -15.23 24.75
N GLN G 82 17.50 -14.85 24.70
CA GLN G 82 18.06 -13.96 25.72
C GLN G 82 17.92 -12.50 25.27
N MET G 83 17.27 -11.70 26.10
CA MET G 83 17.06 -10.28 25.82
C MET G 83 17.99 -9.42 26.66
N SER G 84 18.22 -8.20 26.20
CA SER G 84 19.11 -7.29 26.91
C SER G 84 18.80 -5.85 26.53
N SER G 85 19.22 -4.93 27.41
CA SER G 85 19.07 -3.49 27.19
C SER G 85 17.64 -3.13 26.79
N LEU G 86 16.75 -3.88 27.44
CA LEU G 86 15.33 -3.78 27.25
C LEU G 86 15.09 -2.30 27.34
N ARG G 87 13.93 -1.84 26.91
CA ARG G 87 13.72 -0.43 26.84
C ARG G 87 12.46 0.18 27.40
N GLU G 89 9.60 -0.31 24.87
CA GLU G 89 8.97 -0.55 23.59
C GLU G 89 9.15 -2.02 23.28
N ASP G 90 9.68 -2.77 24.23
CA ASP G 90 9.90 -4.14 24.10
C ASP G 90 8.84 -4.79 24.92
N THR G 91 8.05 -4.03 25.71
CA THR G 91 6.97 -4.72 26.41
C THR G 91 5.93 -5.17 25.39
N ALA G 92 5.73 -6.47 25.32
CA ALA G 92 4.90 -7.06 24.28
C ALA G 92 4.63 -8.50 24.68
N MET G 93 3.74 -9.12 23.92
CA MET G 93 3.42 -10.53 24.07
C MET G 93 4.33 -11.31 23.13
N TYR G 94 5.10 -12.25 23.67
CA TYR G 94 6.12 -12.93 22.89
C TYR G 94 5.69 -14.35 22.59
N TYR G 95 5.63 -14.69 21.30
CA TYR G 95 5.21 -16.01 20.86
C TYR G 95 6.37 -16.80 20.29
N CYS G 96 6.36 -18.09 20.60
CA CYS G 96 7.18 -19.07 19.91
C CYS G 96 6.49 -19.53 18.62
N ALA G 97 7.26 -19.66 17.56
CA ALA G 97 6.67 -20.01 16.27
C ALA G 97 7.60 -20.93 15.51
N ARG G 98 7.02 -21.70 14.59
CA ARG G 98 7.82 -22.60 13.79
C ARG G 98 7.12 -22.91 12.47
N PRO G 99 7.87 -22.95 11.37
CA PRO G 99 7.26 -23.14 10.05
C PRO G 99 6.64 -24.52 9.84
N SER G 100 5.79 -24.57 8.82
CA SER G 100 5.19 -25.83 8.39
C SER G 100 6.25 -26.82 7.93
N ARG G 101 7.10 -26.39 6.99
CA ARG G 101 8.10 -27.27 6.41
C ARG G 101 9.46 -27.06 7.07
N GLY G 102 10.37 -27.99 6.80
CA GLY G 102 11.70 -27.97 7.35
C GLY G 102 12.76 -27.63 6.31
N GLY G 103 14.00 -27.55 6.80
CA GLY G 103 15.14 -27.22 5.97
C GLY G 103 15.77 -25.90 6.37
N SER G 104 16.74 -25.47 5.55
CA SER G 104 17.49 -24.24 5.79
C SER G 104 16.77 -22.99 5.30
N SER G 105 15.61 -23.15 4.66
CA SER G 105 14.95 -22.04 3.99
C SER G 105 14.09 -21.25 4.96
N TYR G 106 13.14 -20.46 4.45
CA TYR G 106 12.24 -19.68 5.29
C TYR G 106 10.80 -20.02 4.92
N TRP G 107 10.05 -20.55 5.87
CA TRP G 107 8.71 -21.05 5.61
C TRP G 107 7.69 -20.44 6.56
N TYR G 108 6.44 -20.40 6.10
CA TYR G 108 5.35 -19.79 6.86
C TYR G 108 5.07 -20.57 8.14
N PHE G 109 4.68 -19.84 9.18
CA PHE G 109 4.47 -20.42 10.50
C PHE G 109 3.19 -21.25 10.55
N ASP G 110 3.31 -22.46 11.09
CA ASP G 110 2.17 -23.33 11.31
C ASP G 110 1.92 -23.66 12.77
N VAL G 111 2.93 -23.54 13.63
CA VAL G 111 2.72 -23.75 15.06
C VAL G 111 3.03 -22.47 15.79
N TRP G 112 2.19 -22.14 16.76
CA TRP G 112 2.44 -21.05 17.69
C TRP G 112 2.33 -21.58 19.11
N GLY G 113 2.95 -20.87 20.05
CA GLY G 113 2.71 -21.15 21.44
C GLY G 113 1.61 -20.28 22.02
N ALA G 114 1.24 -20.59 23.27
CA ALA G 114 0.29 -19.76 23.98
C ALA G 114 0.76 -18.30 24.02
N GLY G 115 1.98 -18.09 24.46
CA GLY G 115 2.51 -16.74 24.48
C GLY G 115 2.73 -16.28 25.90
N THR G 116 3.83 -15.58 26.13
CA THR G 116 4.19 -15.06 27.45
C THR G 116 4.35 -13.55 27.35
N THR G 117 3.75 -12.83 28.29
CA THR G 117 3.88 -11.38 28.34
C THR G 117 5.24 -11.00 28.92
N VAL G 118 5.85 -9.97 28.35
CA VAL G 118 7.09 -9.41 28.86
C VAL G 118 6.84 -7.92 29.08
N THR G 119 6.60 -7.52 30.32
CA THR G 119 6.46 -6.10 30.64
C THR G 119 7.83 -5.51 31.00
N VAL G 120 8.06 -4.28 30.56
CA VAL G 120 9.33 -3.59 30.78
C VAL G 120 9.02 -2.28 31.49
N SER G 121 9.21 -2.24 32.81
CA SER G 121 8.89 -1.00 33.50
C SER G 121 9.64 -0.91 34.82
N SER G 122 9.84 0.34 35.25
CA SER G 122 10.43 0.64 36.55
C SER G 122 9.32 0.78 37.60
N ALA G 123 8.56 -0.30 37.74
CA ALA G 123 7.45 -0.38 38.67
C ALA G 123 7.54 -1.73 39.37
N LYS G 124 6.99 -1.80 40.57
CA LYS G 124 7.07 -3.03 41.34
C LYS G 124 5.76 -3.79 41.24
N THR G 125 5.87 -5.11 41.35
CA THR G 125 4.68 -5.96 41.33
C THR G 125 3.75 -5.54 42.46
N THR G 126 2.45 -5.51 42.17
CA THR G 126 1.44 -5.13 43.15
C THR G 126 0.24 -6.04 42.98
N PRO G 127 -0.22 -6.68 44.06
CA PRO G 127 -1.42 -7.51 43.94
C PRO G 127 -2.65 -6.66 43.80
N PRO G 128 -3.71 -7.18 43.17
CA PRO G 128 -4.91 -6.39 42.94
C PRO G 128 -5.83 -6.36 44.14
N SER G 129 -6.73 -5.38 44.13
CA SER G 129 -7.83 -5.29 45.08
C SER G 129 -9.11 -5.59 44.33
N VAL G 130 -9.82 -6.63 44.75
CA VAL G 130 -11.04 -7.07 44.06
C VAL G 130 -12.25 -6.64 44.89
N TYR G 131 -13.09 -5.78 44.31
CA TYR G 131 -14.23 -5.25 45.01
C TYR G 131 -15.53 -5.70 44.36
N PRO G 132 -16.49 -6.18 45.15
CA PRO G 132 -17.79 -6.58 44.59
C PRO G 132 -18.60 -5.40 44.08
N LEU G 133 -19.35 -5.62 43.01
CA LEU G 133 -20.30 -4.65 42.48
C LEU G 133 -21.70 -5.24 42.48
N ALA G 134 -22.53 -4.81 43.45
CA ALA G 134 -23.94 -5.17 43.57
C ALA G 134 -24.82 -3.94 43.39
N PRO G 135 -26.03 -4.10 42.87
CA PRO G 135 -26.96 -2.97 42.75
C PRO G 135 -27.72 -2.68 44.04
N GLY G 136 -27.97 -1.40 44.28
CA GLY G 136 -28.65 -0.97 45.49
C GLY G 136 -30.14 -1.27 45.51
N SER G 140 -33.34 -1.09 41.83
CA SER G 140 -34.41 -1.61 40.98
C SER G 140 -34.00 -2.92 40.32
N THR G 141 -34.94 -3.87 40.29
CA THR G 141 -34.66 -5.22 39.80
C THR G 141 -35.51 -5.50 38.58
N ASN G 142 -34.86 -5.72 37.43
CA ASN G 142 -35.58 -6.08 36.23
C ASN G 142 -35.55 -7.60 36.05
N SER G 143 -35.82 -8.06 34.83
CA SER G 143 -35.82 -9.49 34.58
C SER G 143 -34.41 -10.06 34.70
N MET G 144 -33.40 -9.27 34.29
CA MET G 144 -32.00 -9.62 34.40
C MET G 144 -31.26 -8.61 35.29
N VAL G 145 -30.37 -9.11 36.15
CA VAL G 145 -29.47 -8.28 36.97
C VAL G 145 -28.05 -8.35 36.42
N THR G 146 -27.41 -7.21 36.37
CA THR G 146 -26.00 -7.12 36.07
C THR G 146 -25.24 -6.93 37.37
N LEU G 147 -24.29 -7.83 37.60
CA LEU G 147 -23.33 -7.78 38.69
C LEU G 147 -21.94 -7.57 38.11
N GLY G 148 -21.01 -7.23 38.98
CA GLY G 148 -19.66 -7.03 38.48
C GLY G 148 -18.63 -7.12 39.59
N CYS G 149 -17.37 -6.97 39.17
CA CYS G 149 -16.28 -6.92 40.13
C CYS G 149 -15.20 -5.99 39.60
N LEU G 150 -14.70 -5.13 40.49
CA LEU G 150 -13.65 -4.17 40.19
C LEU G 150 -12.32 -4.72 40.67
N VAL G 151 -11.30 -4.60 39.81
CA VAL G 151 -9.96 -5.14 40.09
C VAL G 151 -9.00 -3.96 40.01
N LYS G 152 -8.83 -3.25 41.12
CA LYS G 152 -8.10 -1.98 41.15
C LYS G 152 -6.65 -2.16 41.57
N GLY G 153 -5.78 -1.30 41.02
CA GLY G 153 -4.42 -1.16 41.49
C GLY G 153 -3.57 -2.40 41.46
N TYR G 154 -3.08 -2.79 40.29
CA TYR G 154 -2.20 -3.93 40.19
C TYR G 154 -1.21 -3.71 39.06
N PHE G 155 -0.07 -4.40 39.17
CA PHE G 155 0.99 -4.34 38.17
C PHE G 155 1.85 -5.60 38.33
N PRO G 156 2.35 -6.16 37.21
CA PRO G 156 2.03 -5.83 35.82
C PRO G 156 0.78 -6.60 35.33
N GLU G 157 0.44 -6.49 34.06
CA GLU G 157 -0.55 -7.39 33.49
C GLU G 157 0.18 -8.67 33.10
N PRO G 158 -0.54 -9.80 32.89
CA PRO G 158 -1.98 -10.09 32.85
C PRO G 158 -2.69 -10.28 34.20
N VAL G 159 -3.99 -10.04 34.27
CA VAL G 159 -4.86 -10.59 35.30
C VAL G 159 -5.94 -11.41 34.58
N THR G 160 -6.60 -12.31 35.32
CA THR G 160 -7.53 -13.24 34.71
C THR G 160 -8.79 -13.36 35.55
N VAL G 161 -9.95 -13.17 34.90
CA VAL G 161 -11.24 -13.05 35.56
C VAL G 161 -12.14 -14.18 35.11
N THR G 162 -12.69 -14.92 36.07
CA THR G 162 -13.73 -15.91 35.80
C THR G 162 -14.93 -15.62 36.71
N TRP G 163 -16.02 -16.37 36.49
CA TRP G 163 -17.23 -16.22 37.28
C TRP G 163 -17.81 -17.60 37.55
N ASN G 164 -17.91 -17.95 38.84
CA ASN G 164 -18.26 -19.31 39.27
C ASN G 164 -17.26 -20.32 38.73
N SER G 165 -15.99 -19.90 38.63
CA SER G 165 -14.88 -20.77 38.23
C SER G 165 -15.11 -21.39 36.86
N GLY G 166 -15.69 -20.62 35.94
CA GLY G 166 -15.78 -21.01 34.54
C GLY G 166 -17.16 -21.37 34.03
N SER G 167 -18.11 -21.66 34.93
CA SER G 167 -19.43 -22.12 34.47
C SER G 167 -20.21 -20.97 33.85
N LEU G 168 -20.38 -19.89 34.59
CA LEU G 168 -20.96 -18.66 34.05
C LEU G 168 -20.01 -18.09 33.01
N SER G 169 -20.34 -18.28 31.73
CA SER G 169 -19.48 -17.76 30.68
C SER G 169 -20.25 -16.94 29.66
N SER G 170 -21.53 -17.24 29.46
CA SER G 170 -22.35 -16.43 28.57
C SER G 170 -22.90 -15.23 29.33
N GLY G 171 -22.80 -14.05 28.73
CA GLY G 171 -23.25 -12.85 29.39
C GLY G 171 -22.21 -12.12 30.21
N VAL G 172 -20.92 -12.45 30.06
CA VAL G 172 -19.86 -11.81 30.81
C VAL G 172 -19.10 -10.87 29.87
N HIS G 173 -18.81 -9.67 30.35
CA HIS G 173 -18.03 -8.68 29.62
C HIS G 173 -16.84 -8.30 30.50
N THR G 174 -15.66 -8.78 30.14
CA THR G 174 -14.43 -8.41 30.84
C THR G 174 -13.70 -7.37 30.01
N PHE G 175 -13.46 -6.21 30.61
CA PHE G 175 -12.94 -5.03 29.94
C PHE G 175 -11.42 -4.97 30.05
N PRO G 176 -10.75 -4.44 29.02
CA PRO G 176 -9.28 -4.39 29.05
C PRO G 176 -8.78 -3.46 30.14
N ALA G 177 -7.56 -3.73 30.59
CA ALA G 177 -6.98 -2.97 31.68
C ALA G 177 -6.52 -1.59 31.22
N VAL G 178 -6.68 -0.61 32.12
CA VAL G 178 -6.21 0.75 31.91
C VAL G 178 -5.21 1.10 33.02
N LEU G 179 -4.05 1.63 32.62
CA LEU G 179 -3.02 2.04 33.58
C LEU G 179 -3.25 3.49 34.00
N GLN G 180 -3.94 3.68 35.12
CA GLN G 180 -3.99 4.98 35.78
C GLN G 180 -2.78 5.07 36.69
N SER G 181 -1.64 5.43 36.08
CA SER G 181 -0.29 5.30 36.65
C SER G 181 -0.14 5.41 38.17
N ASP G 182 0.69 4.53 38.75
CA ASP G 182 1.46 3.57 37.96
C ASP G 182 0.91 2.17 38.09
N LEU G 183 -0.42 2.05 38.08
CA LEU G 183 -1.09 0.78 38.31
C LEU G 183 -2.21 0.60 37.30
N TYR G 184 -2.55 -0.66 37.05
CA TYR G 184 -3.65 -1.01 36.16
C TYR G 184 -4.97 -1.11 36.93
N THR G 185 -6.07 -1.06 36.18
CA THR G 185 -7.40 -1.22 36.73
C THR G 185 -8.28 -1.93 35.72
N LEU G 186 -9.12 -2.85 36.20
CA LEU G 186 -9.92 -3.67 35.30
C LEU G 186 -11.31 -3.86 35.88
N SER G 187 -12.27 -4.06 34.99
CA SER G 187 -13.66 -4.30 35.35
C SER G 187 -14.10 -5.61 34.73
N SER G 188 -15.03 -6.29 35.40
CA SER G 188 -15.73 -7.40 34.77
C SER G 188 -17.21 -7.33 35.06
N SER G 189 -18.03 -7.63 34.05
CA SER G 189 -19.48 -7.58 34.14
C SER G 189 -20.05 -8.97 33.88
N VAL G 190 -21.13 -9.31 34.58
CA VAL G 190 -21.88 -10.54 34.33
C VAL G 190 -23.36 -10.24 34.45
N THR G 191 -24.16 -10.88 33.62
CA THR G 191 -25.60 -10.66 33.58
C THR G 191 -26.31 -11.99 33.71
N VAL G 192 -27.14 -12.11 34.74
CA VAL G 192 -27.83 -13.36 35.06
C VAL G 192 -29.28 -13.06 35.39
N PRO G 193 -30.16 -14.04 35.23
CA PRO G 193 -31.56 -13.86 35.63
C PRO G 193 -31.69 -13.47 37.10
N SER G 194 -32.67 -12.62 37.40
CA SER G 194 -32.85 -12.17 38.78
C SER G 194 -33.49 -13.25 39.64
N SER G 195 -33.94 -14.33 39.03
CA SER G 195 -34.32 -15.47 39.84
C SER G 195 -33.09 -16.26 40.24
N THR G 196 -32.06 -16.22 39.38
CA THR G 196 -30.80 -16.88 39.67
C THR G 196 -30.06 -16.23 40.83
N TRP G 197 -30.32 -14.96 41.12
CA TRP G 197 -29.55 -14.24 42.12
C TRP G 197 -30.44 -13.31 42.94
N PRO G 198 -30.22 -13.23 44.26
CA PRO G 198 -29.19 -13.88 45.09
C PRO G 198 -29.53 -15.31 45.52
N SER G 199 -30.42 -15.97 44.79
CA SER G 199 -30.77 -17.36 45.07
C SER G 199 -29.54 -18.26 44.99
N GLU G 200 -29.10 -18.57 43.77
CA GLU G 200 -27.82 -19.22 43.56
C GLU G 200 -26.72 -18.16 43.55
N THR G 201 -25.51 -18.55 43.96
CA THR G 201 -24.49 -17.55 44.25
C THR G 201 -23.71 -17.20 42.98
N VAL G 202 -23.19 -15.99 42.94
CA VAL G 202 -22.27 -15.55 41.90
C VAL G 202 -20.99 -15.08 42.57
N THR G 203 -19.86 -15.61 42.13
CA THR G 203 -18.54 -15.24 42.64
C THR G 203 -17.64 -14.94 41.45
N CYS G 204 -16.88 -13.84 41.51
CA CYS G 204 -15.88 -13.61 40.47
C CYS G 204 -14.54 -14.03 41.02
N ASN G 205 -13.75 -14.69 40.18
CA ASN G 205 -12.46 -15.27 40.55
C ASN G 205 -11.38 -14.51 39.81
N VAL G 206 -10.60 -13.73 40.55
CA VAL G 206 -9.54 -12.90 39.98
C VAL G 206 -8.19 -13.49 40.36
N ALA G 207 -7.39 -13.84 39.34
CA ALA G 207 -6.08 -14.43 39.53
C ALA G 207 -5.01 -13.56 38.89
N HIS G 208 -3.90 -13.35 39.60
CA HIS G 208 -2.82 -12.50 39.15
C HIS G 208 -1.49 -13.20 39.42
N PRO G 209 -0.87 -13.81 38.40
CA PRO G 209 0.29 -14.67 38.67
C PRO G 209 1.55 -13.92 39.09
N ALA G 210 1.68 -12.63 38.74
CA ALA G 210 2.91 -11.91 39.05
C ALA G 210 3.09 -11.76 40.56
N SER G 211 2.00 -11.56 41.29
CA SER G 211 2.02 -11.56 42.74
C SER G 211 1.55 -12.88 43.32
N SER G 212 1.07 -13.80 42.46
CA SER G 212 0.63 -15.14 42.88
C SER G 212 -0.65 -15.06 43.71
N THR G 213 -1.59 -14.24 43.24
CA THR G 213 -2.81 -13.94 43.95
C THR G 213 -3.97 -14.66 43.29
N LYS G 214 -4.80 -15.33 44.08
CA LYS G 214 -6.00 -16.02 43.59
C LYS G 214 -7.13 -15.68 44.54
N VAL G 215 -8.06 -14.84 44.07
CA VAL G 215 -9.09 -14.25 44.90
C VAL G 215 -10.45 -14.69 44.37
N ASP G 216 -11.33 -15.11 45.29
CA ASP G 216 -12.75 -15.33 44.99
C ASP G 216 -13.53 -14.34 45.86
N LYS G 217 -14.20 -13.40 45.21
CA LYS G 217 -15.00 -12.39 45.90
C LYS G 217 -16.47 -12.61 45.55
N LYS G 218 -17.21 -13.23 46.47
CA LYS G 218 -18.64 -13.40 46.28
C LYS G 218 -19.34 -12.05 46.29
N ILE G 219 -20.51 -12.01 45.65
CA ILE G 219 -21.27 -10.78 45.49
C ILE G 219 -22.59 -10.97 46.25
N VAL G 220 -22.68 -10.34 47.41
CA VAL G 220 -23.89 -10.36 48.24
C VAL G 220 -24.68 -9.08 47.98
N PRO G 221 -26.00 -9.12 48.12
CA PRO G 221 -26.82 -7.92 47.85
C PRO G 221 -26.60 -6.75 48.81
N ARG G 222 -27.65 -5.93 48.93
CA ARG G 222 -27.63 -4.73 49.75
C ARG G 222 -26.38 -3.91 49.48
N ASP G 223 -26.21 -3.52 48.23
CA ASP G 223 -25.03 -2.84 47.73
C ASP G 223 -24.49 -1.72 48.61
N ASP H 1 16.36 -5.92 4.28
CA ASP H 1 15.02 -6.12 4.82
C ASP H 1 13.96 -5.96 3.73
N ILE H 2 12.86 -6.69 3.87
CA ILE H 2 11.70 -6.53 2.99
C ILE H 2 10.63 -5.79 3.77
N GLN H 3 9.87 -4.94 3.06
CA GLN H 3 8.82 -4.14 3.67
C GLN H 3 7.48 -4.45 3.03
N MET H 4 6.45 -4.53 3.86
CA MET H 4 5.12 -4.97 3.46
C MET H 4 4.13 -3.87 3.81
N THR H 5 3.51 -3.30 2.78
CA THR H 5 2.49 -2.29 2.93
C THR H 5 1.13 -2.98 2.82
N GLN H 6 0.50 -3.19 3.97
CA GLN H 6 -0.84 -3.76 4.02
C GLN H 6 -1.87 -2.63 4.09
N SER H 7 -2.93 -2.76 3.31
CA SER H 7 -4.00 -1.78 3.30
C SER H 7 -5.35 -2.44 3.00
N PRO H 8 -6.43 -1.96 3.65
CA PRO H 8 -6.46 -0.87 4.64
C PRO H 8 -6.01 -1.33 6.03
N SER H 9 -6.17 -0.43 7.01
CA SER H 9 -5.87 -0.71 8.41
C SER H 9 -7.10 -1.15 9.19
N SER H 10 -8.28 -0.82 8.70
CA SER H 10 -9.54 -1.23 9.30
C SER H 10 -10.57 -1.35 8.20
N LEU H 11 -11.45 -2.35 8.31
CA LEU H 11 -12.60 -2.43 7.43
C LEU H 11 -13.88 -2.53 8.24
N SER H 12 -14.99 -2.16 7.59
CA SER H 12 -16.31 -2.17 8.22
C SER H 12 -17.32 -2.56 7.15
N ALA H 13 -17.86 -3.78 7.24
CA ALA H 13 -18.73 -4.32 6.22
C ALA H 13 -19.90 -5.04 6.86
N SER H 14 -21.00 -5.10 6.11
CA SER H 14 -22.20 -5.81 6.54
C SER H 14 -21.99 -7.31 6.42
N LEU H 15 -22.79 -8.06 7.18
CA LEU H 15 -22.77 -9.51 7.04
C LEU H 15 -23.22 -9.89 5.63
N GLY H 16 -22.63 -10.97 5.10
CA GLY H 16 -22.89 -11.37 3.74
C GLY H 16 -22.12 -10.61 2.69
N GLY H 17 -21.47 -9.51 3.05
CA GLY H 17 -20.66 -8.76 2.12
C GLY H 17 -19.31 -9.42 1.92
N LYS H 18 -18.43 -8.70 1.21
CA LYS H 18 -17.06 -9.18 1.05
C LYS H 18 -16.08 -8.03 1.18
N VAL H 19 -14.94 -8.31 1.81
CA VAL H 19 -13.88 -7.34 2.05
C VAL H 19 -12.63 -7.79 1.31
N THR H 20 -11.78 -6.83 0.97
CA THR H 20 -10.54 -7.09 0.26
C THR H 20 -9.41 -6.32 0.93
N ILE H 21 -8.28 -6.99 1.14
CA ILE H 21 -7.09 -6.41 1.74
C ILE H 21 -5.91 -6.61 0.79
N THR H 22 -5.20 -5.53 0.50
CA THR H 22 -4.00 -5.63 -0.32
C THR H 22 -2.76 -5.62 0.56
N CYS H 23 -1.71 -6.27 0.04
CA CYS H 23 -0.38 -6.32 0.63
C CYS H 23 0.61 -6.13 -0.51
N LYS H 24 1.47 -5.12 -0.42
CA LYS H 24 2.47 -4.88 -1.45
C LYS H 24 3.87 -4.92 -0.86
N ALA H 25 4.71 -5.80 -1.40
CA ALA H 25 6.08 -5.91 -0.94
C ALA H 25 7.00 -4.96 -1.70
N SER H 26 8.04 -4.52 -1.00
CA SER H 26 9.11 -3.69 -1.56
C SER H 26 9.85 -4.36 -2.71
N GLN H 27 9.79 -5.70 -2.83
CA GLN H 27 10.40 -6.40 -3.94
C GLN H 27 9.60 -7.66 -4.23
N ASP H 28 9.89 -8.30 -5.37
CA ASP H 28 9.21 -9.54 -5.72
C ASP H 28 9.54 -10.64 -4.71
N ILE H 29 8.51 -11.12 -4.01
CA ILE H 29 8.70 -12.18 -3.01
C ILE H 29 8.31 -13.55 -3.56
N ASN H 30 8.12 -13.66 -4.88
CA ASN H 30 7.96 -14.94 -5.59
C ASN H 30 6.81 -15.77 -5.03
N LYS H 31 5.68 -15.09 -4.75
CA LYS H 31 4.42 -15.68 -4.30
C LYS H 31 4.51 -16.30 -2.90
N TYR H 32 5.63 -16.13 -2.20
CA TYR H 32 5.78 -16.63 -0.83
C TYR H 32 5.14 -15.64 0.13
N ILE H 33 3.82 -15.64 0.16
CA ILE H 33 3.05 -14.80 1.07
C ILE H 33 1.95 -15.65 1.70
N ALA H 34 1.74 -15.46 3.01
CA ALA H 34 0.73 -16.17 3.76
C ALA H 34 -0.25 -15.18 4.39
N TRP H 35 -1.42 -15.68 4.75
CA TRP H 35 -2.50 -14.86 5.29
C TRP H 35 -2.98 -15.45 6.61
N TYR H 36 -2.88 -14.65 7.68
CA TYR H 36 -3.18 -15.08 9.03
C TYR H 36 -4.38 -14.32 9.58
N GLN H 37 -5.12 -15.01 10.45
CA GLN H 37 -6.18 -14.40 11.24
C GLN H 37 -5.80 -14.49 12.72
N HIS H 38 -6.02 -13.40 13.46
CA HIS H 38 -5.63 -13.35 14.86
C HIS H 38 -6.76 -12.73 15.67
N LYS H 39 -7.43 -13.52 16.40
CA LYS H 39 -8.51 -13.10 17.28
C LYS H 39 -7.94 -12.76 18.66
N PRO H 40 -8.57 -11.83 19.38
CA PRO H 40 -8.09 -11.51 20.73
C PRO H 40 -8.17 -12.72 21.64
N GLY H 41 -7.03 -13.24 22.07
CA GLY H 41 -6.96 -14.33 23.01
C GLY H 41 -6.42 -15.62 22.44
N LYS H 42 -6.54 -15.82 21.14
CA LYS H 42 -6.11 -17.06 20.49
C LYS H 42 -4.88 -16.80 19.63
N GLY H 43 -4.22 -17.87 19.23
CA GLY H 43 -3.02 -17.79 18.42
C GLY H 43 -3.34 -17.45 16.98
N PRO H 44 -2.35 -16.92 16.26
CA PRO H 44 -2.55 -16.61 14.85
C PRO H 44 -2.84 -17.88 14.09
N ARG H 45 -3.96 -17.89 13.39
CA ARG H 45 -4.45 -19.10 12.75
C ARG H 45 -4.28 -18.93 11.25
N LEU H 46 -3.55 -19.86 10.64
CA LEU H 46 -3.16 -19.73 9.25
C LEU H 46 -4.36 -19.96 8.33
N LEU H 47 -4.55 -19.06 7.36
CA LEU H 47 -5.64 -19.18 6.41
C LEU H 47 -5.15 -19.61 5.04
N ILE H 48 -4.30 -18.81 4.41
CA ILE H 48 -3.85 -19.03 3.04
C ILE H 48 -2.33 -19.05 3.02
N GLN H 49 -1.75 -19.92 2.21
CA GLN H 49 -0.32 -20.02 2.03
C GLN H 49 0.01 -20.00 0.55
N TYR H 50 1.24 -19.56 0.26
CA TYR H 50 1.73 -19.40 -1.11
C TYR H 50 0.72 -18.67 -1.98
N THR H 51 0.24 -17.53 -1.48
CA THR H 51 -0.66 -16.62 -2.18
C THR H 51 -2.08 -17.13 -2.38
N SER H 52 -2.26 -18.39 -2.82
CA SER H 52 -3.58 -18.73 -3.36
C SER H 52 -4.20 -20.04 -2.87
N THR H 53 -3.52 -20.83 -2.03
CA THR H 53 -4.03 -22.15 -1.66
C THR H 53 -4.56 -22.10 -0.23
N LEU H 54 -5.83 -22.46 -0.09
CA LEU H 54 -6.49 -22.52 1.21
C LEU H 54 -5.91 -23.65 2.06
N GLN H 55 -5.87 -23.43 3.37
CA GLN H 55 -5.42 -24.44 4.30
C GLN H 55 -6.54 -25.44 4.57
N PRO H 56 -6.20 -26.66 4.99
CA PRO H 56 -7.25 -27.63 5.32
C PRO H 56 -8.10 -27.11 6.47
N ASP H 57 -9.40 -27.40 6.39
CA ASP H 57 -10.38 -26.89 7.34
C ASP H 57 -10.39 -25.35 7.34
N ILE H 58 -10.49 -24.78 6.14
CA ILE H 58 -10.67 -23.33 5.99
C ILE H 58 -11.75 -23.12 4.94
N PRO H 59 -12.78 -22.32 5.23
CA PRO H 59 -13.90 -22.19 4.30
C PRO H 59 -13.46 -21.63 2.94
N SER H 60 -14.20 -22.03 1.90
CA SER H 60 -13.87 -21.65 0.53
C SER H 60 -14.00 -20.15 0.28
N ARG H 61 -14.67 -19.41 1.17
CA ARG H 61 -14.92 -18.00 0.94
C ARG H 61 -13.71 -17.12 1.23
N PHE H 62 -12.61 -17.71 1.70
CA PHE H 62 -11.34 -17.01 1.81
C PHE H 62 -10.54 -17.25 0.55
N THR H 63 -10.07 -16.17 -0.06
CA THR H 63 -9.31 -16.24 -1.29
C THR H 63 -8.04 -15.42 -1.14
N GLY H 64 -7.06 -15.78 -1.95
CA GLY H 64 -5.84 -15.01 -2.09
C GLY H 64 -5.41 -14.98 -3.54
N SER H 65 -4.89 -13.86 -3.99
CA SER H 65 -4.41 -13.72 -5.36
C SER H 65 -3.16 -12.86 -5.36
N GLY H 66 -2.49 -12.82 -6.50
CA GLY H 66 -1.39 -11.92 -6.72
C GLY H 66 -0.15 -12.62 -7.20
N SER H 67 0.87 -11.81 -7.48
CA SER H 67 2.19 -12.24 -7.92
C SER H 67 3.10 -11.02 -7.80
N GLY H 68 4.37 -11.19 -8.17
CA GLY H 68 5.32 -10.11 -8.15
C GLY H 68 5.45 -9.48 -6.78
N ARG H 69 4.93 -8.27 -6.63
CA ARG H 69 4.88 -7.61 -5.34
C ARG H 69 3.49 -7.26 -4.84
N ASP H 70 2.43 -7.55 -5.59
CA ASP H 70 1.08 -7.17 -5.18
C ASP H 70 0.21 -8.42 -5.07
N TYR H 71 -0.40 -8.59 -3.90
CA TYR H 71 -1.21 -9.75 -3.58
C TYR H 71 -2.43 -9.26 -2.82
N SER H 72 -3.53 -9.96 -2.99
CA SER H 72 -4.76 -9.60 -2.32
C SER H 72 -5.26 -10.78 -1.51
N PHE H 73 -6.13 -10.45 -0.56
CA PHE H 73 -6.79 -11.41 0.30
C PHE H 73 -8.24 -10.94 0.44
N SER H 74 -9.17 -11.88 0.49
CA SER H 74 -10.57 -11.49 0.49
C SER H 74 -11.40 -12.46 1.30
N ILE H 75 -12.45 -11.92 1.92
CA ILE H 75 -13.44 -12.71 2.66
C ILE H 75 -14.80 -12.44 2.04
N SER H 76 -15.55 -13.50 1.80
CA SER H 76 -16.86 -13.46 1.17
C SER H 76 -17.92 -13.89 2.18
N ASN H 77 -19.15 -13.42 1.95
CA ASN H 77 -20.30 -13.70 2.81
C ASN H 77 -19.91 -13.64 4.28
N LEU H 78 -19.63 -12.44 4.78
CA LEU H 78 -19.06 -12.29 6.12
C LEU H 78 -20.03 -12.73 7.20
N GLU H 79 -19.50 -13.38 8.23
CA GLU H 79 -20.24 -13.77 9.42
C GLU H 79 -19.64 -13.10 10.64
N PRO H 80 -20.37 -13.08 11.77
CA PRO H 80 -19.78 -12.50 12.98
C PRO H 80 -18.55 -13.25 13.46
N GLU H 81 -18.35 -14.51 13.08
CA GLU H 81 -17.11 -15.14 13.52
C GLU H 81 -15.88 -14.47 12.93
N ASP H 82 -16.05 -13.68 11.85
CA ASP H 82 -14.90 -13.10 11.13
C ASP H 82 -14.20 -11.95 11.83
N ILE H 83 -14.70 -11.43 12.97
CA ILE H 83 -13.99 -10.32 13.61
C ILE H 83 -12.63 -10.80 14.08
N ALA H 84 -11.60 -10.08 13.65
CA ALA H 84 -10.22 -10.35 14.01
C ALA H 84 -9.33 -9.32 13.36
N ILE H 85 -8.04 -9.53 13.45
CA ILE H 85 -7.07 -8.82 12.65
C ILE H 85 -6.47 -9.78 11.63
N TYR H 86 -6.44 -9.34 10.39
CA TYR H 86 -5.82 -10.15 9.35
C TYR H 86 -4.47 -9.56 9.00
N TYR H 87 -3.49 -10.44 8.81
CA TYR H 87 -2.11 -10.06 8.52
C TYR H 87 -1.64 -10.79 7.29
N CYS H 88 -0.90 -10.10 6.43
CA CYS H 88 -0.07 -10.77 5.46
C CYS H 88 1.29 -11.07 6.09
N LEU H 89 1.95 -12.12 5.61
CA LEU H 89 3.31 -12.42 6.03
C LEU H 89 4.14 -12.77 4.81
N GLN H 90 5.29 -12.10 4.68
CA GLN H 90 6.27 -12.48 3.66
C GLN H 90 7.26 -13.47 4.24
N TYR H 91 7.42 -14.61 3.58
CA TYR H 91 8.43 -15.60 3.95
C TYR H 91 9.39 -15.87 2.80
N ASP H 92 9.64 -14.86 1.96
CA ASP H 92 10.58 -15.02 0.85
C ASP H 92 12.02 -15.04 1.34
N ASN H 93 12.39 -14.11 2.22
CA ASN H 93 13.72 -14.08 2.80
C ASN H 93 13.55 -13.45 4.19
N LEU H 94 13.58 -14.30 5.21
CA LEU H 94 13.26 -13.94 6.59
C LEU H 94 11.75 -13.71 6.66
N TYR H 95 11.27 -12.87 7.56
CA TYR H 95 9.84 -12.69 7.71
C TYR H 95 9.45 -11.22 7.80
N THR H 96 8.28 -10.89 7.26
CA THR H 96 7.73 -9.55 7.36
C THR H 96 6.22 -9.65 7.48
N PHE H 97 5.67 -9.02 8.52
CA PHE H 97 4.23 -8.92 8.69
C PHE H 97 3.73 -7.59 8.15
N GLY H 98 2.53 -7.60 7.59
CA GLY H 98 1.83 -6.37 7.34
C GLY H 98 1.31 -5.76 8.62
N GLY H 99 1.04 -4.45 8.57
CA GLY H 99 0.54 -3.76 9.74
C GLY H 99 -0.73 -4.36 10.30
N GLY H 100 -1.44 -5.14 9.50
CA GLY H 100 -2.67 -5.76 9.95
C GLY H 100 -3.90 -4.92 9.63
N THR H 101 -5.03 -5.60 9.54
CA THR H 101 -6.31 -4.96 9.26
C THR H 101 -7.36 -5.54 10.20
N GLN H 102 -7.99 -4.66 10.99
CA GLN H 102 -9.08 -5.11 11.85
C GLN H 102 -10.39 -5.10 11.09
N LEU H 103 -11.11 -6.20 11.17
CA LEU H 103 -12.38 -6.36 10.47
C LEU H 103 -13.50 -6.13 11.47
N GLU H 104 -14.22 -5.03 11.31
CA GLU H 104 -15.43 -4.77 12.08
C GLU H 104 -16.65 -5.09 11.23
N ILE H 105 -17.69 -5.60 11.88
CA ILE H 105 -18.93 -5.97 11.22
C ILE H 105 -19.99 -4.95 11.61
N LYS H 106 -20.69 -4.43 10.61
CA LYS H 106 -21.77 -3.49 10.87
C LYS H 106 -23.09 -4.23 10.99
N ARG H 107 -23.99 -3.63 11.75
CA ARG H 107 -25.33 -4.14 11.94
C ARG H 107 -26.24 -3.01 12.44
N ALA H 108 -27.53 -3.32 12.54
CA ALA H 108 -28.51 -2.34 13.04
C ALA H 108 -28.09 -1.83 14.42
N ASP H 109 -28.26 -0.53 14.63
CA ASP H 109 -27.78 0.08 15.87
C ASP H 109 -28.55 -0.47 17.07
N ALA H 110 -27.81 -0.71 18.14
CA ALA H 110 -28.36 -1.20 19.40
C ALA H 110 -28.11 -0.18 20.51
N ALA H 111 -29.02 -0.13 21.47
CA ALA H 111 -28.87 0.80 22.58
C ALA H 111 -28.20 0.12 23.76
N PRO H 112 -27.42 0.87 24.53
CA PRO H 112 -26.76 0.27 25.71
C PRO H 112 -27.77 -0.20 26.74
N THR H 113 -27.37 -1.21 27.51
CA THR H 113 -28.03 -1.54 28.77
C THR H 113 -27.16 -1.01 29.89
N VAL H 114 -27.65 0.00 30.60
CA VAL H 114 -26.84 0.78 31.54
C VAL H 114 -27.15 0.34 32.96
N SER H 115 -26.09 0.10 33.74
CA SER H 115 -26.20 -0.28 35.14
C SER H 115 -25.18 0.51 35.93
N ILE H 116 -25.55 0.87 37.16
CA ILE H 116 -24.69 1.69 38.00
C ILE H 116 -24.48 0.97 39.32
N PHE H 117 -23.27 1.07 39.86
CA PHE H 117 -22.90 0.35 41.08
C PHE H 117 -22.23 1.31 42.05
N PRO H 118 -22.75 1.47 43.25
CA PRO H 118 -22.09 2.29 44.26
C PRO H 118 -20.84 1.61 44.78
N PRO H 119 -19.94 2.35 45.41
CA PRO H 119 -18.70 1.74 45.93
C PRO H 119 -18.99 0.59 46.88
N SER H 120 -18.13 -0.42 46.82
CA SER H 120 -18.28 -1.55 47.73
C SER H 120 -17.94 -1.14 49.16
N SER H 121 -18.44 -1.91 50.12
CA SER H 121 -18.16 -1.58 51.53
C SER H 121 -16.69 -1.83 51.86
N GLU H 122 -16.12 -2.92 51.35
CA GLU H 122 -14.71 -3.20 51.56
C GLU H 122 -13.83 -2.07 51.01
N GLN H 123 -14.20 -1.54 49.85
CA GLN H 123 -13.45 -0.44 49.26
C GLN H 123 -13.49 0.82 50.12
N LEU H 124 -14.64 1.15 50.72
CA LEU H 124 -14.73 2.34 51.57
C LEU H 124 -13.90 2.19 52.83
N THR H 125 -13.87 0.99 53.43
CA THR H 125 -12.89 0.70 54.47
C THR H 125 -11.48 1.03 53.99
N SER H 126 -11.13 0.61 52.78
CA SER H 126 -9.80 0.81 52.24
C SER H 126 -9.47 2.27 52.01
N GLY H 127 -10.46 3.16 52.03
CA GLY H 127 -10.22 4.59 51.89
C GLY H 127 -10.70 5.19 50.59
N GLY H 128 -10.88 4.37 49.55
CA GLY H 128 -11.36 4.85 48.27
C GLY H 128 -12.84 4.60 48.08
N ALA H 129 -13.38 5.14 46.98
CA ALA H 129 -14.79 5.00 46.65
C ALA H 129 -14.94 5.09 45.14
N SER H 130 -15.26 3.97 44.50
CA SER H 130 -15.39 3.91 43.05
C SER H 130 -16.82 3.58 42.68
N VAL H 131 -17.43 4.45 41.88
CA VAL H 131 -18.74 4.19 41.30
C VAL H 131 -18.51 3.66 39.89
N VAL H 132 -19.24 2.62 39.51
CA VAL H 132 -19.05 1.96 38.23
C VAL H 132 -20.34 2.00 37.44
N CYS H 133 -20.20 2.14 36.13
CA CYS H 133 -21.32 2.21 35.19
C CYS H 133 -21.02 1.28 34.01
N PHE H 134 -21.89 0.31 33.78
CA PHE H 134 -21.75 -0.64 32.68
C PHE H 134 -22.71 -0.30 31.56
N LEU H 135 -22.17 -0.15 30.35
CA LEU H 135 -22.93 0.13 29.14
C LEU H 135 -22.71 -1.05 28.21
N ASN H 136 -23.61 -2.03 28.22
CA ASN H 136 -23.35 -3.29 27.54
C ASN H 136 -24.20 -3.46 26.29
N ASN H 137 -23.57 -4.05 25.27
CA ASN H 137 -24.20 -4.51 24.03
C ASN H 137 -24.91 -3.36 23.31
N PHE H 138 -24.09 -2.51 22.71
CA PHE H 138 -24.58 -1.41 21.90
C PHE H 138 -23.80 -1.34 20.60
N TYR H 139 -24.44 -0.76 19.59
CA TYR H 139 -23.79 -0.50 18.31
C TYR H 139 -24.34 0.84 17.81
N PRO H 140 -23.47 1.68 17.23
CA PRO H 140 -22.04 1.46 16.99
C PRO H 140 -21.13 1.76 18.19
N LYS H 141 -19.82 1.64 17.96
CA LYS H 141 -18.83 1.75 19.03
C LYS H 141 -18.80 3.14 19.66
N ASP H 142 -19.41 4.14 19.04
CA ASP H 142 -19.17 5.53 19.38
C ASP H 142 -20.24 5.97 20.38
N ILE H 143 -19.84 6.16 21.63
CA ILE H 143 -20.72 6.51 22.73
C ILE H 143 -19.98 7.50 23.61
N ASN H 144 -20.74 8.36 24.30
CA ASN H 144 -20.16 9.32 25.23
C ASN H 144 -20.77 9.11 26.61
N VAL H 145 -19.91 9.19 27.63
CA VAL H 145 -20.27 8.93 29.02
C VAL H 145 -19.76 10.05 29.90
N LYS H 146 -20.60 10.49 30.84
CA LYS H 146 -20.37 11.69 31.62
C LYS H 146 -20.89 11.45 33.03
N TRP H 147 -20.10 11.80 34.03
CA TRP H 147 -20.48 11.58 35.41
C TRP H 147 -20.96 12.88 36.04
N LYS H 148 -22.01 12.79 36.85
CA LYS H 148 -22.59 13.94 37.52
C LYS H 148 -22.76 13.63 39.00
N ILE H 149 -22.37 14.58 39.85
CA ILE H 149 -22.51 14.42 41.29
C ILE H 149 -23.37 15.56 41.80
N ASP H 150 -24.59 15.24 42.22
CA ASP H 150 -25.59 16.24 42.62
C ASP H 150 -25.84 17.26 41.52
N GLY H 151 -25.74 16.81 40.26
CA GLY H 151 -25.99 17.64 39.10
C GLY H 151 -24.77 18.26 38.47
N SER H 152 -23.62 18.21 39.13
CA SER H 152 -22.40 18.83 38.64
C SER H 152 -21.52 17.78 37.96
N GLU H 153 -21.02 18.12 36.79
CA GLU H 153 -20.13 17.22 36.07
C GLU H 153 -18.80 17.10 36.82
N ARG H 154 -18.31 15.88 36.92
CA ARG H 154 -16.97 15.61 37.40
C ARG H 154 -16.22 14.84 36.32
N GLN H 155 -15.18 15.45 35.76
CA GLN H 155 -14.36 14.78 34.74
C GLN H 155 -13.11 14.13 35.30
N ASN H 156 -12.52 14.71 36.34
CA ASN H 156 -11.33 14.14 36.94
C ASN H 156 -11.67 12.85 37.70
N GLY H 157 -10.94 11.78 37.39
CA GLY H 157 -11.14 10.50 38.04
C GLY H 157 -11.87 9.47 37.22
N VAL H 158 -12.34 9.83 36.02
CA VAL H 158 -13.11 8.91 35.19
C VAL H 158 -12.16 7.99 34.44
N LEU H 159 -12.52 6.71 34.33
CA LEU H 159 -11.69 5.70 33.68
C LEU H 159 -12.59 4.83 32.81
N ASN H 160 -12.37 4.86 31.50
CA ASN H 160 -13.26 4.19 30.57
C ASN H 160 -12.51 3.08 29.85
N SER H 161 -13.26 2.08 29.37
CA SER H 161 -12.66 0.92 28.70
C SER H 161 -13.67 0.29 27.77
N TRP H 162 -13.30 0.13 26.50
CA TRP H 162 -14.15 -0.51 25.49
C TRP H 162 -13.71 -1.93 25.24
N THR H 163 -14.67 -2.80 24.99
CA THR H 163 -14.41 -4.17 24.61
C THR H 163 -14.20 -4.28 23.11
N ASP H 164 -13.57 -5.38 22.69
CA ASP H 164 -13.57 -5.74 21.28
C ASP H 164 -14.97 -6.18 20.86
N GLN H 165 -15.29 -5.97 19.59
CA GLN H 165 -16.61 -6.29 19.09
C GLN H 165 -16.93 -7.76 19.27
N ASP H 166 -18.08 -8.04 19.88
CA ASP H 166 -18.42 -9.41 20.28
C ASP H 166 -18.65 -10.28 19.04
N SER H 167 -18.17 -11.53 19.12
CA SER H 167 -18.23 -12.45 17.99
C SER H 167 -19.63 -12.99 17.72
N LYS H 168 -20.59 -12.73 18.61
CA LYS H 168 -21.96 -13.17 18.41
C LYS H 168 -22.93 -12.00 18.27
N ASP H 169 -22.80 -11.00 19.13
CA ASP H 169 -23.66 -9.81 19.06
C ASP H 169 -23.25 -8.88 17.92
N SER H 170 -21.96 -8.82 17.61
CA SER H 170 -21.35 -7.75 16.80
C SER H 170 -21.52 -6.38 17.44
N THR H 171 -21.84 -6.34 18.73
CA THR H 171 -22.00 -5.10 19.46
C THR H 171 -20.76 -4.82 20.29
N TYR H 172 -20.75 -3.65 20.94
CA TYR H 172 -19.68 -3.26 21.83
C TYR H 172 -20.23 -3.08 23.23
N SER H 173 -19.33 -3.12 24.21
CA SER H 173 -19.66 -2.85 25.60
C SER H 173 -18.58 -1.95 26.18
N MET H 174 -18.99 -1.10 27.11
CA MET H 174 -18.08 -0.12 27.70
C MET H 174 -18.23 -0.11 29.22
N SER H 175 -17.11 0.08 29.91
CA SER H 175 -17.11 0.24 31.36
C SER H 175 -16.58 1.61 31.72
N SER H 176 -17.26 2.26 32.67
CA SER H 176 -16.93 3.60 33.12
C SER H 176 -16.82 3.58 34.63
N THR H 177 -15.75 4.16 35.16
CA THR H 177 -15.48 4.08 36.59
C THR H 177 -15.01 5.44 37.10
N LEU H 178 -15.79 6.02 38.00
CA LEU H 178 -15.45 7.26 38.69
C LEU H 178 -14.97 6.91 40.10
N THR H 179 -13.74 7.26 40.43
CA THR H 179 -13.18 6.95 41.74
C THR H 179 -12.81 8.24 42.48
N LEU H 180 -13.11 8.25 43.78
CA LEU H 180 -12.92 9.40 44.66
C LEU H 180 -12.29 8.90 45.95
N THR H 181 -12.08 9.82 46.89
CA THR H 181 -11.78 9.42 48.25
C THR H 181 -13.05 8.96 48.96
N LYS H 182 -12.86 8.34 50.13
CA LYS H 182 -14.03 7.99 50.93
C LYS H 182 -14.70 9.25 51.46
N ASP H 183 -13.91 10.26 51.84
CA ASP H 183 -14.48 11.48 52.41
C ASP H 183 -15.19 12.32 51.34
N GLU H 184 -14.57 12.48 50.16
CA GLU H 184 -15.24 13.25 49.11
C GLU H 184 -16.51 12.56 48.64
N TYR H 185 -16.50 11.22 48.61
CA TYR H 185 -17.72 10.49 48.30
C TYR H 185 -18.76 10.69 49.41
N GLU H 186 -18.33 10.71 50.67
CA GLU H 186 -19.25 10.91 51.78
C GLU H 186 -19.99 12.24 51.69
N ARG H 187 -19.34 13.28 51.15
CA ARG H 187 -19.87 14.63 51.19
C ARG H 187 -20.93 14.92 50.13
N HIS H 188 -21.32 13.93 49.33
CA HIS H 188 -22.36 14.13 48.32
C HIS H 188 -23.35 12.98 48.38
N ASN H 189 -24.45 13.10 47.64
CA ASN H 189 -25.52 12.12 47.76
C ASN H 189 -25.93 11.49 46.43
N SER H 190 -26.32 12.31 45.45
CA SER H 190 -26.81 11.81 44.19
C SER H 190 -25.66 11.59 43.20
N TYR H 191 -25.59 10.38 42.65
CA TYR H 191 -24.56 10.02 41.69
C TYR H 191 -25.22 9.52 40.41
N THR H 192 -24.87 10.13 39.29
CA THR H 192 -25.62 9.90 38.06
C THR H 192 -24.67 9.67 36.88
N CYS H 193 -25.04 8.70 36.05
CA CYS H 193 -24.25 8.24 34.92
C CYS H 193 -25.06 8.47 33.65
N GLU H 194 -24.52 9.28 32.74
CA GLU H 194 -25.21 9.72 31.54
C GLU H 194 -24.51 9.18 30.31
N ALA H 195 -25.31 8.69 29.36
CA ALA H 195 -24.79 8.13 28.12
C ALA H 195 -25.51 8.76 26.94
N THR H 196 -24.75 9.21 25.95
CA THR H 196 -25.31 9.74 24.72
C THR H 196 -24.79 8.89 23.56
N HIS H 197 -25.71 8.47 22.70
CA HIS H 197 -25.43 7.47 21.69
C HIS H 197 -26.45 7.66 20.58
N LYS H 198 -26.09 7.21 19.37
CA LYS H 198 -26.94 7.48 18.20
C LYS H 198 -28.36 6.97 18.39
N THR H 199 -28.52 5.88 19.13
CA THR H 199 -29.80 5.22 19.32
C THR H 199 -30.85 6.09 20.03
N SER H 200 -30.51 7.34 20.36
CA SER H 200 -31.45 8.23 21.03
C SER H 200 -30.91 9.66 21.03
N THR H 201 -31.83 10.62 21.02
CA THR H 201 -31.51 12.03 21.19
C THR H 201 -31.36 12.43 22.65
N SER H 202 -31.99 11.69 23.56
CA SER H 202 -32.00 11.88 25.00
C SER H 202 -31.00 10.95 25.67
N PRO H 203 -30.28 11.45 26.67
CA PRO H 203 -29.31 10.60 27.38
C PRO H 203 -30.00 9.44 28.07
N ILE H 204 -29.39 8.26 27.98
CA ILE H 204 -29.72 7.18 28.89
C ILE H 204 -29.04 7.50 30.21
N VAL H 205 -29.80 7.55 31.29
CA VAL H 205 -29.23 7.92 32.57
C VAL H 205 -29.65 6.89 33.62
N LYS H 206 -28.68 6.45 34.42
CA LYS H 206 -28.87 5.58 35.55
C LYS H 206 -28.19 6.27 36.73
N SER H 207 -28.85 6.24 37.88
CA SER H 207 -28.37 7.03 39.01
C SER H 207 -28.78 6.34 40.30
N PHE H 208 -28.04 6.64 41.35
CA PHE H 208 -28.34 6.14 42.67
C PHE H 208 -28.08 7.24 43.68
N ASN H 209 -28.83 7.22 44.78
CA ASN H 209 -28.59 8.10 45.90
C ASN H 209 -28.18 7.29 47.12
N ARG H 210 -27.46 7.93 48.03
CA ARG H 210 -27.19 7.36 49.35
C ARG H 210 -28.35 7.61 50.29
N ASN H 211 -29.58 7.44 49.79
CA ASN H 211 -30.80 7.85 50.46
C ASN H 211 -30.72 9.34 50.76
N GLU H 212 -30.64 9.68 52.06
CA GLU H 212 -30.49 11.04 52.58
C GLU H 212 -30.66 12.20 51.59
#